data_7Q1L
#
_entry.id   7Q1L
#
_cell.length_a   87.631
_cell.length_b   102.148
_cell.length_c   199.969
_cell.angle_alpha   90.000
_cell.angle_beta   90.000
_cell.angle_gamma   90.000
#
_symmetry.space_group_name_H-M   'P 21 21 21'
#
loop_
_entity.id
_entity.type
_entity.pdbx_description
1 polymer Serotransferrin
2 branched 2-acetamido-2-deoxy-beta-D-glucopyranose-(1-4)-2-acetamido-2-deoxy-beta-D-glucopyranose
3 non-polymer GLYCEROL
4 non-polymer 1,2-ETHANEDIOL
5 non-polymer 'MAGNESIUM ION'
6 non-polymer 'SULFATE ION'
7 water water
#
_entity_poly.entity_id   1
_entity_poly.type   'polypeptide(L)'
_entity_poly.pdbx_seq_one_letter_code
;KTVRWCAVSEHEATKCQSFRDHMKSVIPSDGPSVACVKKASYLDCIRAIAANEADAVTLDAGLVYDAYLAPNNLKPVVAE
FYGSKEDPQTFYYAVAVVKKDSGFQMNQLRGKKSCHTGLGRSAGWNIPIGLLYCDLPEPRKPLEKAVANFFSGSCAPCAD
GTDFPQLCQLCPGCGCSTLNQYFGYSGAFKCLKDGAGDVAFVKHSTIFENLANKADRDQYELLCLDNTRKPVDEYKDCHL
AQVPSHTVVARSMGGKEDLIWELLNQAQEHFGKDKSKEFQLFSSPHGKDLLFKDSAHGFLKVPPRMDAKMYLGYEYVTAI
RNLREGTCPEAPTDECKPVKWCALSHHERLKCDEWSVNSVGKIECVSAETTEDCIAKIMNGEADAMSLDGGFVYIAGKCG
LVPVLAENYNKSDNCEDTPEAGYFAIAVVKKSASDLTWDNLKGKKSCHTAVGRTAGWNIPMGLLYNKINHCRFDEFFSEG
CAPGSKKDSSLCKLCMGSGLNLCEPNNKEGYYGYTGAFRCLVEKGDVAFVKHQTVPQNTGGKNPDPWAKNLNEKDYELLC
LDGTRKPVEEYANCHLARAPNHAVVTRKDKEACVHKILRQQQHLFGSNVTDCSGNFCLFRSETKDLLFRDDTVCLAKLHD
RNTYEKYLGEEYVKAVGNLRKCSTSSLLEACTFRRP
;
_entity_poly.pdbx_strand_id   A,B
#
loop_
_chem_comp.id
_chem_comp.type
_chem_comp.name
_chem_comp.formula
EDO non-polymer 1,2-ETHANEDIOL 'C2 H6 O2'
GOL non-polymer GLYCEROL 'C3 H8 O3'
MG non-polymer 'MAGNESIUM ION' 'Mg 2'
NAG D-saccharide, beta linking 2-acetamido-2-deoxy-beta-D-glucopyranose 'C8 H15 N O6'
SO4 non-polymer 'SULFATE ION' 'O4 S -2'
#
# COMPACT_ATOMS: atom_id res chain seq x y z
N LYS A 1 -2.19 -27.96 -14.85
CA LYS A 1 -1.10 -27.34 -15.61
C LYS A 1 -1.46 -25.93 -16.09
N THR A 2 -2.11 -25.15 -15.22
CA THR A 2 -2.55 -23.79 -15.55
C THR A 2 -1.79 -22.77 -14.72
N VAL A 3 -1.37 -21.68 -15.38
CA VAL A 3 -0.73 -20.55 -14.70
C VAL A 3 -1.76 -19.44 -14.55
N ARG A 4 -2.05 -19.07 -13.30
CA ARG A 4 -3.01 -18.01 -13.00
C ARG A 4 -2.29 -16.67 -13.01
N TRP A 5 -2.36 -15.98 -14.15
CA TRP A 5 -1.73 -14.67 -14.25
C TRP A 5 -2.57 -13.62 -13.54
N CYS A 6 -1.89 -12.61 -13.02
CA CYS A 6 -2.54 -11.55 -12.26
C CYS A 6 -2.47 -10.24 -13.04
N ALA A 7 -3.63 -9.65 -13.29
CA ALA A 7 -3.73 -8.33 -13.91
C ALA A 7 -3.99 -7.29 -12.84
N VAL A 8 -3.59 -6.05 -13.15
CA VAL A 8 -3.73 -4.92 -12.24
C VAL A 8 -4.61 -3.83 -12.85
N SER A 9 -5.34 -4.17 -13.89
CA SER A 9 -6.15 -3.20 -14.61
C SER A 9 -7.07 -3.95 -15.55
N GLU A 10 -8.08 -3.24 -16.05
CA GLU A 10 -9.04 -3.87 -16.95
C GLU A 10 -8.41 -4.15 -18.30
N HIS A 11 -7.59 -3.23 -18.80
CA HIS A 11 -6.90 -3.44 -20.06
C HIS A 11 -5.93 -4.62 -19.98
N GLU A 12 -5.19 -4.72 -18.87
CA GLU A 12 -4.30 -5.87 -18.69
C GLU A 12 -5.09 -7.18 -18.67
N ALA A 13 -6.22 -7.20 -17.97
CA ALA A 13 -7.02 -8.41 -17.93
C ALA A 13 -7.50 -8.79 -19.33
N THR A 14 -7.87 -7.79 -20.14
CA THR A 14 -8.28 -8.09 -21.50
C THR A 14 -7.15 -8.72 -22.30
N LYS A 15 -5.95 -8.12 -22.22
CA LYS A 15 -4.80 -8.70 -22.90
C LYS A 15 -4.53 -10.11 -22.42
N CYS A 16 -4.61 -10.34 -21.11
CA CYS A 16 -4.44 -11.68 -20.57
C CYS A 16 -5.45 -12.65 -21.13
N GLN A 17 -6.69 -12.21 -21.34
CA GLN A 17 -7.71 -13.12 -21.82
C GLN A 17 -7.48 -13.49 -23.28
N SER A 18 -7.08 -12.52 -24.09
CA SER A 18 -6.75 -12.85 -25.48
C SER A 18 -5.49 -13.72 -25.54
N PHE A 19 -4.56 -13.50 -24.60
CA PHE A 19 -3.39 -14.37 -24.47
C PHE A 19 -3.80 -15.78 -24.08
N ARG A 20 -4.81 -15.91 -23.22
CA ARG A 20 -5.37 -17.21 -22.87
C ARG A 20 -5.93 -17.90 -24.10
N ASP A 21 -6.72 -17.18 -24.89
CA ASP A 21 -7.35 -17.77 -26.08
C ASP A 21 -6.30 -18.22 -27.10
N HIS A 22 -5.37 -17.32 -27.42
CA HIS A 22 -4.35 -17.65 -28.42
C HIS A 22 -3.47 -18.80 -27.94
N MET A 23 -3.10 -18.83 -26.66
CA MET A 23 -2.40 -20.00 -26.13
C MET A 23 -3.28 -21.24 -26.19
N LYS A 24 -4.61 -21.07 -26.11
CA LYS A 24 -5.52 -22.20 -26.29
C LYS A 24 -5.29 -22.87 -27.63
N SER A 25 -5.20 -22.07 -28.69
CA SER A 25 -5.19 -22.64 -30.04
C SER A 25 -3.97 -23.53 -30.27
N VAL A 26 -2.77 -22.97 -30.06
CA VAL A 26 -1.54 -23.60 -30.56
C VAL A 26 -1.02 -24.74 -29.70
N ILE A 27 -1.62 -24.97 -28.55
CA ILE A 27 -1.02 -25.79 -27.49
C ILE A 27 -1.89 -27.03 -27.30
N PRO A 28 -1.32 -28.23 -27.24
CA PRO A 28 -2.15 -29.43 -27.04
C PRO A 28 -2.82 -29.41 -25.67
N SER A 29 -3.80 -30.31 -25.51
CA SER A 29 -4.49 -30.42 -24.24
C SER A 29 -3.52 -30.61 -23.09
N ASP A 30 -2.40 -31.28 -23.33
CA ASP A 30 -1.36 -31.43 -22.32
C ASP A 30 -0.50 -30.16 -22.30
N GLY A 31 -0.29 -29.61 -21.11
CA GLY A 31 0.64 -28.53 -20.95
C GLY A 31 -0.01 -27.17 -20.75
N PRO A 32 0.80 -26.12 -20.91
CA PRO A 32 0.42 -24.80 -20.37
C PRO A 32 -0.98 -24.34 -20.71
N SER A 33 -1.61 -23.67 -19.75
CA SER A 33 -2.83 -22.91 -19.95
C SER A 33 -2.72 -21.62 -19.16
N VAL A 34 -3.55 -20.64 -19.50
CA VAL A 34 -3.53 -19.33 -18.87
C VAL A 34 -4.87 -19.09 -18.19
N ALA A 35 -4.83 -18.70 -16.93
CA ALA A 35 -5.97 -18.14 -16.21
C ALA A 35 -5.69 -16.65 -15.97
N CYS A 36 -6.76 -15.85 -16.01
CA CYS A 36 -6.64 -14.40 -15.85
C CYS A 36 -7.39 -13.99 -14.58
N VAL A 37 -6.64 -13.84 -13.51
CA VAL A 37 -7.12 -13.25 -12.26
C VAL A 37 -6.86 -11.76 -12.36
N LYS A 38 -7.80 -10.96 -11.86
CA LYS A 38 -7.68 -9.51 -11.95
C LYS A 38 -7.89 -8.91 -10.56
N LYS A 39 -6.85 -8.22 -10.07
CA LYS A 39 -6.86 -7.51 -8.80
C LYS A 39 -6.71 -6.01 -9.07
N ALA A 40 -6.72 -5.24 -7.98
CA ALA A 40 -6.77 -3.79 -8.10
C ALA A 40 -5.41 -3.15 -8.29
N SER A 41 -4.32 -3.82 -7.89
CA SER A 41 -3.02 -3.18 -7.86
C SER A 41 -1.95 -4.25 -7.84
N TYR A 42 -0.70 -3.82 -8.04
CA TYR A 42 0.43 -4.74 -7.93
C TYR A 42 0.52 -5.30 -6.51
N LEU A 43 0.40 -4.45 -5.49
CA LEU A 43 0.40 -4.95 -4.12
C LEU A 43 -0.68 -6.01 -3.93
N ASP A 44 -1.89 -5.75 -4.42
CA ASP A 44 -2.98 -6.71 -4.28
C ASP A 44 -2.67 -8.00 -5.01
N CYS A 45 -2.08 -7.90 -6.21
CA CYS A 45 -1.65 -9.09 -6.92
C CYS A 45 -0.63 -9.89 -6.10
N ILE A 46 0.30 -9.21 -5.44
CA ILE A 46 1.30 -9.92 -4.65
C ILE A 46 0.63 -10.68 -3.52
N ARG A 47 -0.24 -9.99 -2.77
CA ARG A 47 -0.93 -10.65 -1.67
C ARG A 47 -1.82 -11.79 -2.17
N ALA A 48 -2.30 -11.70 -3.42
CA ALA A 48 -3.08 -12.79 -3.99
C ALA A 48 -2.20 -13.99 -4.34
N ILE A 49 -1.04 -13.73 -4.96
CA ILE A 49 -0.11 -14.81 -5.29
C ILE A 49 0.32 -15.53 -4.01
N ALA A 50 0.74 -14.76 -3.01
CA ALA A 50 1.16 -15.34 -1.74
C ALA A 50 0.04 -16.18 -1.14
N ALA A 51 -1.20 -15.73 -1.29
CA ALA A 51 -2.37 -16.42 -0.78
C ALA A 51 -2.91 -17.47 -1.74
N ASN A 52 -2.14 -17.84 -2.76
CA ASN A 52 -2.49 -18.95 -3.65
C ASN A 52 -3.82 -18.72 -4.35
N GLU A 53 -4.05 -17.49 -4.79
CA GLU A 53 -5.16 -17.12 -5.65
C GLU A 53 -4.69 -16.68 -7.02
N ALA A 54 -3.37 -16.64 -7.21
CA ALA A 54 -2.73 -16.31 -8.49
C ALA A 54 -1.33 -16.91 -8.39
N ASP A 55 -0.65 -16.96 -9.53
CA ASP A 55 0.64 -17.63 -9.57
C ASP A 55 1.79 -16.77 -10.03
N ALA A 56 1.56 -15.77 -10.88
CA ALA A 56 2.67 -15.05 -11.48
C ALA A 56 2.26 -13.62 -11.79
N VAL A 57 3.16 -12.70 -11.48
CA VAL A 57 2.97 -11.32 -11.95
C VAL A 57 4.35 -10.72 -12.16
N THR A 58 4.44 -9.77 -13.08
CA THR A 58 5.72 -9.21 -13.48
C THR A 58 5.85 -7.78 -13.01
N LEU A 59 7.00 -7.44 -12.45
CA LEU A 59 7.13 -6.34 -11.51
C LEU A 59 8.41 -5.56 -11.74
N ASP A 60 8.35 -4.30 -11.34
CA ASP A 60 9.51 -3.42 -11.27
C ASP A 60 10.31 -3.75 -10.01
N ALA A 61 11.60 -3.43 -10.04
CA ALA A 61 12.51 -3.87 -8.97
C ALA A 61 11.94 -3.54 -7.58
N GLY A 62 11.35 -2.36 -7.42
CA GLY A 62 10.79 -2.02 -6.12
C GLY A 62 9.71 -2.99 -5.66
N LEU A 63 8.81 -3.37 -6.58
CA LEU A 63 7.81 -4.36 -6.21
C LEU A 63 8.40 -5.76 -6.09
N VAL A 64 9.49 -6.06 -6.81
CA VAL A 64 10.19 -7.31 -6.54
C VAL A 64 10.54 -7.38 -5.07
N TYR A 65 11.14 -6.31 -4.55
CA TYR A 65 11.49 -6.29 -3.13
C TYR A 65 10.25 -6.38 -2.26
N ASP A 66 9.21 -5.58 -2.57
CA ASP A 66 7.99 -5.65 -1.79
C ASP A 66 7.47 -7.07 -1.70
N ALA A 67 7.51 -7.81 -2.81
CA ALA A 67 7.01 -9.18 -2.84
C ALA A 67 7.91 -10.09 -2.02
N TYR A 68 9.21 -9.83 -2.01
CA TYR A 68 10.13 -10.67 -1.24
C TYR A 68 9.82 -10.66 0.25
N LEU A 69 9.33 -9.53 0.77
CA LEU A 69 9.21 -9.39 2.22
C LEU A 69 8.15 -10.31 2.79
N ALA A 70 8.31 -10.65 4.06
CA ALA A 70 7.23 -11.26 4.82
C ALA A 70 5.98 -10.40 4.70
N PRO A 71 4.78 -11.01 4.67
CA PRO A 71 4.53 -12.44 4.74
C PRO A 71 4.37 -13.09 3.36
N ASN A 72 4.52 -12.31 2.31
CA ASN A 72 4.38 -12.81 0.95
C ASN A 72 5.49 -13.81 0.61
N ASN A 73 6.72 -13.31 0.55
CA ASN A 73 7.89 -14.15 0.27
C ASN A 73 7.81 -14.78 -1.12
N LEU A 74 7.80 -13.91 -2.14
CA LEU A 74 7.83 -14.32 -3.52
C LEU A 74 9.24 -14.16 -4.10
N LYS A 75 9.51 -14.88 -5.17
CA LYS A 75 10.85 -14.90 -5.75
C LYS A 75 10.81 -14.69 -7.26
N PRO A 76 11.88 -14.11 -7.81
CA PRO A 76 11.97 -13.98 -9.28
C PRO A 76 12.22 -15.32 -9.96
N VAL A 77 11.53 -15.54 -11.09
CA VAL A 77 11.51 -16.84 -11.75
C VAL A 77 11.74 -16.71 -13.25
N VAL A 78 11.36 -15.57 -13.84
CA VAL A 78 11.54 -15.32 -15.26
C VAL A 78 11.83 -13.84 -15.44
N ALA A 79 12.63 -13.50 -16.45
CA ALA A 79 13.09 -12.14 -16.65
C ALA A 79 12.93 -11.71 -18.11
N GLU A 80 12.25 -10.59 -18.31
CA GLU A 80 12.21 -9.96 -19.62
C GLU A 80 13.61 -9.51 -20.02
N PHE A 81 13.91 -9.60 -21.33
CA PHE A 81 15.19 -9.10 -21.83
C PHE A 81 14.98 -8.31 -23.12
N TYR A 82 15.85 -7.29 -23.26
CA TYR A 82 15.60 -6.04 -23.98
C TYR A 82 16.60 -5.85 -25.13
N GLY A 83 17.12 -6.94 -25.66
CA GLY A 83 18.03 -6.89 -26.78
C GLY A 83 18.06 -8.20 -27.54
N SER A 84 19.15 -8.93 -27.40
CA SER A 84 19.33 -10.22 -28.05
C SER A 84 19.67 -11.28 -27.01
N LYS A 85 19.72 -12.53 -27.46
N LYS A 85 19.75 -12.53 -27.46
CA LYS A 85 20.22 -13.60 -26.60
CA LYS A 85 20.25 -13.60 -26.61
C LYS A 85 21.70 -13.40 -26.29
C LYS A 85 21.73 -13.41 -26.30
N GLU A 86 22.44 -12.79 -27.22
N GLU A 86 22.48 -12.80 -27.22
CA GLU A 86 23.87 -12.56 -27.05
CA GLU A 86 23.90 -12.56 -27.01
C GLU A 86 24.15 -11.37 -26.14
C GLU A 86 24.15 -11.38 -26.09
N ASP A 87 23.22 -10.43 -26.04
CA ASP A 87 23.33 -9.26 -25.16
C ASP A 87 21.95 -8.98 -24.60
N PRO A 88 21.52 -9.76 -23.60
CA PRO A 88 20.13 -9.62 -23.11
C PRO A 88 19.75 -8.21 -22.69
N GLN A 89 20.53 -7.58 -21.83
CA GLN A 89 20.14 -6.35 -21.15
C GLN A 89 18.86 -6.58 -20.33
N THR A 90 18.90 -7.59 -19.47
CA THR A 90 17.79 -7.78 -18.53
C THR A 90 17.90 -6.82 -17.36
N PHE A 91 19.10 -6.35 -17.05
CA PHE A 91 19.35 -5.39 -15.99
C PHE A 91 19.73 -4.05 -16.60
N TYR A 92 19.63 -3.01 -15.78
CA TYR A 92 20.25 -1.72 -16.09
C TYR A 92 21.07 -1.32 -14.87
N TYR A 93 21.83 -0.23 -15.02
CA TYR A 93 22.78 0.17 -13.98
C TYR A 93 22.58 1.64 -13.64
N ALA A 94 22.38 1.91 -12.36
CA ALA A 94 22.30 3.27 -11.84
C ALA A 94 23.72 3.72 -11.51
N VAL A 95 24.14 4.81 -12.16
CA VAL A 95 25.51 5.31 -12.13
C VAL A 95 25.50 6.80 -11.78
N ALA A 96 26.66 7.28 -11.37
CA ALA A 96 26.89 8.67 -10.98
C ALA A 96 27.96 9.22 -11.93
N VAL A 97 27.51 9.90 -12.98
CA VAL A 97 28.40 10.45 -14.00
C VAL A 97 29.02 11.75 -13.47
N VAL A 98 30.31 11.94 -13.74
CA VAL A 98 31.05 13.11 -13.28
C VAL A 98 31.99 13.60 -14.38
N LYS A 99 32.46 14.83 -14.21
CA LYS A 99 33.51 15.36 -15.07
C LYS A 99 34.85 14.68 -14.79
N LYS A 100 35.64 14.48 -15.82
CA LYS A 100 36.98 13.94 -15.66
C LYS A 100 37.83 14.84 -14.77
N ASP A 101 38.55 14.21 -13.84
CA ASP A 101 39.49 14.89 -12.95
C ASP A 101 38.83 16.01 -12.15
N SER A 102 37.51 15.95 -11.96
CA SER A 102 36.85 16.90 -11.06
C SER A 102 37.26 16.72 -9.61
N GLY A 103 37.96 15.63 -9.28
CA GLY A 103 38.59 15.48 -7.99
C GLY A 103 37.68 15.32 -6.78
N PHE A 104 36.84 14.29 -6.79
CA PHE A 104 36.10 13.88 -5.60
C PHE A 104 35.53 12.49 -5.83
N GLN A 105 35.15 11.84 -4.73
CA GLN A 105 34.66 10.47 -4.74
C GLN A 105 33.26 10.42 -4.13
N MET A 106 32.69 9.21 -4.10
CA MET A 106 31.33 9.03 -3.59
C MET A 106 31.20 9.48 -2.14
N ASN A 107 32.25 9.27 -1.33
CA ASN A 107 32.24 9.64 0.08
C ASN A 107 32.59 11.10 0.30
N GLN A 108 32.59 11.91 -0.75
CA GLN A 108 32.88 13.33 -0.66
C GLN A 108 31.80 14.15 -1.36
N LEU A 109 30.63 13.57 -1.59
CA LEU A 109 29.59 14.28 -2.31
C LEU A 109 28.99 15.41 -1.49
N ARG A 110 29.06 15.32 -0.16
CA ARG A 110 28.59 16.41 0.68
C ARG A 110 29.15 17.74 0.18
N GLY A 111 28.28 18.74 0.10
CA GLY A 111 28.65 20.05 -0.37
C GLY A 111 28.63 20.24 -1.87
N LYS A 112 28.66 19.16 -2.66
CA LYS A 112 28.75 19.29 -4.11
C LYS A 112 27.36 19.58 -4.69
N LYS A 113 27.31 19.73 -6.01
CA LYS A 113 26.09 20.06 -6.73
C LYS A 113 25.64 18.86 -7.55
N SER A 114 24.35 18.54 -7.46
CA SER A 114 23.77 17.30 -7.96
C SER A 114 22.77 17.56 -9.08
N CYS A 115 22.67 16.61 -10.01
CA CYS A 115 21.67 16.64 -11.08
C CYS A 115 20.92 15.32 -11.08
N HIS A 116 19.60 15.38 -10.89
CA HIS A 116 18.75 14.18 -10.82
C HIS A 116 17.80 14.14 -12.00
N THR A 117 17.42 12.91 -12.39
CA THR A 117 16.47 12.77 -13.48
C THR A 117 15.10 13.29 -13.06
N GLY A 118 14.71 12.99 -11.82
CA GLY A 118 13.44 13.42 -11.26
C GLY A 118 13.30 12.85 -9.86
N LEU A 119 12.61 13.57 -8.98
CA LEU A 119 12.35 13.04 -7.64
C LEU A 119 11.46 11.81 -7.74
N GLY A 120 11.82 10.79 -6.97
CA GLY A 120 11.14 9.52 -7.00
C GLY A 120 11.59 8.57 -8.09
N ARG A 121 12.35 9.06 -9.06
CA ARG A 121 12.94 8.16 -10.06
C ARG A 121 13.97 7.28 -9.38
N SER A 122 14.03 6.01 -9.79
CA SER A 122 14.92 5.06 -9.13
C SER A 122 16.37 5.49 -9.24
N ALA A 123 16.91 5.44 -10.47
CA ALA A 123 18.31 5.78 -10.69
C ALA A 123 18.58 7.24 -10.38
N GLY A 124 17.62 8.11 -10.67
CA GLY A 124 17.86 9.53 -10.47
C GLY A 124 17.75 10.01 -9.04
N TRP A 125 17.14 9.22 -8.15
CA TRP A 125 16.85 9.72 -6.81
C TRP A 125 16.86 8.62 -5.75
N ASN A 126 15.95 7.66 -5.90
CA ASN A 126 15.81 6.61 -4.88
C ASN A 126 17.13 5.89 -4.64
N ILE A 127 17.78 5.42 -5.70
CA ILE A 127 19.01 4.64 -5.52
C ILE A 127 20.12 5.50 -4.92
N PRO A 128 20.50 6.62 -5.54
CA PRO A 128 21.59 7.43 -4.95
C PRO A 128 21.28 7.93 -3.55
N ILE A 129 20.12 8.56 -3.33
CA ILE A 129 19.79 9.05 -1.99
C ILE A 129 19.70 7.90 -1.01
N GLY A 130 19.19 6.74 -1.44
CA GLY A 130 19.18 5.60 -0.55
C GLY A 130 20.57 5.23 -0.07
N LEU A 131 21.51 5.16 -1.00
CA LEU A 131 22.88 4.83 -0.63
C LEU A 131 23.51 5.93 0.24
N LEU A 132 23.19 7.20 -0.07
CA LEU A 132 23.75 8.34 0.64
C LEU A 132 23.05 8.63 1.96
N TYR A 133 21.96 7.93 2.25
CA TYR A 133 21.06 8.28 3.34
C TYR A 133 21.81 8.66 4.61
N CYS A 134 22.68 7.76 5.08
CA CYS A 134 23.27 7.96 6.39
C CYS A 134 24.24 9.14 6.41
N ASP A 135 24.72 9.58 5.25
CA ASP A 135 25.54 10.79 5.19
C ASP A 135 24.70 12.06 5.20
N LEU A 136 23.38 11.95 5.13
CA LEU A 136 22.51 13.11 5.19
C LEU A 136 22.43 13.62 6.63
N PRO A 137 22.21 14.93 6.82
CA PRO A 137 22.24 15.50 8.17
C PRO A 137 20.98 15.21 8.98
N GLU A 138 21.16 15.22 10.30
CA GLU A 138 20.38 14.37 11.21
C GLU A 138 18.86 14.45 11.01
N PRO A 139 18.22 15.61 10.93
CA PRO A 139 16.77 15.61 10.71
C PRO A 139 16.41 15.08 9.32
N ARG A 140 16.55 13.77 9.15
CA ARG A 140 16.45 13.13 7.84
C ARG A 140 15.01 13.01 7.35
N LYS A 141 14.02 13.33 8.20
CA LYS A 141 12.63 13.51 7.78
C LYS A 141 12.27 14.98 7.90
N PRO A 142 11.74 15.63 6.84
CA PRO A 142 11.48 15.07 5.51
C PRO A 142 12.74 14.94 4.66
N LEU A 143 12.73 13.98 3.73
CA LEU A 143 13.94 13.65 2.99
C LEU A 143 14.38 14.81 2.09
N GLU A 144 13.44 15.46 1.42
CA GLU A 144 13.79 16.55 0.50
C GLU A 144 14.65 17.59 1.20
N LYS A 145 14.31 17.94 2.44
CA LYS A 145 15.05 18.98 3.15
C LYS A 145 16.45 18.51 3.54
N ALA A 146 16.58 17.24 3.94
CA ALA A 146 17.88 16.71 4.30
C ALA A 146 18.80 16.64 3.07
N VAL A 147 18.25 16.22 1.93
CA VAL A 147 19.01 16.27 0.69
C VAL A 147 19.42 17.71 0.38
N ALA A 148 18.49 18.65 0.58
CA ALA A 148 18.78 20.05 0.33
C ALA A 148 19.96 20.52 1.17
N ASN A 149 19.99 20.12 2.45
CA ASN A 149 21.11 20.48 3.31
C ASN A 149 22.38 19.71 2.99
N PHE A 150 22.26 18.59 2.28
CA PHE A 150 23.43 17.80 1.93
C PHE A 150 24.21 18.46 0.79
N PHE A 151 23.58 18.60 -0.36
CA PHE A 151 24.22 19.25 -1.49
C PHE A 151 24.16 20.76 -1.31
N SER A 152 25.13 21.47 -1.89
CA SER A 152 25.08 22.92 -1.86
C SER A 152 23.95 23.44 -2.73
N GLY A 153 23.74 22.79 -3.87
CA GLY A 153 22.71 23.20 -4.81
C GLY A 153 22.44 22.06 -5.77
N SER A 154 21.20 21.97 -6.22
CA SER A 154 20.77 20.81 -6.99
C SER A 154 19.77 21.23 -8.04
N CYS A 155 19.59 20.36 -9.03
CA CYS A 155 18.38 20.31 -9.86
C CYS A 155 17.71 18.98 -9.57
N ALA A 156 16.52 19.02 -8.99
CA ALA A 156 15.77 17.82 -8.61
C ALA A 156 14.37 17.95 -9.18
N PRO A 157 14.20 17.66 -10.46
CA PRO A 157 12.89 17.87 -11.09
C PRO A 157 11.75 17.21 -10.31
N CYS A 158 10.66 17.96 -10.14
CA CYS A 158 9.42 17.57 -9.50
C CYS A 158 9.50 17.72 -7.98
N ALA A 159 10.59 18.26 -7.44
CA ALA A 159 10.70 18.51 -6.02
C ALA A 159 9.98 19.81 -5.64
N ASP A 160 9.74 19.97 -4.34
CA ASP A 160 8.96 21.09 -3.83
C ASP A 160 9.87 22.30 -3.71
N GLY A 161 9.95 23.07 -4.79
CA GLY A 161 10.73 24.30 -4.77
C GLY A 161 10.31 25.24 -3.66
N THR A 162 9.00 25.51 -3.55
CA THR A 162 8.55 26.54 -2.62
C THR A 162 9.09 26.31 -1.21
N ASP A 163 9.13 25.05 -0.78
CA ASP A 163 9.55 24.74 0.59
C ASP A 163 11.05 24.44 0.71
N PHE A 164 11.67 23.84 -0.30
CA PHE A 164 13.08 23.44 -0.24
C PHE A 164 13.80 23.96 -1.48
N PRO A 165 14.19 25.24 -1.49
CA PRO A 165 14.61 25.85 -2.76
C PRO A 165 15.96 25.37 -3.29
N GLN A 166 16.87 24.91 -2.43
CA GLN A 166 18.19 24.52 -2.93
CA GLN A 166 18.18 24.50 -2.91
C GLN A 166 18.10 23.37 -3.94
N LEU A 167 16.98 22.65 -3.98
CA LEU A 167 16.83 21.55 -4.93
C LEU A 167 16.44 22.02 -6.32
N CYS A 168 16.11 23.30 -6.51
CA CYS A 168 15.87 23.85 -7.84
C CYS A 168 16.95 24.84 -8.24
N GLN A 169 18.00 24.98 -7.43
CA GLN A 169 19.02 26.00 -7.67
C GLN A 169 19.60 25.93 -9.07
N LEU A 170 19.70 24.72 -9.64
CA LEU A 170 20.25 24.55 -10.98
C LEU A 170 19.17 24.55 -12.06
N CYS A 171 17.92 24.24 -11.70
CA CYS A 171 16.79 24.34 -12.61
C CYS A 171 15.65 24.99 -11.85
N PRO A 172 15.65 26.33 -11.77
CA PRO A 172 14.68 27.02 -10.90
C PRO A 172 13.25 26.66 -11.23
N GLY A 173 12.47 26.36 -10.19
CA GLY A 173 11.11 25.91 -10.33
C GLY A 173 10.94 24.41 -10.33
N CYS A 174 12.02 23.67 -10.57
CA CYS A 174 12.00 22.22 -10.54
C CYS A 174 10.90 21.69 -11.47
N GLY A 175 10.95 22.13 -12.72
CA GLY A 175 9.96 21.73 -13.69
C GLY A 175 9.93 20.23 -13.89
N CYS A 176 8.74 19.66 -13.84
CA CYS A 176 8.52 18.22 -13.94
C CYS A 176 8.09 17.82 -15.35
N SER A 177 8.74 18.42 -16.35
CA SER A 177 8.39 18.27 -17.75
C SER A 177 9.63 18.59 -18.57
N THR A 178 9.59 18.24 -19.86
CA THR A 178 10.72 18.55 -20.73
C THR A 178 10.90 20.05 -20.92
N LEU A 179 9.92 20.86 -20.53
CA LEU A 179 10.14 22.31 -20.51
C LEU A 179 11.43 22.64 -19.78
N ASN A 180 11.69 21.92 -18.70
CA ASN A 180 12.89 22.10 -17.89
C ASN A 180 14.04 21.38 -18.58
N GLN A 181 14.99 22.15 -19.10
CA GLN A 181 16.10 21.59 -19.87
C GLN A 181 16.92 20.57 -19.09
N TYR A 182 16.84 20.59 -17.76
CA TYR A 182 17.59 19.67 -16.91
C TYR A 182 16.71 18.59 -16.30
N PHE A 183 15.55 18.31 -16.91
CA PHE A 183 14.65 17.27 -16.44
C PHE A 183 14.82 16.01 -17.28
N GLY A 184 14.65 14.86 -16.63
CA GLY A 184 14.81 13.59 -17.30
C GLY A 184 16.25 13.13 -17.36
N TYR A 185 16.49 12.13 -18.21
CA TYR A 185 17.85 11.62 -18.37
C TYR A 185 18.71 12.58 -19.19
N SER A 186 18.25 12.93 -20.39
CA SER A 186 18.98 13.91 -21.20
C SER A 186 19.17 15.22 -20.44
N GLY A 187 18.17 15.60 -19.63
CA GLY A 187 18.26 16.85 -18.88
C GLY A 187 19.24 16.76 -17.71
N ALA A 188 19.14 15.69 -16.92
CA ALA A 188 20.11 15.51 -15.84
C ALA A 188 21.52 15.43 -16.38
N PHE A 189 21.68 14.95 -17.62
CA PHE A 189 23.03 14.91 -18.17
C PHE A 189 23.47 16.28 -18.67
N LYS A 190 22.57 17.02 -19.33
CA LYS A 190 22.92 18.37 -19.76
C LYS A 190 23.25 19.26 -18.57
N CYS A 191 22.60 19.00 -17.43
CA CYS A 191 22.91 19.72 -16.20
C CYS A 191 24.39 19.60 -15.85
N LEU A 192 24.98 18.44 -16.13
CA LEU A 192 26.40 18.22 -15.88
C LEU A 192 27.24 18.77 -17.03
N LYS A 193 26.83 18.48 -18.26
CA LYS A 193 27.55 18.97 -19.43
C LYS A 193 27.74 20.48 -19.37
N ASP A 194 26.73 21.20 -18.87
CA ASP A 194 26.79 22.65 -18.78
C ASP A 194 27.50 23.14 -17.53
N GLY A 195 28.10 22.24 -16.75
CA GLY A 195 28.79 22.66 -15.54
C GLY A 195 27.90 23.23 -14.47
N ALA A 196 26.59 23.09 -14.60
CA ALA A 196 25.68 23.48 -13.53
C ALA A 196 25.93 22.63 -12.29
N GLY A 197 26.06 21.33 -12.48
CA GLY A 197 26.22 20.41 -11.39
C GLY A 197 27.52 19.63 -11.42
N ASP A 198 27.92 19.12 -10.26
CA ASP A 198 29.15 18.36 -10.16
C ASP A 198 28.94 16.89 -10.51
N VAL A 199 27.73 16.37 -10.33
CA VAL A 199 27.45 14.96 -10.50
C VAL A 199 26.02 14.80 -11.03
N ALA A 200 25.85 13.84 -11.94
CA ALA A 200 24.55 13.52 -12.52
C ALA A 200 24.22 12.07 -12.20
N PHE A 201 23.08 11.83 -11.56
CA PHE A 201 22.67 10.47 -11.22
C PHE A 201 21.77 9.96 -12.33
N VAL A 202 22.27 9.03 -13.14
CA VAL A 202 21.57 8.63 -14.34
C VAL A 202 21.80 7.13 -14.56
N LYS A 203 21.49 6.65 -15.77
CA LYS A 203 21.68 5.26 -16.12
C LYS A 203 22.94 5.09 -16.95
N HIS A 204 23.45 3.85 -16.96
CA HIS A 204 24.62 3.54 -17.77
C HIS A 204 24.43 3.97 -19.22
N SER A 205 23.21 3.85 -19.74
CA SER A 205 22.96 4.06 -21.15
C SER A 205 22.99 5.53 -21.55
N THR A 206 22.92 6.43 -20.57
CA THR A 206 22.56 7.82 -20.86
C THR A 206 23.69 8.59 -21.53
N ILE A 207 24.92 8.45 -21.00
CA ILE A 207 26.07 9.10 -21.64
C ILE A 207 26.16 8.71 -23.10
N PHE A 208 25.84 7.45 -23.41
CA PHE A 208 25.96 6.98 -24.79
C PHE A 208 24.87 7.58 -25.66
N GLU A 209 23.70 7.81 -25.09
CA GLU A 209 22.59 8.37 -25.84
C GLU A 209 22.76 9.86 -26.10
N ASN A 210 23.49 10.57 -25.26
CA ASN A 210 23.64 12.00 -25.46
C ASN A 210 24.97 12.41 -26.11
N LEU A 211 25.97 11.52 -26.17
CA LEU A 211 27.28 11.84 -26.75
C LEU A 211 27.70 10.70 -27.68
N ALA A 212 27.72 10.99 -28.99
CA ALA A 212 28.02 9.94 -29.96
C ALA A 212 29.51 9.61 -29.99
N ASN A 213 30.38 10.62 -29.96
CA ASN A 213 31.80 10.39 -30.13
C ASN A 213 32.44 9.91 -28.82
N LYS A 214 33.23 8.84 -28.92
CA LYS A 214 34.10 8.44 -27.82
C LYS A 214 34.92 9.63 -27.31
N ALA A 215 35.38 10.47 -28.24
CA ALA A 215 36.16 11.66 -27.92
C ALA A 215 35.59 12.44 -26.76
N ASP A 216 34.31 12.80 -26.84
CA ASP A 216 33.70 13.66 -25.83
C ASP A 216 33.39 12.89 -24.55
N ARG A 217 33.02 11.62 -24.69
CA ARG A 217 32.78 10.78 -23.52
C ARG A 217 34.03 10.67 -22.66
N ASP A 218 35.22 10.72 -23.27
CA ASP A 218 36.45 10.49 -22.53
C ASP A 218 36.72 11.56 -21.46
N GLN A 219 36.04 12.71 -21.50
CA GLN A 219 36.13 13.69 -20.42
C GLN A 219 35.05 13.48 -19.36
N TYR A 220 34.47 12.30 -19.29
CA TYR A 220 33.57 11.93 -18.21
C TYR A 220 34.07 10.66 -17.53
N GLU A 221 33.84 10.59 -16.23
CA GLU A 221 34.16 9.43 -15.41
C GLU A 221 32.91 9.01 -14.64
N LEU A 222 33.05 7.90 -13.90
CA LEU A 222 32.01 7.37 -13.05
C LEU A 222 32.54 7.20 -11.64
N LEU A 223 31.73 7.62 -10.66
CA LEU A 223 31.97 7.31 -9.26
C LEU A 223 31.63 5.85 -8.97
N CYS A 224 32.56 5.12 -8.36
CA CYS A 224 32.32 3.77 -7.88
C CYS A 224 32.13 3.78 -6.36
N LEU A 225 31.43 2.75 -5.86
CA LEU A 225 31.10 2.71 -4.44
C LEU A 225 32.34 2.61 -3.56
N ASP A 226 33.41 2.02 -4.07
CA ASP A 226 34.64 1.90 -3.30
C ASP A 226 35.45 3.19 -3.27
N ASN A 227 34.87 4.28 -3.78
CA ASN A 227 35.53 5.60 -3.78
C ASN A 227 36.76 5.61 -4.67
N THR A 228 36.69 4.88 -5.78
CA THR A 228 37.51 5.09 -6.97
C THR A 228 36.60 5.54 -8.10
N ARG A 229 37.19 5.80 -9.27
CA ARG A 229 36.44 6.14 -10.47
C ARG A 229 36.78 5.16 -11.59
N LYS A 230 36.04 5.26 -12.68
CA LYS A 230 36.35 4.50 -13.89
C LYS A 230 35.84 5.28 -15.09
N PRO A 231 36.23 4.87 -16.30
CA PRO A 231 35.60 5.43 -17.50
C PRO A 231 34.15 4.98 -17.63
N VAL A 232 33.37 5.79 -18.36
CA VAL A 232 31.94 5.50 -18.51
C VAL A 232 31.74 4.18 -19.24
N ASP A 233 32.74 3.72 -19.99
CA ASP A 233 32.65 2.44 -20.67
C ASP A 233 32.49 1.28 -19.70
N GLU A 234 33.00 1.43 -18.47
CA GLU A 234 33.15 0.33 -17.52
C GLU A 234 32.11 0.37 -16.44
N TYR A 235 30.86 0.67 -16.81
CA TYR A 235 29.81 0.83 -15.81
C TYR A 235 29.53 -0.46 -15.06
N LYS A 236 29.72 -1.61 -15.72
CA LYS A 236 29.54 -2.89 -15.06
C LYS A 236 30.52 -3.12 -13.90
N ASP A 237 31.54 -2.28 -13.78
CA ASP A 237 32.49 -2.35 -12.66
C ASP A 237 32.55 -1.04 -11.89
N CYS A 238 31.54 -0.19 -12.05
CA CYS A 238 31.48 1.11 -11.40
C CYS A 238 30.06 1.66 -11.47
N HIS A 239 29.11 0.97 -10.85
CA HIS A 239 27.73 1.41 -10.80
C HIS A 239 27.29 1.55 -9.35
N LEU A 240 26.28 2.40 -9.14
CA LEU A 240 25.66 2.47 -7.83
C LEU A 240 24.77 1.25 -7.59
N ALA A 241 24.10 0.79 -8.64
CA ALA A 241 23.24 -0.38 -8.45
C ALA A 241 22.97 -1.06 -9.78
N GLN A 242 22.69 -2.36 -9.70
CA GLN A 242 22.23 -3.15 -10.84
C GLN A 242 20.77 -3.50 -10.57
N VAL A 243 19.90 -3.27 -11.55
CA VAL A 243 18.47 -3.26 -11.31
C VAL A 243 17.75 -4.06 -12.38
N PRO A 244 16.99 -5.11 -12.01
CA PRO A 244 16.32 -5.95 -13.01
C PRO A 244 15.12 -5.23 -13.60
N SER A 245 15.15 -5.05 -14.93
CA SER A 245 14.24 -4.12 -15.58
C SER A 245 12.78 -4.56 -15.50
N HIS A 246 12.50 -5.87 -15.46
CA HIS A 246 11.12 -6.33 -15.37
C HIS A 246 11.06 -7.84 -15.13
N THR A 247 10.53 -8.22 -13.96
CA THR A 247 10.78 -9.55 -13.40
C THR A 247 9.48 -10.22 -13.00
N VAL A 248 9.26 -11.44 -13.49
CA VAL A 248 8.10 -12.23 -13.07
C VAL A 248 8.40 -12.89 -11.74
N VAL A 249 7.45 -12.81 -10.81
CA VAL A 249 7.59 -13.42 -9.50
C VAL A 249 6.47 -14.44 -9.29
N ALA A 250 6.80 -15.44 -8.48
CA ALA A 250 5.95 -16.55 -8.05
C ALA A 250 6.24 -16.84 -6.58
N ARG A 251 5.43 -17.70 -5.99
CA ARG A 251 5.68 -18.15 -4.62
C ARG A 251 7.04 -18.83 -4.54
N SER A 252 7.67 -18.75 -3.36
CA SER A 252 8.92 -19.45 -3.15
C SER A 252 8.68 -20.96 -3.04
N MET A 253 7.87 -21.36 -2.06
CA MET A 253 7.45 -22.74 -1.90
C MET A 253 6.17 -22.96 -2.70
N GLY A 254 6.19 -23.95 -3.58
CA GLY A 254 4.99 -24.28 -4.33
C GLY A 254 4.60 -23.25 -5.36
N GLY A 255 5.57 -22.60 -5.99
CA GLY A 255 5.28 -21.47 -6.85
C GLY A 255 4.89 -21.80 -8.27
N LYS A 256 5.12 -23.02 -8.71
CA LYS A 256 4.89 -23.45 -10.09
C LYS A 256 5.88 -22.81 -11.07
N GLU A 257 6.99 -22.25 -10.55
CA GLU A 257 7.98 -21.55 -11.37
C GLU A 257 8.23 -22.27 -12.70
N ASP A 258 8.29 -23.60 -12.66
CA ASP A 258 8.55 -24.36 -13.87
C ASP A 258 7.39 -24.27 -14.85
N LEU A 259 6.16 -24.28 -14.35
CA LEU A 259 5.01 -24.02 -15.22
C LEU A 259 5.07 -22.61 -15.82
N ILE A 260 5.32 -21.59 -14.98
CA ILE A 260 5.45 -20.24 -15.52
C ILE A 260 6.47 -20.23 -16.66
N TRP A 261 7.62 -20.87 -16.46
CA TRP A 261 8.65 -20.80 -17.49
C TRP A 261 8.24 -21.55 -18.76
N GLU A 262 7.74 -22.78 -18.60
CA GLU A 262 7.23 -23.53 -19.75
C GLU A 262 6.26 -22.66 -20.55
N LEU A 263 5.29 -22.08 -19.84
CA LEU A 263 4.26 -21.27 -20.48
C LEU A 263 4.85 -20.10 -21.25
N LEU A 264 5.63 -19.25 -20.55
CA LEU A 264 6.15 -18.05 -21.20
C LEU A 264 7.13 -18.38 -22.31
N ASN A 265 7.90 -19.46 -22.17
CA ASN A 265 8.84 -19.84 -23.21
C ASN A 265 8.09 -20.22 -24.48
N GLN A 266 7.04 -21.02 -24.35
CA GLN A 266 6.22 -21.35 -25.51
C GLN A 266 5.51 -20.11 -26.05
N ALA A 267 5.02 -19.25 -25.15
CA ALA A 267 4.36 -18.02 -25.57
C ALA A 267 5.28 -17.15 -26.41
N GLN A 268 6.54 -17.02 -26.01
CA GLN A 268 7.46 -16.22 -26.80
C GLN A 268 7.85 -16.92 -28.08
N GLU A 269 7.81 -18.26 -28.07
CA GLU A 269 8.06 -19.00 -29.30
C GLU A 269 6.97 -18.74 -30.33
N HIS A 270 5.71 -18.66 -29.90
CA HIS A 270 4.59 -18.51 -30.82
C HIS A 270 4.19 -17.05 -31.08
N PHE A 271 4.12 -16.20 -30.04
CA PHE A 271 3.60 -14.84 -30.19
C PHE A 271 4.58 -13.78 -29.72
N GLY A 272 5.88 -14.03 -29.80
CA GLY A 272 6.84 -13.12 -29.19
C GLY A 272 7.24 -11.97 -30.08
N LYS A 273 8.51 -11.57 -30.02
CA LYS A 273 8.99 -10.48 -30.86
C LYS A 273 8.83 -10.83 -32.33
N ASP A 274 7.70 -10.41 -32.91
CA ASP A 274 7.44 -10.48 -34.35
C ASP A 274 7.04 -11.86 -34.89
N LYS A 275 7.29 -12.94 -34.15
CA LYS A 275 7.01 -14.23 -34.82
C LYS A 275 5.54 -14.56 -34.95
N SER A 276 4.66 -13.62 -34.64
CA SER A 276 3.30 -13.67 -35.15
C SER A 276 2.79 -12.24 -35.24
N LYS A 277 1.87 -12.02 -36.17
CA LYS A 277 1.19 -10.74 -36.29
C LYS A 277 -0.30 -10.85 -35.98
N GLU A 278 -0.78 -12.03 -35.60
CA GLU A 278 -2.14 -12.14 -35.07
C GLU A 278 -2.22 -11.52 -33.67
N PHE A 279 -1.38 -12.00 -32.76
CA PHE A 279 -1.33 -11.51 -31.39
C PHE A 279 0.12 -11.35 -30.98
N GLN A 280 0.42 -10.26 -30.28
CA GLN A 280 1.78 -9.92 -29.88
C GLN A 280 1.84 -9.83 -28.35
N LEU A 281 2.60 -10.75 -27.76
CA LEU A 281 2.84 -10.73 -26.32
C LEU A 281 3.32 -9.37 -25.84
N PHE A 282 4.16 -8.69 -26.62
CA PHE A 282 4.83 -7.48 -26.19
C PHE A 282 4.31 -6.24 -26.92
N SER A 283 3.01 -6.20 -27.16
CA SER A 283 2.38 -5.06 -27.83
C SER A 283 0.96 -4.93 -27.30
N SER A 284 0.65 -3.79 -26.71
CA SER A 284 -0.63 -3.60 -26.05
C SER A 284 -1.62 -2.99 -27.05
N PRO A 285 -2.69 -3.69 -27.43
CA PRO A 285 -3.68 -3.08 -28.32
C PRO A 285 -4.52 -2.02 -27.65
N HIS A 286 -4.61 -2.05 -26.32
CA HIS A 286 -5.53 -1.22 -25.57
C HIS A 286 -4.85 -0.21 -24.67
N GLY A 287 -3.58 -0.42 -24.33
CA GLY A 287 -2.83 0.54 -23.53
C GLY A 287 -1.37 0.48 -23.91
N LYS A 288 -0.50 0.60 -22.91
CA LYS A 288 0.95 0.52 -23.11
C LYS A 288 1.57 -0.25 -21.96
N ASP A 289 2.42 -1.23 -22.29
CA ASP A 289 3.11 -2.05 -21.29
C ASP A 289 2.11 -2.82 -20.43
N LEU A 290 1.18 -3.51 -21.10
CA LEU A 290 0.22 -4.36 -20.41
C LEU A 290 0.82 -5.74 -20.25
N LEU A 291 0.82 -6.24 -19.01
CA LEU A 291 1.39 -7.54 -18.67
C LEU A 291 2.91 -7.51 -18.80
N PHE A 292 3.44 -6.91 -19.85
CA PHE A 292 4.88 -6.91 -20.08
C PHE A 292 5.26 -5.59 -20.75
N LYS A 293 6.44 -5.09 -20.43
CA LYS A 293 6.94 -3.92 -21.15
C LYS A 293 6.99 -4.24 -22.63
N ASP A 294 6.61 -3.28 -23.47
CA ASP A 294 6.63 -3.51 -24.91
C ASP A 294 8.03 -3.41 -25.49
N SER A 295 9.00 -2.95 -24.70
CA SER A 295 10.40 -3.04 -25.11
C SER A 295 10.83 -4.49 -25.26
N ALA A 296 10.41 -5.34 -24.32
CA ALA A 296 10.97 -6.67 -24.17
C ALA A 296 11.07 -7.40 -25.49
N HIS A 297 12.22 -8.03 -25.72
CA HIS A 297 12.40 -8.92 -26.85
C HIS A 297 12.17 -10.37 -26.49
N GLY A 298 12.26 -10.74 -25.22
CA GLY A 298 11.87 -12.09 -24.84
C GLY A 298 12.01 -12.38 -23.38
N PHE A 299 11.97 -13.67 -23.04
CA PHE A 299 12.08 -14.13 -21.66
C PHE A 299 13.30 -15.01 -21.45
N LEU A 300 13.83 -14.96 -20.23
CA LEU A 300 14.93 -15.80 -19.78
C LEU A 300 14.51 -16.46 -18.46
N LYS A 301 14.77 -17.77 -18.33
CA LYS A 301 14.53 -18.43 -17.05
C LYS A 301 15.55 -17.98 -16.01
N VAL A 302 15.07 -17.53 -14.86
CA VAL A 302 15.94 -17.18 -13.76
C VAL A 302 16.46 -18.46 -13.09
N PRO A 303 17.75 -18.54 -12.77
CA PRO A 303 18.27 -19.75 -12.14
C PRO A 303 17.52 -20.06 -10.86
N PRO A 304 17.40 -21.35 -10.51
CA PRO A 304 16.46 -21.75 -9.45
C PRO A 304 16.90 -21.37 -8.05
N ARG A 305 18.18 -21.06 -7.85
N ARG A 305 18.17 -21.06 -7.82
CA ARG A 305 18.73 -20.75 -6.55
CA ARG A 305 18.63 -20.76 -6.47
C ARG A 305 18.54 -19.30 -6.15
C ARG A 305 18.72 -19.26 -6.22
N MET A 306 18.10 -18.45 -7.08
CA MET A 306 18.03 -17.02 -6.84
C MET A 306 16.92 -16.67 -5.85
N ASP A 307 17.26 -15.95 -4.81
CA ASP A 307 16.28 -15.26 -3.97
C ASP A 307 16.30 -13.77 -4.30
N ALA A 308 15.28 -13.06 -3.82
CA ALA A 308 15.10 -11.67 -4.22
C ALA A 308 16.36 -10.85 -3.95
N LYS A 309 16.83 -10.86 -2.70
CA LYS A 309 18.03 -10.09 -2.35
C LYS A 309 19.17 -10.40 -3.31
N MET A 310 19.42 -11.69 -3.58
CA MET A 310 20.49 -12.03 -4.51
C MET A 310 20.24 -11.41 -5.89
N TYR A 311 18.98 -11.44 -6.34
CA TYR A 311 18.66 -10.93 -7.67
C TYR A 311 18.86 -9.43 -7.75
N LEU A 312 18.27 -8.69 -6.81
CA LEU A 312 18.36 -7.24 -6.81
C LEU A 312 19.80 -6.78 -6.66
N GLY A 313 20.54 -7.41 -5.75
CA GLY A 313 21.90 -7.03 -5.46
C GLY A 313 22.00 -6.25 -4.17
N TYR A 314 23.13 -6.41 -3.47
CA TYR A 314 23.26 -5.83 -2.13
C TYR A 314 23.12 -4.32 -2.15
N GLU A 315 23.63 -3.66 -3.19
CA GLU A 315 23.54 -2.20 -3.26
C GLU A 315 22.08 -1.75 -3.24
N TYR A 316 21.28 -2.35 -4.12
CA TYR A 316 19.87 -1.96 -4.26
C TYR A 316 19.10 -2.18 -2.96
N VAL A 317 19.30 -3.34 -2.32
CA VAL A 317 18.58 -3.57 -1.07
C VAL A 317 19.04 -2.58 -0.03
N THR A 318 20.33 -2.23 -0.02
CA THR A 318 20.77 -1.17 0.89
C THR A 318 19.95 0.10 0.65
N ALA A 319 19.78 0.46 -0.63
CA ALA A 319 19.09 1.70 -0.97
C ALA A 319 17.65 1.72 -0.44
N ILE A 320 16.84 0.73 -0.86
CA ILE A 320 15.44 0.73 -0.40
C ILE A 320 15.37 0.57 1.11
N ARG A 321 16.19 -0.32 1.67
CA ARG A 321 16.15 -0.55 3.11
C ARG A 321 16.41 0.75 3.87
N ASN A 322 17.38 1.53 3.42
CA ASN A 322 17.62 2.82 4.04
C ASN A 322 16.40 3.72 3.90
N LEU A 323 15.85 3.83 2.68
CA LEU A 323 14.76 4.78 2.48
C LEU A 323 13.47 4.37 3.19
N ARG A 324 13.29 3.08 3.50
CA ARG A 324 12.07 2.61 4.15
C ARG A 324 12.24 2.47 5.66
N GLU A 325 13.27 1.76 6.10
CA GLU A 325 13.51 1.58 7.52
C GLU A 325 14.10 2.84 8.14
N GLY A 326 15.05 3.46 7.46
CA GLY A 326 15.62 4.72 7.91
C GLY A 326 16.31 4.61 9.26
N THR A 327 17.30 3.73 9.36
CA THR A 327 18.02 3.50 10.60
C THR A 327 19.52 3.53 10.30
N CYS A 328 20.18 4.59 10.74
CA CYS A 328 21.62 4.70 10.70
C CYS A 328 22.20 4.52 12.10
N PRO A 329 23.28 3.76 12.24
CA PRO A 329 23.92 3.63 13.54
C PRO A 329 24.64 4.92 13.91
N GLU A 330 25.10 4.98 15.15
CA GLU A 330 25.99 6.04 15.58
C GLU A 330 27.42 5.54 15.78
N ALA A 331 27.68 4.28 15.43
CA ALA A 331 29.00 3.67 15.49
C ALA A 331 30.06 4.61 14.93
N PRO A 332 31.26 4.65 15.52
CA PRO A 332 32.26 5.63 15.09
C PRO A 332 32.76 5.34 13.68
N THR A 333 32.76 6.38 12.84
CA THR A 333 32.97 6.17 11.41
C THR A 333 34.26 5.41 11.11
N ASP A 334 35.32 5.65 11.87
CA ASP A 334 36.61 5.08 11.51
C ASP A 334 36.73 3.63 11.95
N GLU A 335 36.29 3.29 13.16
CA GLU A 335 36.53 1.95 13.69
C GLU A 335 35.84 0.88 12.85
N CYS A 336 36.38 -0.34 12.91
CA CYS A 336 35.89 -1.46 12.13
C CYS A 336 34.77 -2.18 12.86
N LYS A 337 33.73 -2.56 12.11
CA LYS A 337 32.65 -3.36 12.68
C LYS A 337 33.12 -4.81 12.85
N PRO A 338 32.78 -5.44 13.97
CA PRO A 338 33.20 -6.84 14.18
C PRO A 338 32.87 -7.70 12.98
N VAL A 339 33.87 -8.45 12.52
CA VAL A 339 33.73 -9.28 11.33
C VAL A 339 33.08 -10.61 11.73
N LYS A 340 31.95 -10.91 11.10
CA LYS A 340 31.23 -12.15 11.35
C LYS A 340 31.76 -13.19 10.37
N TRP A 341 32.41 -14.22 10.90
CA TRP A 341 32.96 -15.33 10.13
C TRP A 341 31.91 -16.41 9.95
N CYS A 342 31.99 -17.11 8.83
CA CYS A 342 30.97 -18.09 8.45
C CYS A 342 31.45 -19.51 8.72
N ALA A 343 30.65 -20.25 9.48
CA ALA A 343 30.92 -21.65 9.82
C ALA A 343 29.93 -22.54 9.09
N LEU A 344 30.41 -23.68 8.60
CA LEU A 344 29.59 -24.60 7.82
C LEU A 344 29.50 -25.99 8.42
N SER A 345 29.91 -26.16 9.67
CA SER A 345 29.81 -27.44 10.35
C SER A 345 29.61 -27.14 11.84
N HIS A 346 29.21 -28.16 12.59
CA HIS A 346 29.01 -27.94 14.01
C HIS A 346 30.33 -27.62 14.70
N HIS A 347 31.39 -28.36 14.33
CA HIS A 347 32.70 -28.12 14.94
C HIS A 347 33.32 -26.83 14.43
N GLU A 348 33.06 -26.44 13.17
CA GLU A 348 33.53 -25.14 12.72
C GLU A 348 32.90 -24.03 13.54
N ARG A 349 31.60 -24.17 13.87
CA ARG A 349 30.94 -23.16 14.70
C ARG A 349 31.53 -23.15 16.11
N LEU A 350 31.83 -24.32 16.67
CA LEU A 350 32.39 -24.32 18.03
C LEU A 350 33.76 -23.65 18.05
N LYS A 351 34.61 -23.94 17.05
CA LYS A 351 35.91 -23.28 17.00
C LYS A 351 35.74 -21.77 16.85
N CYS A 352 34.89 -21.35 15.92
CA CYS A 352 34.65 -19.92 15.75
C CYS A 352 34.10 -19.28 17.02
N ASP A 353 33.31 -20.02 17.81
CA ASP A 353 32.79 -19.46 19.04
C ASP A 353 33.92 -19.18 20.03
N GLU A 354 34.83 -20.15 20.18
CA GLU A 354 35.99 -19.93 21.04
C GLU A 354 36.81 -18.74 20.54
N TRP A 355 37.06 -18.70 19.22
CA TRP A 355 37.78 -17.59 18.62
C TRP A 355 37.12 -16.26 18.98
N SER A 356 35.80 -16.18 18.81
CA SER A 356 35.08 -14.95 19.09
C SER A 356 35.33 -14.48 20.51
N VAL A 357 35.17 -15.37 21.50
CA VAL A 357 35.39 -14.91 22.87
C VAL A 357 36.84 -14.42 23.04
N ASN A 358 37.80 -15.16 22.47
CA ASN A 358 39.19 -14.72 22.60
C ASN A 358 39.51 -13.52 21.72
N SER A 359 38.71 -13.24 20.71
CA SER A 359 38.86 -12.02 19.92
C SER A 359 38.27 -10.79 20.59
N VAL A 360 37.85 -10.91 21.85
CA VAL A 360 37.24 -9.82 22.61
C VAL A 360 36.22 -9.07 21.77
N GLY A 361 35.42 -9.81 21.00
CA GLY A 361 34.37 -9.23 20.19
C GLY A 361 34.80 -8.80 18.81
N LYS A 362 36.10 -8.84 18.48
CA LYS A 362 36.54 -8.43 17.16
C LYS A 362 36.08 -9.43 16.09
N ILE A 363 35.85 -10.69 16.47
CA ILE A 363 35.28 -11.70 15.59
C ILE A 363 33.94 -12.16 16.14
N GLU A 364 32.95 -12.35 15.27
CA GLU A 364 31.70 -13.01 15.62
C GLU A 364 31.47 -14.15 14.63
N CYS A 365 30.38 -14.90 14.80
CA CYS A 365 30.21 -16.15 14.06
C CYS A 365 28.79 -16.31 13.54
N VAL A 366 28.68 -16.97 12.38
CA VAL A 366 27.44 -17.14 11.64
C VAL A 366 27.45 -18.53 11.01
N SER A 367 26.48 -19.36 11.37
CA SER A 367 26.40 -20.69 10.78
C SER A 367 25.58 -20.66 9.49
N ALA A 368 25.93 -21.56 8.57
CA ALA A 368 25.22 -21.71 7.31
C ALA A 368 25.36 -23.16 6.89
N GLU A 369 24.37 -23.66 6.13
CA GLU A 369 24.32 -25.10 5.88
C GLU A 369 25.53 -25.57 5.07
N THR A 370 25.89 -24.84 4.01
CA THR A 370 26.87 -25.30 3.05
C THR A 370 27.87 -24.19 2.74
N THR A 371 28.88 -24.52 1.94
CA THR A 371 29.84 -23.50 1.50
C THR A 371 29.14 -22.45 0.65
N GLU A 372 28.32 -22.89 -0.32
CA GLU A 372 27.65 -21.93 -1.20
C GLU A 372 26.71 -21.03 -0.42
N ASP A 373 25.99 -21.58 0.57
CA ASP A 373 25.13 -20.75 1.40
C ASP A 373 25.97 -19.71 2.16
N CYS A 374 27.14 -20.09 2.67
CA CYS A 374 28.02 -19.11 3.28
C CYS A 374 28.43 -18.03 2.29
N ILE A 375 28.79 -18.41 1.05
CA ILE A 375 29.17 -17.40 0.07
C ILE A 375 28.01 -16.44 -0.14
N ALA A 376 26.79 -16.98 -0.30
CA ALA A 376 25.60 -16.15 -0.38
C ALA A 376 25.50 -15.20 0.79
N LYS A 377 25.82 -15.66 2.00
CA LYS A 377 25.80 -14.79 3.17
C LYS A 377 26.82 -13.67 3.04
N ILE A 378 28.01 -13.97 2.50
CA ILE A 378 29.01 -12.91 2.32
C ILE A 378 28.50 -11.87 1.33
N MET A 379 27.95 -12.34 0.19
CA MET A 379 27.56 -11.41 -0.86
C MET A 379 26.50 -10.44 -0.36
N ASN A 380 25.53 -10.94 0.43
CA ASN A 380 24.38 -10.16 0.85
C ASN A 380 24.55 -9.57 2.25
N GLY A 381 25.75 -9.59 2.80
CA GLY A 381 26.04 -8.88 4.02
C GLY A 381 25.75 -9.63 5.31
N GLU A 382 25.05 -10.77 5.25
CA GLU A 382 24.81 -11.55 6.45
C GLU A 382 26.08 -12.18 7.03
N ALA A 383 27.18 -12.17 6.29
CA ALA A 383 28.47 -12.63 6.79
C ALA A 383 29.55 -11.85 6.05
N ASP A 384 30.76 -11.83 6.61
CA ASP A 384 31.82 -11.01 6.03
C ASP A 384 33.00 -11.79 5.45
N ALA A 385 33.40 -12.93 6.02
CA ALA A 385 34.63 -13.56 5.58
C ALA A 385 34.57 -15.07 5.75
N MET A 386 35.23 -15.79 4.84
CA MET A 386 35.43 -17.22 5.04
C MET A 386 36.61 -17.67 4.19
N SER A 387 37.17 -18.83 4.51
CA SER A 387 38.33 -19.36 3.79
C SER A 387 37.86 -20.41 2.79
N LEU A 388 38.36 -20.34 1.56
CA LEU A 388 37.88 -21.17 0.46
C LEU A 388 39.06 -21.79 -0.28
N ASP A 389 38.80 -22.93 -0.90
CA ASP A 389 39.77 -23.53 -1.81
C ASP A 389 39.63 -22.90 -3.19
N GLY A 390 40.65 -23.12 -4.02
CA GLY A 390 40.67 -22.60 -5.38
C GLY A 390 39.32 -22.61 -6.10
N GLY A 391 38.70 -23.78 -6.21
CA GLY A 391 37.44 -23.84 -6.95
C GLY A 391 36.39 -22.90 -6.40
N PHE A 392 36.28 -22.81 -5.08
CA PHE A 392 35.29 -21.90 -4.52
C PHE A 392 35.79 -20.46 -4.51
N VAL A 393 37.10 -20.23 -4.47
CA VAL A 393 37.59 -18.88 -4.76
C VAL A 393 37.08 -18.43 -6.13
N TYR A 394 37.03 -19.36 -7.09
CA TYR A 394 36.54 -19.02 -8.41
C TYR A 394 35.04 -18.74 -8.39
N ILE A 395 34.24 -19.64 -7.81
CA ILE A 395 32.81 -19.38 -7.78
C ILE A 395 32.53 -18.04 -7.09
N ALA A 396 33.20 -17.78 -5.96
CA ALA A 396 33.02 -16.52 -5.26
C ALA A 396 33.46 -15.34 -6.12
N GLY A 397 34.49 -15.52 -6.93
CA GLY A 397 34.90 -14.47 -7.84
C GLY A 397 33.82 -14.14 -8.86
N LYS A 398 33.27 -15.17 -9.51
CA LYS A 398 32.16 -14.96 -10.41
C LYS A 398 30.95 -14.38 -9.69
N CYS A 399 30.92 -14.43 -8.37
CA CYS A 399 29.85 -13.82 -7.58
C CYS A 399 30.23 -12.46 -7.01
N GLY A 400 31.37 -11.91 -7.40
CA GLY A 400 31.75 -10.57 -7.01
C GLY A 400 32.57 -10.45 -5.74
N LEU A 401 32.99 -11.56 -5.15
CA LEU A 401 33.81 -11.52 -3.95
C LEU A 401 35.28 -11.44 -4.34
N VAL A 402 36.14 -11.15 -3.37
CA VAL A 402 37.56 -11.02 -3.65
C VAL A 402 38.40 -11.80 -2.65
N PRO A 403 39.53 -12.36 -3.06
CA PRO A 403 40.49 -12.89 -2.09
C PRO A 403 41.31 -11.77 -1.49
N VAL A 404 41.66 -11.92 -0.23
CA VAL A 404 42.29 -10.83 0.50
C VAL A 404 43.52 -11.31 1.25
N LEU A 405 43.45 -12.52 1.78
CA LEU A 405 44.57 -13.17 2.45
C LEU A 405 44.71 -14.56 1.85
N ALA A 406 45.94 -15.03 1.69
CA ALA A 406 46.17 -16.41 1.29
C ALA A 406 46.66 -17.18 2.50
N GLU A 407 46.21 -18.42 2.63
CA GLU A 407 46.75 -19.32 3.63
C GLU A 407 48.16 -19.73 3.20
N ASN A 408 49.17 -19.43 4.01
CA ASN A 408 50.53 -19.83 3.70
C ASN A 408 50.88 -21.08 4.49
N TYR A 409 51.47 -22.06 3.81
CA TYR A 409 51.77 -23.35 4.39
C TYR A 409 53.24 -23.59 4.65
N ASN A 410 54.12 -22.78 4.08
CA ASN A 410 55.56 -22.94 4.25
C ASN A 410 56.08 -21.94 5.27
N LYS A 411 56.75 -22.43 6.30
CA LYS A 411 57.28 -21.58 7.35
C LYS A 411 58.37 -20.67 6.80
N SER A 412 58.37 -19.42 7.25
CA SER A 412 59.33 -18.44 6.77
C SER A 412 59.33 -17.26 7.73
N ASP A 413 60.42 -16.47 7.69
CA ASP A 413 60.57 -15.36 8.61
C ASP A 413 59.43 -14.35 8.43
N ASN A 414 59.27 -13.80 7.22
CA ASN A 414 58.28 -12.77 6.95
C ASN A 414 57.30 -13.31 5.91
N CYS A 415 56.50 -14.31 6.30
CA CYS A 415 55.51 -14.86 5.38
C CYS A 415 54.27 -13.99 5.23
N GLU A 416 53.98 -13.13 6.21
CA GLU A 416 52.85 -12.21 6.05
C GLU A 416 53.03 -11.33 4.83
N ASP A 417 54.27 -11.07 4.43
CA ASP A 417 54.58 -10.17 3.32
C ASP A 417 55.14 -10.94 2.12
N THR A 418 54.58 -12.12 1.85
CA THR A 418 54.89 -12.86 0.64
C THR A 418 53.90 -14.01 0.44
N PRO A 419 52.87 -13.83 -0.38
CA PRO A 419 51.95 -14.94 -0.68
C PRO A 419 52.66 -16.06 -1.42
N GLU A 420 51.98 -17.20 -1.54
CA GLU A 420 52.65 -18.45 -1.91
C GLU A 420 52.33 -18.97 -3.31
N ALA A 421 51.11 -18.77 -3.81
CA ALA A 421 50.75 -19.10 -5.19
C ALA A 421 50.69 -20.59 -5.48
N GLY A 422 51.01 -21.46 -4.51
CA GLY A 422 50.69 -22.86 -4.60
C GLY A 422 51.73 -23.70 -5.33
N TYR A 423 51.51 -25.01 -5.28
CA TYR A 423 52.33 -25.98 -5.99
C TYR A 423 51.94 -26.02 -7.47
N PHE A 424 52.71 -26.79 -8.24
CA PHE A 424 52.59 -26.84 -9.69
C PHE A 424 51.99 -28.17 -10.11
N ALA A 425 50.95 -28.13 -10.94
CA ALA A 425 50.37 -29.32 -11.53
C ALA A 425 51.08 -29.62 -12.85
N ILE A 426 51.51 -30.88 -13.01
CA ILE A 426 52.26 -31.32 -14.17
C ILE A 426 51.68 -32.61 -14.73
N ALA A 427 51.95 -32.83 -16.01
CA ALA A 427 51.55 -34.03 -16.74
C ALA A 427 52.83 -34.77 -17.14
N VAL A 428 53.14 -35.85 -16.43
CA VAL A 428 54.38 -36.58 -16.61
C VAL A 428 54.18 -37.75 -17.56
N VAL A 429 55.24 -38.09 -18.28
CA VAL A 429 55.29 -39.20 -19.24
C VAL A 429 56.74 -39.70 -19.25
N LYS A 430 56.96 -40.89 -19.81
CA LYS A 430 58.30 -41.46 -19.86
C LYS A 430 58.94 -41.21 -21.22
N LYS A 431 60.21 -40.79 -21.18
CA LYS A 431 60.94 -40.48 -22.41
C LYS A 431 60.96 -41.65 -23.37
N SER A 432 60.80 -42.88 -22.86
CA SER A 432 60.76 -44.08 -23.68
C SER A 432 59.57 -44.13 -24.61
N ALA A 433 58.62 -43.18 -24.49
CA ALA A 433 57.43 -43.11 -25.33
C ALA A 433 57.51 -41.79 -26.10
N SER A 434 58.26 -41.80 -27.20
CA SER A 434 58.78 -40.55 -27.76
C SER A 434 57.71 -39.74 -28.49
N ASP A 435 56.78 -40.38 -29.18
CA ASP A 435 55.82 -39.65 -30.00
C ASP A 435 54.74 -38.95 -29.19
N LEU A 436 54.79 -39.00 -27.86
CA LEU A 436 53.73 -38.43 -27.03
C LEU A 436 53.91 -36.92 -26.86
N THR A 437 52.85 -36.15 -27.17
CA THR A 437 52.77 -34.72 -26.86
C THR A 437 51.35 -34.36 -26.48
N TRP A 438 51.13 -33.09 -26.10
CA TRP A 438 49.86 -32.70 -25.49
C TRP A 438 48.69 -32.96 -26.43
N ASP A 439 48.96 -32.99 -27.73
CA ASP A 439 47.89 -33.08 -28.71
C ASP A 439 47.43 -34.53 -28.90
N ASN A 440 48.36 -35.47 -29.07
CA ASN A 440 47.94 -36.82 -29.36
C ASN A 440 47.43 -37.58 -28.14
N LEU A 441 47.50 -36.98 -26.94
CA LEU A 441 47.01 -37.58 -25.72
C LEU A 441 45.79 -38.47 -25.92
N LYS A 442 44.85 -38.04 -26.75
CA LYS A 442 43.62 -38.79 -26.99
C LYS A 442 43.90 -40.25 -27.29
N GLY A 443 43.16 -41.14 -26.61
CA GLY A 443 43.23 -42.56 -26.88
C GLY A 443 44.37 -43.30 -26.21
N LYS A 444 45.20 -42.60 -25.43
CA LYS A 444 46.30 -43.20 -24.72
C LYS A 444 45.87 -43.61 -23.31
N LYS A 445 46.72 -44.35 -22.61
CA LYS A 445 46.40 -44.84 -21.27
C LYS A 445 46.95 -43.89 -20.21
N SER A 446 46.16 -43.64 -19.16
CA SER A 446 46.36 -42.52 -18.26
C SER A 446 46.20 -42.90 -16.80
N CYS A 447 46.83 -42.10 -15.93
CA CYS A 447 46.89 -42.35 -14.49
C CYS A 447 46.62 -41.05 -13.75
N HIS A 448 45.66 -41.08 -12.84
CA HIS A 448 45.23 -39.90 -12.09
C HIS A 448 45.41 -40.19 -10.60
N THR A 449 45.75 -39.16 -9.82
CA THR A 449 45.82 -39.36 -8.38
C THR A 449 44.48 -39.84 -7.84
N ALA A 450 43.41 -39.17 -8.26
CA ALA A 450 42.04 -39.61 -7.98
C ALA A 450 41.06 -38.63 -8.57
N VAL A 451 39.88 -39.11 -8.99
CA VAL A 451 38.87 -38.22 -9.54
C VAL A 451 38.43 -37.27 -8.45
N GLY A 452 38.24 -36.00 -8.81
CA GLY A 452 37.98 -34.98 -7.83
C GLY A 452 39.23 -34.19 -7.48
N ARG A 453 40.36 -34.87 -7.32
CA ARG A 453 41.59 -34.21 -6.92
C ARG A 453 41.95 -33.11 -7.92
N THR A 454 42.78 -32.17 -7.48
CA THR A 454 43.03 -30.97 -8.27
C THR A 454 44.07 -31.20 -9.34
N ALA A 455 45.21 -31.79 -8.98
CA ALA A 455 46.26 -32.04 -9.96
C ALA A 455 45.99 -33.30 -10.77
N GLY A 456 45.38 -34.30 -10.15
CA GLY A 456 45.12 -35.55 -10.84
C GLY A 456 43.96 -35.51 -11.81
N TRP A 457 43.04 -34.56 -11.65
CA TRP A 457 41.82 -34.59 -12.43
C TRP A 457 41.38 -33.22 -12.91
N ASN A 458 41.18 -32.28 -11.98
CA ASN A 458 40.48 -31.05 -12.33
C ASN A 458 41.25 -30.25 -13.38
N ILE A 459 42.47 -29.84 -13.06
CA ILE A 459 43.31 -29.07 -13.98
C ILE A 459 43.49 -29.82 -15.31
N PRO A 460 44.00 -31.06 -15.31
CA PRO A 460 44.23 -31.73 -16.60
C PRO A 460 42.96 -31.87 -17.42
N MET A 461 41.94 -32.53 -16.87
CA MET A 461 40.72 -32.77 -17.65
C MET A 461 40.02 -31.46 -18.02
N GLY A 462 40.19 -30.42 -17.21
CA GLY A 462 39.61 -29.13 -17.56
C GLY A 462 40.29 -28.52 -18.77
N LEU A 463 41.62 -28.58 -18.82
CA LEU A 463 42.31 -28.09 -20.01
C LEU A 463 42.02 -28.96 -21.22
N LEU A 464 41.84 -30.28 -21.02
CA LEU A 464 41.52 -31.17 -22.14
C LEU A 464 40.07 -31.05 -22.60
N TYR A 465 39.19 -30.45 -21.80
CA TYR A 465 37.80 -30.27 -22.23
C TYR A 465 37.72 -29.67 -23.63
N ASN A 466 38.63 -28.76 -23.96
CA ASN A 466 38.55 -28.07 -25.25
C ASN A 466 38.85 -29.01 -26.41
N LYS A 467 39.57 -30.10 -26.17
CA LYS A 467 39.83 -31.12 -27.17
C LYS A 467 38.76 -32.20 -27.21
N ILE A 468 37.63 -32.00 -26.52
CA ILE A 468 36.58 -33.01 -26.50
C ILE A 468 35.19 -32.35 -26.54
N ASN A 469 34.99 -31.31 -25.74
CA ASN A 469 33.75 -30.53 -25.74
C ASN A 469 32.51 -31.41 -25.54
N HIS A 470 32.64 -32.42 -24.69
CA HIS A 470 31.48 -33.07 -24.09
C HIS A 470 31.95 -33.68 -22.76
N CYS A 471 31.00 -34.19 -21.99
CA CYS A 471 31.24 -34.54 -20.60
C CYS A 471 31.46 -36.02 -20.37
N ARG A 472 31.88 -36.76 -21.39
CA ARG A 472 32.20 -38.19 -21.25
C ARG A 472 33.72 -38.31 -21.16
N PHE A 473 34.24 -38.05 -19.96
CA PHE A 473 35.67 -37.92 -19.75
C PHE A 473 36.40 -39.25 -19.88
N ASP A 474 35.69 -40.37 -19.80
CA ASP A 474 36.31 -41.68 -19.98
C ASP A 474 36.46 -42.06 -21.44
N GLU A 475 35.87 -41.29 -22.36
CA GLU A 475 35.94 -41.58 -23.78
C GLU A 475 37.14 -40.91 -24.44
N PHE A 476 37.81 -39.98 -23.77
CA PHE A 476 39.06 -39.42 -24.28
C PHE A 476 40.18 -40.42 -24.19
N PHE A 477 40.33 -41.07 -23.03
CA PHE A 477 41.36 -42.06 -22.81
C PHE A 477 40.82 -43.45 -23.09
N SER A 478 41.61 -44.28 -23.77
CA SER A 478 41.24 -45.66 -23.96
C SER A 478 40.97 -46.33 -22.61
N GLU A 479 41.99 -46.35 -21.76
CA GLU A 479 41.90 -46.96 -20.44
C GLU A 479 42.65 -46.07 -19.46
N GLY A 480 42.32 -46.20 -18.19
CA GLY A 480 43.03 -45.41 -17.19
C GLY A 480 42.84 -45.96 -15.79
N CYS A 481 43.49 -45.29 -14.85
CA CYS A 481 43.23 -45.51 -13.42
C CYS A 481 42.93 -44.15 -12.79
N ALA A 482 41.64 -43.90 -12.56
CA ALA A 482 41.15 -42.69 -11.89
C ALA A 482 40.36 -43.13 -10.68
N PRO A 483 41.01 -43.38 -9.54
CA PRO A 483 40.29 -43.86 -8.35
C PRO A 483 39.11 -42.97 -8.01
N GLY A 484 37.95 -43.60 -7.83
CA GLY A 484 36.70 -42.92 -7.58
C GLY A 484 35.71 -43.04 -8.72
N SER A 485 36.19 -43.23 -9.95
CA SER A 485 35.31 -43.46 -11.07
C SER A 485 34.47 -44.72 -10.82
N LYS A 486 33.41 -44.87 -11.62
CA LYS A 486 32.59 -46.07 -11.51
C LYS A 486 33.38 -47.29 -11.99
N LYS A 487 33.12 -48.43 -11.34
CA LYS A 487 34.02 -49.57 -11.48
C LYS A 487 34.02 -50.13 -12.90
N ASP A 488 32.89 -50.08 -13.60
CA ASP A 488 32.82 -50.61 -14.96
C ASP A 488 33.27 -49.60 -16.01
N SER A 489 33.81 -48.46 -15.61
CA SER A 489 34.32 -47.47 -16.54
C SER A 489 35.71 -47.85 -17.03
N SER A 490 36.09 -47.27 -18.16
CA SER A 490 37.44 -47.50 -18.69
C SER A 490 38.52 -46.88 -17.81
N LEU A 491 38.19 -45.85 -17.02
CA LEU A 491 39.17 -45.25 -16.12
C LEU A 491 39.45 -46.09 -14.88
N CYS A 492 38.85 -47.28 -14.77
CA CYS A 492 39.14 -48.19 -13.67
C CYS A 492 39.88 -49.44 -14.13
N LYS A 493 40.03 -49.63 -15.44
CA LYS A 493 40.60 -50.87 -15.95
C LYS A 493 42.05 -51.07 -15.51
N LEU A 494 42.81 -49.98 -15.34
CA LEU A 494 44.23 -50.07 -15.01
C LEU A 494 44.52 -49.96 -13.52
N CYS A 495 43.50 -49.93 -12.67
CA CYS A 495 43.73 -49.86 -11.23
C CYS A 495 44.01 -51.25 -10.68
N MET A 496 44.86 -51.32 -9.64
CA MET A 496 45.33 -52.60 -9.12
C MET A 496 44.84 -52.88 -7.70
N GLY A 497 43.75 -52.26 -7.28
CA GLY A 497 43.23 -52.51 -5.95
C GLY A 497 42.61 -53.89 -5.86
N SER A 498 42.85 -54.56 -4.74
CA SER A 498 42.31 -55.90 -4.55
C SER A 498 40.91 -55.86 -3.97
N GLY A 499 40.14 -56.91 -4.24
CA GLY A 499 38.82 -57.04 -3.65
C GLY A 499 37.96 -55.81 -3.86
N LEU A 500 37.35 -55.34 -2.78
CA LEU A 500 36.48 -54.18 -2.83
C LEU A 500 37.24 -52.87 -3.04
N ASN A 501 38.56 -52.88 -2.99
CA ASN A 501 39.36 -51.67 -3.10
C ASN A 501 39.75 -51.35 -4.55
N LEU A 502 39.22 -52.12 -5.52
CA LEU A 502 39.80 -52.14 -6.87
C LEU A 502 39.92 -50.76 -7.49
N CYS A 503 38.93 -49.89 -7.29
CA CYS A 503 38.98 -48.57 -7.89
C CYS A 503 38.64 -47.50 -6.87
N GLU A 504 38.95 -47.75 -5.60
CA GLU A 504 38.50 -46.87 -4.54
C GLU A 504 39.55 -45.81 -4.24
N PRO A 505 39.13 -44.55 -4.06
CA PRO A 505 40.12 -43.48 -3.81
C PRO A 505 40.69 -43.51 -2.39
N ASN A 506 41.48 -44.56 -2.11
CA ASN A 506 42.08 -44.72 -0.79
C ASN A 506 43.39 -45.50 -0.92
N ASN A 507 44.20 -45.41 0.14
CA ASN A 507 45.57 -45.92 0.08
C ASN A 507 45.65 -47.35 -0.45
N LYS A 508 44.63 -48.16 -0.18
CA LYS A 508 44.66 -49.57 -0.58
C LYS A 508 44.49 -49.77 -2.08
N GLU A 509 44.23 -48.72 -2.83
CA GLU A 509 44.14 -48.85 -4.29
C GLU A 509 45.52 -48.92 -4.93
N GLY A 510 46.51 -48.23 -4.38
CA GLY A 510 47.89 -48.43 -4.77
C GLY A 510 48.29 -47.82 -6.09
N TYR A 511 47.34 -47.49 -6.95
CA TYR A 511 47.54 -46.49 -8.00
C TYR A 511 46.85 -45.18 -7.63
N TYR A 512 46.65 -44.96 -6.34
CA TYR A 512 45.97 -43.80 -5.81
C TYR A 512 46.97 -42.84 -5.18
N GLY A 513 46.63 -41.56 -5.22
CA GLY A 513 47.53 -40.53 -4.74
C GLY A 513 48.61 -40.21 -5.76
N TYR A 514 49.46 -39.27 -5.38
CA TYR A 514 50.54 -38.84 -6.27
C TYR A 514 51.50 -39.99 -6.55
N THR A 515 52.00 -40.63 -5.48
CA THR A 515 52.86 -41.80 -5.64
C THR A 515 52.18 -42.88 -6.46
N GLY A 516 50.89 -43.13 -6.20
CA GLY A 516 50.19 -44.20 -6.87
C GLY A 516 50.02 -43.96 -8.36
N ALA A 517 49.69 -42.72 -8.75
CA ALA A 517 49.56 -42.41 -10.17
C ALA A 517 50.91 -42.49 -10.86
N PHE A 518 51.99 -42.04 -10.20
CA PHE A 518 53.30 -42.21 -10.80
C PHE A 518 53.66 -43.70 -10.95
N ARG A 519 53.32 -44.51 -9.96
CA ARG A 519 53.50 -45.94 -10.08
C ARG A 519 52.73 -46.50 -11.28
N CYS A 520 51.49 -46.03 -11.44
CA CYS A 520 50.70 -46.42 -12.60
C CYS A 520 51.38 -46.01 -13.90
N LEU A 521 52.13 -44.90 -13.86
CA LEU A 521 52.89 -44.50 -15.04
C LEU A 521 54.01 -45.49 -15.33
N VAL A 522 54.81 -45.82 -14.32
CA VAL A 522 55.97 -46.66 -14.58
C VAL A 522 55.56 -48.09 -14.91
N GLU A 523 54.43 -48.55 -14.39
CA GLU A 523 54.03 -49.95 -14.50
C GLU A 523 53.08 -50.21 -15.66
N LYS A 524 52.11 -49.33 -15.91
CA LYS A 524 51.08 -49.65 -16.89
C LYS A 524 50.41 -48.44 -17.55
N GLY A 525 51.06 -47.26 -17.59
CA GLY A 525 50.43 -46.07 -18.13
C GLY A 525 51.29 -45.38 -19.17
N ASP A 526 50.64 -44.46 -19.92
CA ASP A 526 51.33 -43.53 -20.81
C ASP A 526 51.55 -42.17 -20.18
N VAL A 527 50.58 -41.66 -19.42
CA VAL A 527 50.65 -40.33 -18.84
C VAL A 527 50.12 -40.39 -17.41
N ALA A 528 50.63 -39.52 -16.56
CA ALA A 528 50.19 -39.47 -15.16
C ALA A 528 50.17 -38.02 -14.70
N PHE A 529 49.12 -37.66 -13.97
CA PHE A 529 48.88 -36.27 -13.60
C PHE A 529 49.18 -36.07 -12.12
N VAL A 530 50.24 -35.31 -11.83
CA VAL A 530 50.72 -35.14 -10.45
C VAL A 530 51.23 -33.72 -10.25
N LYS A 531 51.97 -33.48 -9.16
CA LYS A 531 52.54 -32.17 -8.90
C LYS A 531 54.03 -32.17 -9.27
N HIS A 532 54.70 -31.04 -9.01
CA HIS A 532 56.05 -30.87 -9.55
C HIS A 532 57.10 -31.69 -8.82
N GLN A 533 56.89 -32.00 -7.53
CA GLN A 533 57.90 -32.68 -6.73
C GLN A 533 57.69 -34.19 -6.62
N THR A 534 56.60 -34.71 -7.22
CA THR A 534 56.30 -36.13 -7.10
C THR A 534 57.37 -37.00 -7.74
N VAL A 535 57.88 -36.61 -8.91
CA VAL A 535 58.91 -37.42 -9.57
C VAL A 535 60.19 -37.34 -8.76
N PRO A 536 60.67 -36.14 -8.41
CA PRO A 536 61.90 -36.07 -7.59
C PRO A 536 61.85 -36.89 -6.31
N GLN A 537 60.67 -37.07 -5.68
CA GLN A 537 60.65 -37.81 -4.42
C GLN A 537 60.34 -39.29 -4.57
N ASN A 538 60.10 -39.80 -5.78
CA ASN A 538 59.88 -41.22 -6.01
C ASN A 538 60.97 -41.84 -6.87
N THR A 539 62.11 -41.17 -7.06
CA THR A 539 63.18 -41.66 -7.91
C THR A 539 64.51 -41.57 -7.17
N GLY A 540 65.56 -42.07 -7.81
CA GLY A 540 66.90 -41.96 -7.25
C GLY A 540 67.07 -42.59 -5.89
N GLY A 541 66.29 -43.62 -5.59
CA GLY A 541 66.39 -44.27 -4.29
C GLY A 541 65.89 -43.42 -3.14
N LYS A 542 64.98 -42.48 -3.41
CA LYS A 542 64.33 -41.74 -2.33
C LYS A 542 63.10 -42.48 -1.81
N ASN A 543 62.55 -43.42 -2.60
CA ASN A 543 61.45 -44.27 -2.18
C ASN A 543 61.97 -45.70 -2.07
N PRO A 544 61.88 -46.35 -0.91
CA PRO A 544 62.46 -47.70 -0.77
C PRO A 544 61.62 -48.82 -1.33
N ASP A 545 60.35 -48.58 -1.68
CA ASP A 545 59.48 -49.66 -2.10
C ASP A 545 60.04 -50.38 -3.31
N PRO A 546 59.69 -51.66 -3.50
CA PRO A 546 60.34 -52.46 -4.56
C PRO A 546 60.28 -51.84 -5.94
N TRP A 547 59.09 -51.43 -6.38
CA TRP A 547 58.93 -50.87 -7.71
C TRP A 547 59.73 -49.58 -7.92
N ALA A 548 60.10 -48.87 -6.86
CA ALA A 548 60.58 -47.50 -6.98
C ALA A 548 62.05 -47.33 -6.59
N LYS A 549 62.78 -48.41 -6.30
CA LYS A 549 64.15 -48.27 -5.83
C LYS A 549 65.04 -47.58 -6.88
N ASN A 550 64.95 -48.03 -8.12
CA ASN A 550 65.99 -47.79 -9.11
C ASN A 550 65.57 -46.87 -10.24
N LEU A 551 64.32 -46.42 -10.27
CA LEU A 551 63.91 -45.45 -11.28
C LEU A 551 64.70 -44.16 -11.09
N ASN A 552 65.00 -43.48 -12.18
CA ASN A 552 65.76 -42.23 -12.13
C ASN A 552 65.04 -41.15 -12.93
N GLU A 553 65.25 -39.89 -12.49
CA GLU A 553 64.51 -38.76 -13.03
C GLU A 553 64.66 -38.64 -14.54
N LYS A 554 65.86 -38.88 -15.05
CA LYS A 554 66.12 -38.68 -16.48
C LYS A 554 65.15 -39.46 -17.34
N ASP A 555 64.64 -40.58 -16.82
CA ASP A 555 63.83 -41.48 -17.63
C ASP A 555 62.48 -40.88 -17.98
N TYR A 556 62.01 -39.90 -17.21
CA TYR A 556 60.71 -39.28 -17.41
C TYR A 556 60.87 -37.82 -17.76
N GLU A 557 60.01 -37.36 -18.66
CA GLU A 557 59.85 -35.96 -18.99
C GLU A 557 58.42 -35.57 -18.66
N LEU A 558 58.12 -34.28 -18.63
CA LEU A 558 56.77 -33.83 -18.33
C LEU A 558 56.27 -32.95 -19.47
N LEU A 559 54.98 -33.08 -19.75
CA LEU A 559 54.39 -32.58 -20.96
C LEU A 559 53.92 -31.14 -20.76
N CYS A 560 54.26 -30.27 -21.72
CA CYS A 560 53.93 -28.86 -21.68
C CYS A 560 52.83 -28.54 -22.67
N LEU A 561 52.02 -27.52 -22.33
CA LEU A 561 50.85 -27.21 -23.16
C LEU A 561 51.23 -26.75 -24.55
N ASP A 562 52.34 -26.02 -24.69
CA ASP A 562 52.72 -25.53 -26.01
C ASP A 562 52.94 -26.66 -27.02
N GLY A 563 52.92 -27.91 -26.57
CA GLY A 563 53.16 -29.04 -27.44
C GLY A 563 54.57 -29.59 -27.39
N THR A 564 55.37 -29.16 -26.43
CA THR A 564 56.74 -29.61 -26.28
C THR A 564 56.86 -30.36 -24.95
N ARG A 565 57.92 -31.15 -24.85
CA ARG A 565 58.27 -31.87 -23.63
C ARG A 565 59.45 -31.18 -22.98
N LYS A 566 59.55 -31.33 -21.66
CA LYS A 566 60.54 -30.62 -20.86
C LYS A 566 61.04 -31.54 -19.78
N PRO A 567 62.18 -31.21 -19.17
CA PRO A 567 62.68 -32.02 -18.04
C PRO A 567 61.99 -31.65 -16.73
N VAL A 568 62.10 -32.57 -15.76
CA VAL A 568 61.32 -32.44 -14.53
C VAL A 568 61.66 -31.14 -13.80
N GLU A 569 62.95 -30.81 -13.70
CA GLU A 569 63.32 -29.62 -12.93
C GLU A 569 62.78 -28.35 -13.57
N GLU A 570 62.45 -28.40 -14.86
N GLU A 570 62.43 -28.39 -14.86
CA GLU A 570 61.87 -27.26 -15.57
CA GLU A 570 61.89 -27.24 -15.56
C GLU A 570 60.36 -27.26 -15.48
C GLU A 570 60.36 -27.14 -15.43
N TYR A 571 59.80 -27.62 -14.33
CA TYR A 571 58.36 -27.58 -14.15
C TYR A 571 57.83 -26.16 -14.18
N ALA A 572 58.61 -25.21 -13.66
CA ALA A 572 58.15 -23.82 -13.58
C ALA A 572 57.74 -23.30 -14.97
N ASN A 573 58.46 -23.73 -16.01
CA ASN A 573 58.09 -23.41 -17.38
C ASN A 573 57.21 -24.46 -18.03
N CYS A 574 57.24 -25.71 -17.54
CA CYS A 574 56.41 -26.79 -18.04
C CYS A 574 55.41 -27.18 -16.96
N HIS A 575 54.19 -26.68 -17.06
CA HIS A 575 53.15 -27.01 -16.09
C HIS A 575 51.78 -26.81 -16.74
N LEU A 576 50.77 -27.41 -16.10
CA LEU A 576 49.40 -27.31 -16.59
C LEU A 576 48.64 -26.18 -15.91
N ALA A 577 48.81 -26.03 -14.59
CA ALA A 577 48.25 -24.92 -13.85
C ALA A 577 48.97 -24.85 -12.50
N ARG A 578 48.67 -23.81 -11.74
N ARG A 578 48.65 -23.82 -11.72
CA ARG A 578 49.44 -23.47 -10.54
CA ARG A 578 49.45 -23.44 -10.56
C ARG A 578 48.71 -23.79 -9.25
C ARG A 578 48.80 -23.86 -9.23
N ALA A 579 47.86 -24.82 -9.25
CA ALA A 579 47.16 -25.31 -8.06
C ALA A 579 47.27 -24.44 -6.82
N PRO A 580 46.26 -23.63 -6.53
CA PRO A 580 46.43 -22.54 -5.55
C PRO A 580 46.13 -22.94 -4.11
N ASN A 581 46.63 -22.12 -3.20
CA ASN A 581 46.36 -22.26 -1.78
C ASN A 581 44.95 -21.76 -1.45
N HIS A 582 44.47 -22.15 -0.27
CA HIS A 582 43.23 -21.60 0.25
C HIS A 582 43.39 -20.10 0.45
N ALA A 583 42.27 -19.38 0.40
CA ALA A 583 42.31 -17.93 0.52
C ALA A 583 41.06 -17.44 1.25
N VAL A 584 41.25 -16.42 2.08
CA VAL A 584 40.16 -15.75 2.77
C VAL A 584 39.45 -14.84 1.78
N VAL A 585 38.14 -15.01 1.69
CA VAL A 585 37.30 -14.29 0.74
C VAL A 585 36.36 -13.39 1.53
N THR A 586 36.08 -12.22 0.96
CA THR A 586 35.24 -11.20 1.57
C THR A 586 34.62 -10.34 0.48
N ARG A 587 33.70 -9.46 0.90
CA ARG A 587 33.08 -8.48 0.02
C ARG A 587 33.96 -7.22 -0.02
N LYS A 588 34.11 -6.64 -1.22
CA LYS A 588 35.02 -5.53 -1.40
C LYS A 588 34.93 -4.50 -0.28
N ASP A 589 33.71 -4.06 0.05
CA ASP A 589 33.53 -3.00 1.03
C ASP A 589 33.96 -3.39 2.44
N LYS A 590 34.39 -4.63 2.68
CA LYS A 590 34.93 -5.02 3.98
C LYS A 590 36.40 -5.44 3.88
N GLU A 591 36.97 -5.47 2.67
CA GLU A 591 38.33 -5.94 2.46
C GLU A 591 39.30 -5.34 3.48
N ALA A 592 39.24 -4.03 3.68
CA ALA A 592 40.18 -3.39 4.58
C ALA A 592 40.03 -3.93 5.99
N CYS A 593 38.81 -3.87 6.54
CA CYS A 593 38.61 -4.29 7.92
C CYS A 593 39.11 -5.72 8.12
N VAL A 594 38.66 -6.64 7.26
CA VAL A 594 39.15 -8.01 7.31
C VAL A 594 40.67 -8.00 7.40
N HIS A 595 41.32 -7.42 6.38
CA HIS A 595 42.78 -7.32 6.36
C HIS A 595 43.30 -7.02 7.75
N LYS A 596 42.82 -5.90 8.32
CA LYS A 596 43.31 -5.46 9.61
C LYS A 596 43.04 -6.51 10.68
N ILE A 597 41.76 -6.84 10.88
CA ILE A 597 41.39 -7.66 12.04
C ILE A 597 42.16 -8.97 12.00
N LEU A 598 42.00 -9.72 10.92
CA LEU A 598 42.66 -11.02 10.80
C LEU A 598 44.14 -10.91 11.17
N ARG A 599 44.82 -9.87 10.68
CA ARG A 599 46.26 -9.79 10.95
C ARG A 599 46.50 -9.71 12.46
N GLN A 600 45.82 -8.77 13.13
CA GLN A 600 45.87 -8.75 14.59
C GLN A 600 45.61 -10.14 15.14
N GLN A 601 44.56 -10.78 14.64
CA GLN A 601 44.14 -12.08 15.17
C GLN A 601 45.23 -13.13 15.03
N GLN A 602 45.99 -13.10 13.95
CA GLN A 602 47.00 -14.14 13.79
C GLN A 602 48.28 -13.82 14.55
N HIS A 603 48.39 -12.62 15.10
CA HIS A 603 49.51 -12.33 16.00
C HIS A 603 49.33 -13.05 17.32
N LEU A 604 48.08 -13.14 17.80
CA LEU A 604 47.78 -13.70 19.10
C LEU A 604 47.76 -15.22 19.05
N PHE A 605 46.80 -15.77 18.32
CA PHE A 605 46.50 -17.18 18.29
C PHE A 605 47.15 -17.86 17.11
N GLY A 606 48.05 -17.16 16.42
CA GLY A 606 48.72 -17.68 15.25
C GLY A 606 49.82 -18.67 15.57
N SER A 607 50.36 -19.24 14.50
CA SER A 607 51.31 -20.35 14.62
C SER A 607 52.41 -20.08 15.64
N ASN A 608 52.79 -18.81 15.83
CA ASN A 608 53.84 -18.46 16.77
C ASN A 608 53.61 -19.07 18.15
N VAL A 609 52.36 -19.28 18.53
CA VAL A 609 52.03 -19.55 19.93
C VAL A 609 52.33 -20.99 20.29
N THR A 610 53.04 -21.18 21.40
CA THR A 610 53.16 -22.45 22.08
C THR A 610 52.09 -22.53 23.17
N ASP A 611 52.12 -23.56 24.00
CA ASP A 611 51.09 -23.72 25.02
C ASP A 611 49.72 -23.56 24.39
N CYS A 612 49.56 -24.11 23.19
CA CYS A 612 48.30 -24.01 22.45
C CYS A 612 47.13 -24.54 23.25
N SER A 613 47.40 -25.21 24.35
CA SER A 613 46.39 -25.74 25.25
C SER A 613 46.01 -24.70 26.31
N GLY A 614 47.01 -23.97 26.80
CA GLY A 614 46.76 -22.93 27.78
C GLY A 614 46.03 -21.74 27.22
N ASN A 615 46.23 -21.45 25.93
CA ASN A 615 45.55 -20.35 25.26
C ASN A 615 44.96 -20.87 23.95
N PHE A 616 44.03 -20.11 23.39
CA PHE A 616 43.44 -20.47 22.11
C PHE A 616 44.51 -20.36 21.02
N CYS A 617 44.38 -21.17 19.98
CA CYS A 617 45.19 -20.95 18.79
C CYS A 617 44.38 -21.24 17.53
N LEU A 618 44.53 -20.33 16.56
CA LEU A 618 43.59 -20.18 15.47
C LEU A 618 43.71 -21.27 14.42
N PHE A 619 44.88 -21.89 14.29
CA PHE A 619 45.15 -22.82 13.21
C PHE A 619 45.19 -24.28 13.67
N ARG A 620 44.88 -24.55 14.92
CA ARG A 620 44.71 -25.90 15.42
C ARG A 620 43.21 -26.20 15.53
N SER A 621 42.81 -27.37 15.02
CA SER A 621 41.42 -27.79 14.97
C SER A 621 41.21 -29.02 15.83
N GLU A 622 40.05 -29.08 16.49
CA GLU A 622 39.72 -30.28 17.27
C GLU A 622 39.60 -31.50 16.37
N THR A 623 38.96 -31.34 15.22
CA THR A 623 38.77 -32.42 14.27
C THR A 623 39.80 -32.31 13.15
N LYS A 624 39.53 -31.50 12.12
CA LYS A 624 40.41 -31.42 10.98
C LYS A 624 40.10 -30.21 10.11
N ASP A 625 41.03 -29.26 10.05
CA ASP A 625 40.98 -28.13 9.11
C ASP A 625 39.73 -27.27 9.28
N LEU A 626 39.32 -27.06 10.53
CA LEU A 626 38.24 -26.13 10.81
C LEU A 626 38.64 -24.69 10.50
N LEU A 627 37.82 -24.01 9.71
CA LEU A 627 37.96 -22.58 9.43
C LEU A 627 39.17 -22.29 8.54
N PHE A 628 40.35 -22.74 8.97
CA PHE A 628 41.53 -22.70 8.14
C PHE A 628 42.17 -24.09 8.10
N ARG A 629 42.90 -24.34 7.03
CA ARG A 629 43.68 -25.55 6.92
C ARG A 629 44.74 -25.56 8.02
N ASP A 630 44.93 -26.71 8.66
CA ASP A 630 45.82 -26.79 9.81
C ASP A 630 47.28 -26.58 9.43
N ASP A 631 47.61 -26.70 8.14
CA ASP A 631 48.96 -26.40 7.69
C ASP A 631 49.29 -24.91 7.78
N THR A 632 48.28 -24.04 7.88
CA THR A 632 48.52 -22.60 7.78
C THR A 632 49.48 -22.16 8.87
N VAL A 633 50.50 -21.40 8.46
CA VAL A 633 51.45 -20.82 9.40
C VAL A 633 51.08 -19.35 9.56
N CYS A 634 50.56 -18.74 8.50
CA CYS A 634 50.16 -17.35 8.53
C CYS A 634 49.17 -17.07 7.40
N LEU A 635 48.64 -15.85 7.43
CA LEU A 635 47.72 -15.34 6.42
C LEU A 635 48.43 -14.19 5.72
N ALA A 636 48.78 -14.40 4.45
CA ALA A 636 49.64 -13.49 3.71
C ALA A 636 48.82 -12.49 2.91
N LYS A 637 49.26 -11.24 2.91
CA LYS A 637 48.48 -10.17 2.29
C LYS A 637 48.59 -10.24 0.77
N LEU A 638 47.46 -10.02 0.10
CA LEU A 638 47.34 -10.16 -1.35
C LEU A 638 47.35 -8.83 -2.08
N HIS A 639 48.25 -7.91 -1.72
CA HIS A 639 48.44 -6.73 -2.55
C HIS A 639 48.75 -7.17 -3.98
N ASP A 640 48.06 -6.55 -4.94
CA ASP A 640 48.22 -6.77 -6.37
C ASP A 640 47.63 -8.08 -6.85
N ARG A 641 46.98 -8.85 -5.98
CA ARG A 641 46.39 -10.13 -6.36
C ARG A 641 44.98 -10.28 -5.81
N ASN A 642 44.31 -9.14 -5.55
CA ASN A 642 43.04 -9.12 -4.83
C ASN A 642 41.84 -9.21 -5.76
N THR A 643 41.91 -10.10 -6.75
CA THR A 643 40.78 -10.45 -7.59
C THR A 643 40.92 -11.92 -7.94
N TYR A 644 39.79 -12.60 -8.15
CA TYR A 644 39.85 -14.03 -8.40
C TYR A 644 40.67 -14.34 -9.64
N GLU A 645 40.55 -13.50 -10.68
CA GLU A 645 41.32 -13.73 -11.89
C GLU A 645 42.82 -13.63 -11.65
N LYS A 646 43.24 -12.65 -10.84
CA LYS A 646 44.67 -12.47 -10.59
C LYS A 646 45.20 -13.53 -9.63
N TYR A 647 44.45 -13.83 -8.56
CA TYR A 647 44.92 -14.78 -7.57
C TYR A 647 45.00 -16.19 -8.14
N LEU A 648 44.04 -16.56 -8.99
CA LEU A 648 44.03 -17.85 -9.66
C LEU A 648 44.64 -17.67 -11.04
N GLY A 649 45.48 -18.61 -11.45
CA GLY A 649 46.11 -18.48 -12.75
C GLY A 649 45.09 -18.40 -13.87
N GLU A 650 45.52 -17.85 -15.01
CA GLU A 650 44.70 -17.91 -16.21
C GLU A 650 44.40 -19.36 -16.58
N GLU A 651 45.41 -20.22 -16.48
CA GLU A 651 45.23 -21.63 -16.81
C GLU A 651 44.25 -22.30 -15.83
N TYR A 652 44.43 -22.04 -14.54
CA TYR A 652 43.55 -22.63 -13.54
C TYR A 652 42.11 -22.21 -13.76
N VAL A 653 41.88 -20.93 -14.06
CA VAL A 653 40.52 -20.47 -14.33
C VAL A 653 39.96 -21.16 -15.57
N LYS A 654 40.76 -21.20 -16.64
CA LYS A 654 40.30 -21.89 -17.85
C LYS A 654 39.81 -23.28 -17.49
N ALA A 655 40.59 -23.99 -16.66
CA ALA A 655 40.30 -25.39 -16.35
C ALA A 655 39.05 -25.52 -15.49
N VAL A 656 38.96 -24.72 -14.42
CA VAL A 656 37.83 -24.83 -13.51
C VAL A 656 36.53 -24.45 -14.21
N GLY A 657 36.55 -23.39 -15.01
CA GLY A 657 35.39 -23.03 -15.79
C GLY A 657 34.95 -24.17 -16.69
N ASN A 658 35.87 -24.61 -17.55
CA ASN A 658 35.55 -25.71 -18.45
C ASN A 658 34.89 -26.85 -17.70
N LEU A 659 35.48 -27.24 -16.56
CA LEU A 659 34.86 -28.30 -15.76
C LEU A 659 33.44 -27.93 -15.37
N ARG A 660 33.25 -26.71 -14.87
CA ARG A 660 31.94 -26.31 -14.37
C ARG A 660 30.90 -26.37 -15.47
N LYS A 661 31.31 -26.50 -16.73
CA LYS A 661 30.34 -26.80 -17.78
C LYS A 661 29.73 -28.20 -17.65
N CYS A 662 30.39 -29.10 -16.92
CA CYS A 662 29.89 -30.46 -16.72
C CYS A 662 29.31 -30.69 -15.33
N SER A 663 29.86 -30.02 -14.31
CA SER A 663 29.41 -30.15 -12.92
C SER A 663 28.86 -28.79 -12.51
N THR A 664 27.55 -28.60 -12.71
CA THR A 664 26.94 -27.31 -12.45
C THR A 664 26.89 -27.01 -10.97
N SER A 665 27.02 -25.72 -10.63
CA SER A 665 26.79 -25.21 -9.30
C SER A 665 25.66 -24.19 -9.40
N SER A 666 24.57 -24.43 -8.66
CA SER A 666 23.40 -23.56 -8.77
C SER A 666 23.77 -22.11 -8.44
N LEU A 667 24.63 -21.92 -7.45
CA LEU A 667 25.09 -20.59 -7.10
C LEU A 667 25.84 -19.95 -8.27
N LEU A 668 26.70 -20.71 -8.92
CA LEU A 668 27.48 -20.16 -10.03
C LEU A 668 26.57 -19.73 -11.17
N GLU A 669 25.52 -20.50 -11.45
CA GLU A 669 24.64 -20.13 -12.56
C GLU A 669 23.79 -18.92 -12.19
N ALA A 670 23.37 -18.77 -10.93
CA ALA A 670 22.78 -17.50 -10.51
C ALA A 670 23.73 -16.34 -10.78
N CYS A 671 24.95 -16.44 -10.23
CA CYS A 671 25.88 -15.31 -10.29
C CYS A 671 26.21 -14.95 -11.72
N THR A 672 26.38 -15.95 -12.59
CA THR A 672 26.67 -15.66 -13.99
C THR A 672 25.46 -15.07 -14.69
N PHE A 673 24.25 -15.43 -14.26
CA PHE A 673 23.08 -14.76 -14.79
C PHE A 673 23.16 -13.26 -14.54
N ARG A 674 23.56 -12.87 -13.31
CA ARG A 674 23.64 -11.44 -13.05
C ARG A 674 24.87 -10.78 -13.67
N ARG A 675 25.91 -11.55 -14.03
CA ARG A 675 27.14 -11.00 -14.58
C ARG A 675 27.75 -12.01 -15.53
N PRO A 676 27.51 -11.88 -16.85
CA PRO A 676 28.15 -12.81 -17.78
C PRO A 676 29.56 -12.36 -18.18
N LYS B 1 -0.11 29.40 5.27
CA LYS B 1 -0.70 30.27 4.26
C LYS B 1 -0.52 29.71 2.85
N THR B 2 0.10 28.55 2.73
CA THR B 2 0.25 27.86 1.45
C THR B 2 -0.31 26.45 1.56
N VAL B 3 -1.03 26.03 0.51
CA VAL B 3 -1.61 24.70 0.42
C VAL B 3 -0.65 23.80 -0.33
N ARG B 4 -0.17 22.75 0.33
CA ARG B 4 0.76 21.79 -0.28
C ARG B 4 -0.06 20.69 -0.94
N TRP B 5 -0.25 20.80 -2.24
CA TRP B 5 -0.98 19.77 -2.96
C TRP B 5 -0.06 18.58 -3.18
N CYS B 6 -0.67 17.41 -3.32
CA CYS B 6 0.08 16.15 -3.44
C CYS B 6 -0.17 15.54 -4.82
N ALA B 7 0.87 15.47 -5.62
CA ALA B 7 0.77 14.85 -6.92
C ALA B 7 1.13 13.38 -6.82
N VAL B 8 0.62 12.62 -7.80
CA VAL B 8 0.67 11.17 -7.80
C VAL B 8 1.39 10.64 -9.03
N SER B 9 1.96 11.54 -9.83
CA SER B 9 2.62 11.20 -11.09
C SER B 9 3.34 12.46 -11.57
N GLU B 10 4.28 12.29 -12.49
CA GLU B 10 5.02 13.43 -13.00
C GLU B 10 4.12 14.39 -13.76
N HIS B 11 3.20 13.85 -14.57
CA HIS B 11 2.25 14.71 -15.27
C HIS B 11 1.43 15.55 -14.28
N GLU B 12 0.98 14.93 -13.19
CA GLU B 12 0.21 15.67 -12.19
C GLU B 12 1.07 16.75 -11.56
N ALA B 13 2.32 16.45 -11.22
CA ALA B 13 3.21 17.47 -10.69
C ALA B 13 3.32 18.66 -11.65
N THR B 14 3.42 18.38 -12.95
CA THR B 14 3.48 19.46 -13.92
C THR B 14 2.20 20.31 -13.89
N LYS B 15 1.05 19.64 -13.95
CA LYS B 15 -0.20 20.39 -13.90
C LYS B 15 -0.28 21.24 -12.64
N CYS B 16 0.12 20.68 -11.50
CA CYS B 16 0.14 21.41 -10.25
C CYS B 16 1.07 22.61 -10.31
N GLN B 17 2.22 22.47 -10.98
CA GLN B 17 3.15 23.59 -11.06
C GLN B 17 2.56 24.74 -11.88
N SER B 18 1.91 24.42 -12.99
CA SER B 18 1.29 25.49 -13.76
C SER B 18 0.08 26.07 -13.02
N PHE B 19 -0.66 25.22 -12.31
CA PHE B 19 -1.72 25.69 -11.41
C PHE B 19 -1.15 26.65 -10.38
N ARG B 20 0.06 26.37 -9.89
CA ARG B 20 0.71 27.27 -8.94
C ARG B 20 0.98 28.60 -9.61
N ASP B 21 1.59 28.56 -10.80
CA ASP B 21 1.97 29.79 -11.46
C ASP B 21 0.74 30.64 -11.74
N HIS B 22 -0.32 30.04 -12.28
CA HIS B 22 -1.52 30.79 -12.63
C HIS B 22 -2.27 31.29 -11.41
N MET B 23 -2.34 30.48 -10.33
CA MET B 23 -2.93 30.99 -9.10
C MET B 23 -2.13 32.14 -8.49
N LYS B 24 -0.84 32.25 -8.80
CA LYS B 24 -0.04 33.32 -8.21
C LYS B 24 -0.54 34.69 -8.64
N SER B 25 -1.30 34.77 -9.74
CA SER B 25 -1.83 36.04 -10.24
C SER B 25 -3.21 36.32 -9.64
N VAL B 26 -4.19 35.48 -9.97
CA VAL B 26 -5.57 35.73 -9.55
C VAL B 26 -5.66 36.07 -8.08
N ILE B 27 -4.79 35.47 -7.27
CA ILE B 27 -4.88 35.55 -5.82
C ILE B 27 -3.87 36.57 -5.32
N PRO B 28 -4.20 37.38 -4.31
CA PRO B 28 -3.27 38.41 -3.86
C PRO B 28 -2.26 37.85 -2.87
N SER B 29 -1.14 38.55 -2.75
CA SER B 29 -0.23 38.26 -1.65
C SER B 29 -1.00 38.43 -0.35
N ASP B 30 -0.54 37.74 0.69
CA ASP B 30 -1.31 37.63 1.93
C ASP B 30 -2.55 36.78 1.73
N GLY B 31 -2.50 35.88 0.74
CA GLY B 31 -3.58 34.95 0.46
C GLY B 31 -3.01 33.59 0.08
N PRO B 32 -3.89 32.61 -0.13
CA PRO B 32 -3.42 31.25 -0.44
C PRO B 32 -2.32 31.16 -1.49
N SER B 33 -1.40 30.23 -1.25
CA SER B 33 -0.38 29.85 -2.21
C SER B 33 -0.46 28.34 -2.39
N VAL B 34 0.14 27.86 -3.46
CA VAL B 34 0.12 26.43 -3.76
C VAL B 34 1.57 25.95 -3.86
N ALA B 35 1.82 24.79 -3.27
CA ALA B 35 3.06 24.06 -3.40
C ALA B 35 2.73 22.72 -4.04
N CYS B 36 3.70 22.15 -4.74
CA CYS B 36 3.50 20.87 -5.40
C CYS B 36 4.45 19.85 -4.80
N VAL B 37 3.89 18.97 -3.98
CA VAL B 37 4.59 17.83 -3.41
C VAL B 37 4.21 16.62 -4.26
N LYS B 38 5.20 15.81 -4.62
CA LYS B 38 4.99 14.73 -5.58
C LYS B 38 5.42 13.41 -4.95
N LYS B 39 4.45 12.54 -4.73
CA LYS B 39 4.67 11.23 -4.16
C LYS B 39 4.36 10.17 -5.22
N ALA B 40 4.50 8.90 -4.82
CA ALA B 40 4.46 7.79 -5.76
C ALA B 40 3.07 7.22 -5.95
N SER B 41 2.09 7.58 -5.12
CA SER B 41 0.83 6.87 -5.10
C SER B 41 -0.14 7.62 -4.21
N TYR B 42 -1.42 7.28 -4.34
CA TYR B 42 -2.42 7.87 -3.45
C TYR B 42 -2.15 7.51 -2.00
N LEU B 43 -1.84 6.23 -1.72
CA LEU B 43 -1.54 5.84 -0.35
C LEU B 43 -0.36 6.65 0.19
N ASP B 44 0.69 6.81 -0.61
CA ASP B 44 1.84 7.59 -0.18
C ASP B 44 1.45 9.04 0.07
N CYS B 45 0.58 9.61 -0.79
CA CYS B 45 0.10 10.96 -0.55
C CYS B 45 -0.67 11.06 0.77
N ILE B 46 -1.53 10.08 1.05
CA ILE B 46 -2.28 10.10 2.30
C ILE B 46 -1.33 10.10 3.49
N ARG B 47 -0.36 9.19 3.46
CA ARG B 47 0.62 9.14 4.55
C ARG B 47 1.40 10.44 4.64
N ALA B 48 1.70 11.05 3.50
CA ALA B 48 2.42 12.33 3.50
C ALA B 48 1.60 13.41 4.19
N ILE B 49 0.32 13.52 3.82
CA ILE B 49 -0.58 14.50 4.42
C ILE B 49 -0.68 14.28 5.92
N ALA B 50 -0.98 13.05 6.33
CA ALA B 50 -1.00 12.75 7.76
C ALA B 50 0.30 13.16 8.42
N ALA B 51 1.40 12.94 7.72
CA ALA B 51 2.74 13.23 8.23
C ALA B 51 3.12 14.70 8.04
N ASN B 52 2.18 15.54 7.63
CA ASN B 52 2.41 16.99 7.57
C ASN B 52 3.51 17.34 6.58
N GLU B 53 3.53 16.65 5.44
CA GLU B 53 4.37 16.99 4.31
C GLU B 53 3.53 17.43 3.10
N ALA B 54 2.22 17.35 3.22
CA ALA B 54 1.28 17.81 2.22
C ALA B 54 0.04 18.23 2.99
N ASP B 55 -0.95 18.75 2.27
CA ASP B 55 -2.13 19.23 2.97
C ASP B 55 -3.41 18.67 2.37
N ALA B 56 -3.41 18.43 1.06
CA ALA B 56 -4.64 18.07 0.38
C ALA B 56 -4.34 17.09 -0.74
N VAL B 57 -5.31 16.22 -1.02
CA VAL B 57 -5.28 15.43 -2.24
C VAL B 57 -6.69 14.94 -2.51
N THR B 58 -7.00 14.62 -3.76
CA THR B 58 -8.37 14.28 -4.13
C THR B 58 -8.47 12.81 -4.50
N LEU B 59 -9.55 12.17 -4.04
CA LEU B 59 -9.60 10.73 -3.88
C LEU B 59 -10.96 10.19 -4.28
N ASP B 60 -10.93 8.97 -4.81
CA ASP B 60 -12.12 8.15 -4.98
C ASP B 60 -12.63 7.73 -3.60
N ALA B 61 -13.92 7.37 -3.55
CA ALA B 61 -14.54 6.99 -2.28
C ALA B 61 -13.72 5.94 -1.53
N GLY B 62 -13.23 4.92 -2.24
CA GLY B 62 -12.45 3.89 -1.58
C GLY B 62 -11.26 4.46 -0.84
N LEU B 63 -10.52 5.34 -1.50
CA LEU B 63 -9.37 5.95 -0.84
C LEU B 63 -9.79 6.99 0.19
N VAL B 64 -10.97 7.60 0.07
CA VAL B 64 -11.49 8.41 1.17
C VAL B 64 -11.58 7.55 2.43
N TYR B 65 -12.10 6.32 2.27
CA TYR B 65 -12.19 5.44 3.43
C TYR B 65 -10.81 5.03 3.93
N ASP B 66 -9.90 4.67 3.01
CA ASP B 66 -8.54 4.34 3.43
C ASP B 66 -7.91 5.48 4.23
N ALA B 67 -8.07 6.72 3.74
CA ALA B 67 -7.46 7.87 4.39
C ALA B 67 -8.10 8.14 5.75
N TYR B 68 -9.37 7.79 5.91
CA TYR B 68 -10.02 7.98 7.20
C TYR B 68 -9.36 7.15 8.30
N LEU B 69 -8.88 5.95 7.97
CA LEU B 69 -8.47 5.00 8.99
C LEU B 69 -7.18 5.46 9.70
N ALA B 70 -7.01 4.95 10.92
CA ALA B 70 -5.78 5.18 11.67
C ALA B 70 -4.60 4.65 10.86
N PRO B 71 -3.43 5.30 10.95
CA PRO B 71 -3.07 6.48 11.75
C PRO B 71 -3.11 7.79 10.95
N ASN B 72 -3.73 7.74 9.78
CA ASN B 72 -3.84 8.91 8.91
C ASN B 72 -4.94 9.86 9.38
N ASN B 73 -6.17 9.35 9.48
CA ASN B 73 -7.32 10.10 9.98
C ASN B 73 -7.50 11.41 9.23
N LEU B 74 -7.67 11.30 7.93
CA LEU B 74 -7.98 12.45 7.09
C LEU B 74 -9.50 12.56 6.89
N LYS B 75 -9.94 13.73 6.46
CA LYS B 75 -11.37 14.01 6.35
C LYS B 75 -11.69 14.70 5.04
N PRO B 76 -12.90 14.50 4.51
CA PRO B 76 -13.30 15.23 3.30
C PRO B 76 -13.58 16.69 3.64
N VAL B 77 -13.13 17.58 2.73
CA VAL B 77 -13.17 19.01 2.99
C VAL B 77 -13.77 19.77 1.81
N VAL B 78 -13.51 19.29 0.59
CA VAL B 78 -14.05 19.90 -0.63
C VAL B 78 -14.49 18.77 -1.54
N ALA B 79 -15.51 19.03 -2.35
CA ALA B 79 -16.03 18.03 -3.27
C ALA B 79 -16.06 18.58 -4.69
N GLU B 80 -15.72 17.73 -5.65
CA GLU B 80 -15.99 18.03 -7.04
C GLU B 80 -17.48 17.81 -7.31
N PHE B 81 -18.05 18.63 -8.21
CA PHE B 81 -19.44 18.42 -8.62
C PHE B 81 -19.58 18.55 -10.13
N TYR B 82 -20.55 17.77 -10.63
CA TYR B 82 -20.57 17.21 -11.99
C TYR B 82 -21.83 17.63 -12.75
N GLY B 83 -22.37 18.81 -12.43
CA GLY B 83 -23.52 19.32 -13.16
C GLY B 83 -23.63 20.83 -13.14
N SER B 84 -24.70 21.32 -12.52
CA SER B 84 -24.95 22.75 -12.35
C SER B 84 -25.12 23.06 -10.87
N LYS B 85 -25.42 24.32 -10.56
CA LYS B 85 -25.49 24.73 -9.16
C LYS B 85 -26.66 24.05 -8.43
N GLU B 86 -27.86 24.10 -9.01
CA GLU B 86 -28.90 23.16 -8.60
C GLU B 86 -28.72 21.92 -9.46
N ASP B 87 -29.01 20.76 -8.88
CA ASP B 87 -28.61 19.47 -9.42
C ASP B 87 -27.10 19.44 -9.66
N PRO B 88 -26.28 19.75 -8.65
CA PRO B 88 -24.86 19.41 -8.72
C PRO B 88 -24.70 17.96 -8.31
N GLN B 89 -24.02 17.18 -9.14
CA GLN B 89 -24.03 15.73 -8.98
C GLN B 89 -22.71 15.29 -8.32
N THR B 90 -22.62 15.57 -7.03
CA THR B 90 -21.41 15.24 -6.29
C THR B 90 -21.39 13.78 -5.87
N PHE B 91 -22.56 13.18 -5.66
CA PHE B 91 -22.70 11.77 -5.32
C PHE B 91 -23.32 11.01 -6.48
N TYR B 92 -23.01 9.73 -6.58
CA TYR B 92 -23.72 8.81 -7.44
C TYR B 92 -24.27 7.68 -6.58
N TYR B 93 -25.13 6.84 -7.17
CA TYR B 93 -25.86 5.85 -6.41
C TYR B 93 -25.71 4.48 -7.06
N ALA B 94 -25.34 3.49 -6.24
CA ALA B 94 -25.22 2.12 -6.68
C ALA B 94 -26.53 1.40 -6.38
N VAL B 95 -27.13 0.82 -7.43
CA VAL B 95 -28.51 0.35 -7.42
C VAL B 95 -28.58 -1.03 -8.06
N ALA B 96 -29.62 -1.78 -7.68
CA ALA B 96 -29.89 -3.11 -8.20
C ALA B 96 -31.12 -3.02 -9.10
N VAL B 97 -30.89 -2.87 -10.40
CA VAL B 97 -31.99 -2.79 -11.37
C VAL B 97 -32.52 -4.20 -11.63
N VAL B 98 -33.84 -4.32 -11.72
CA VAL B 98 -34.50 -5.62 -11.79
C VAL B 98 -35.73 -5.50 -12.67
N LYS B 99 -36.15 -6.63 -13.22
CA LYS B 99 -37.37 -6.68 -14.02
C LYS B 99 -38.59 -6.41 -13.14
N LYS B 100 -39.58 -5.74 -13.72
CA LYS B 100 -40.82 -5.47 -12.99
C LYS B 100 -41.55 -6.77 -12.68
N ASP B 101 -42.04 -6.88 -11.45
CA ASP B 101 -42.81 -8.05 -11.00
C ASP B 101 -42.04 -9.35 -11.21
N SER B 102 -40.71 -9.30 -11.13
CA SER B 102 -39.92 -10.52 -11.14
C SER B 102 -39.95 -11.25 -9.80
N GLY B 103 -40.48 -10.61 -8.76
CA GLY B 103 -40.83 -11.29 -7.53
C GLY B 103 -39.70 -11.77 -6.64
N PHE B 104 -38.88 -10.84 -6.15
CA PHE B 104 -37.90 -11.17 -5.12
C PHE B 104 -37.29 -9.88 -4.59
N GLN B 105 -36.70 -9.97 -3.41
CA GLN B 105 -36.16 -8.80 -2.71
C GLN B 105 -34.67 -8.98 -2.43
N MET B 106 -34.06 -7.95 -1.85
CA MET B 106 -32.63 -7.98 -1.59
C MET B 106 -32.21 -9.17 -0.75
N ASN B 107 -33.11 -9.68 0.11
CA ASN B 107 -32.80 -10.80 0.98
C ASN B 107 -33.18 -12.14 0.36
N GLN B 108 -33.40 -12.17 -0.95
CA GLN B 108 -33.74 -13.40 -1.67
C GLN B 108 -32.91 -13.55 -2.94
N LEU B 109 -31.82 -12.78 -3.07
CA LEU B 109 -31.02 -12.85 -4.30
C LEU B 109 -30.36 -14.21 -4.46
N ARG B 110 -30.05 -14.89 -3.35
CA ARG B 110 -29.46 -16.23 -3.41
C ARG B 110 -30.19 -17.09 -4.44
N GLY B 111 -29.41 -17.75 -5.29
CA GLY B 111 -29.95 -18.62 -6.31
C GLY B 111 -30.29 -17.92 -7.61
N LYS B 112 -30.48 -16.61 -7.60
CA LYS B 112 -30.82 -15.86 -8.80
C LYS B 112 -29.58 -15.64 -9.66
N LYS B 113 -29.78 -15.03 -10.82
CA LYS B 113 -28.73 -14.81 -11.80
C LYS B 113 -28.35 -13.34 -11.81
N SER B 114 -27.05 -13.07 -11.72
CA SER B 114 -26.54 -11.72 -11.53
C SER B 114 -25.84 -11.22 -12.78
N CYS B 115 -25.71 -9.90 -12.86
CA CYS B 115 -25.01 -9.25 -13.96
C CYS B 115 -24.29 -8.02 -13.43
N HIS B 116 -22.99 -7.96 -13.66
CA HIS B 116 -22.12 -6.98 -13.04
C HIS B 116 -21.43 -6.15 -14.10
N THR B 117 -21.17 -4.88 -13.74
CA THR B 117 -20.39 -4.03 -14.63
C THR B 117 -18.99 -4.58 -14.82
N GLY B 118 -18.37 -5.04 -13.73
CA GLY B 118 -17.06 -5.63 -13.77
C GLY B 118 -16.58 -6.06 -12.41
N LEU B 119 -15.76 -7.11 -12.38
CA LEU B 119 -15.08 -7.51 -11.16
C LEU B 119 -14.21 -6.35 -10.68
N GLY B 120 -14.38 -5.98 -9.41
CA GLY B 120 -13.62 -4.89 -8.84
C GLY B 120 -14.18 -3.51 -9.10
N ARG B 121 -15.22 -3.38 -9.91
CA ARG B 121 -15.98 -2.14 -10.01
C ARG B 121 -16.86 -2.04 -8.77
N SER B 122 -16.77 -0.93 -8.04
CA SER B 122 -17.52 -0.87 -6.78
C SER B 122 -19.03 -0.77 -7.05
N ALA B 123 -19.42 0.14 -7.93
CA ALA B 123 -20.82 0.30 -8.34
C ALA B 123 -21.51 -1.02 -8.60
N GLY B 124 -20.82 -1.98 -9.22
CA GLY B 124 -21.43 -3.23 -9.60
C GLY B 124 -20.68 -4.48 -9.20
N TRP B 125 -19.74 -4.36 -8.27
CA TRP B 125 -19.19 -5.54 -7.60
C TRP B 125 -18.95 -5.27 -6.11
N ASN B 126 -18.07 -4.33 -5.78
CA ASN B 126 -17.62 -4.22 -4.40
C ASN B 126 -18.75 -3.81 -3.47
N ILE B 127 -19.62 -2.90 -3.90
CA ILE B 127 -20.72 -2.46 -3.05
C ILE B 127 -21.74 -3.59 -2.88
N PRO B 128 -22.27 -4.16 -3.97
CA PRO B 128 -23.29 -5.23 -3.78
C PRO B 128 -22.73 -6.47 -3.09
N ILE B 129 -21.55 -6.94 -3.49
CA ILE B 129 -21.01 -8.12 -2.85
C ILE B 129 -20.58 -7.81 -1.42
N GLY B 130 -20.12 -6.59 -1.15
CA GLY B 130 -19.83 -6.22 0.22
C GLY B 130 -21.08 -6.25 1.10
N LEU B 131 -22.19 -5.73 0.59
CA LEU B 131 -23.43 -5.75 1.35
C LEU B 131 -23.94 -7.18 1.54
N LEU B 132 -23.82 -8.01 0.50
CA LEU B 132 -24.30 -9.39 0.54
C LEU B 132 -23.34 -10.34 1.25
N TYR B 133 -22.15 -9.87 1.61
CA TYR B 133 -21.05 -10.74 2.03
C TYR B 133 -21.48 -11.80 3.02
N CYS B 134 -22.21 -11.42 4.06
CA CYS B 134 -22.52 -12.39 5.10
C CYS B 134 -23.58 -13.39 4.67
N ASP B 135 -24.25 -13.17 3.54
CA ASP B 135 -25.17 -14.15 2.99
C ASP B 135 -24.45 -15.22 2.17
N LEU B 136 -23.16 -15.02 1.85
CA LEU B 136 -22.41 -15.91 0.98
C LEU B 136 -21.97 -17.16 1.75
N PRO B 137 -21.84 -18.30 1.05
CA PRO B 137 -21.62 -19.56 1.76
C PRO B 137 -20.22 -19.67 2.37
N GLU B 138 -20.13 -20.55 3.37
CA GLU B 138 -19.14 -20.37 4.43
C GLU B 138 -17.70 -20.23 3.94
N PRO B 139 -17.21 -21.00 2.97
CA PRO B 139 -15.85 -20.74 2.48
C PRO B 139 -15.82 -19.45 1.66
N ARG B 140 -15.84 -18.32 2.37
CA ARG B 140 -15.98 -17.02 1.73
C ARG B 140 -14.70 -16.55 1.06
N LYS B 141 -13.56 -17.13 1.42
CA LYS B 141 -12.32 -16.91 0.69
C LYS B 141 -12.00 -18.14 -0.14
N PRO B 142 -11.72 -17.99 -1.45
CA PRO B 142 -11.72 -16.71 -2.17
C PRO B 142 -13.15 -16.22 -2.45
N LEU B 143 -13.29 -14.90 -2.63
CA LEU B 143 -14.61 -14.30 -2.76
C LEU B 143 -15.31 -14.75 -4.06
N GLU B 144 -14.57 -14.77 -5.16
CA GLU B 144 -15.15 -15.13 -6.45
C GLU B 144 -15.89 -16.47 -6.36
N LYS B 145 -15.30 -17.46 -5.70
CA LYS B 145 -15.93 -18.77 -5.59
C LYS B 145 -17.19 -18.73 -4.71
N ALA B 146 -17.15 -17.93 -3.64
CA ALA B 146 -18.33 -17.84 -2.77
C ALA B 146 -19.49 -17.18 -3.51
N VAL B 147 -19.21 -16.12 -4.25
CA VAL B 147 -20.23 -15.51 -5.11
C VAL B 147 -20.75 -16.54 -6.11
N ALA B 148 -19.84 -17.31 -6.72
CA ALA B 148 -20.23 -18.34 -7.66
C ALA B 148 -21.25 -19.28 -7.05
N ASN B 149 -20.98 -19.76 -5.84
CA ASN B 149 -21.92 -20.66 -5.18
C ASN B 149 -23.19 -19.94 -4.75
N PHE B 150 -23.12 -18.62 -4.59
CA PHE B 150 -24.30 -17.86 -4.17
C PHE B 150 -25.32 -17.75 -5.30
N PHE B 151 -24.91 -17.21 -6.45
CA PHE B 151 -25.90 -16.91 -7.49
C PHE B 151 -26.25 -18.12 -8.34
N SER B 152 -25.26 -18.93 -8.72
CA SER B 152 -25.51 -20.09 -9.58
C SER B 152 -25.79 -19.63 -11.03
N GLY B 153 -25.01 -18.67 -11.51
CA GLY B 153 -25.13 -18.18 -12.87
C GLY B 153 -25.03 -16.68 -12.94
N SER B 154 -23.93 -16.17 -13.50
CA SER B 154 -23.67 -14.74 -13.51
C SER B 154 -22.95 -14.39 -14.80
N CYS B 155 -22.79 -13.10 -15.05
CA CYS B 155 -21.64 -12.65 -15.82
C CYS B 155 -20.93 -11.54 -15.08
N ALA B 156 -19.70 -11.82 -14.67
CA ALA B 156 -18.84 -10.91 -13.93
C ALA B 156 -17.64 -10.64 -14.82
N PRO B 157 -17.68 -9.61 -15.67
CA PRO B 157 -16.53 -9.36 -16.55
C PRO B 157 -15.26 -9.16 -15.75
N CYS B 158 -14.18 -9.75 -16.27
CA CYS B 158 -12.83 -9.73 -15.71
C CYS B 158 -12.68 -10.78 -14.60
N ALA B 159 -13.69 -11.59 -14.32
CA ALA B 159 -13.57 -12.65 -13.33
C ALA B 159 -12.84 -13.85 -13.93
N ASP B 160 -12.37 -14.73 -13.05
CA ASP B 160 -11.56 -15.87 -13.46
C ASP B 160 -12.50 -16.99 -13.88
N GLY B 161 -12.78 -17.07 -15.18
CA GLY B 161 -13.66 -18.10 -15.68
C GLY B 161 -13.06 -19.50 -15.54
N THR B 162 -11.79 -19.65 -15.90
CA THR B 162 -11.16 -20.97 -15.87
C THR B 162 -11.34 -21.64 -14.51
N ASP B 163 -11.25 -20.87 -13.42
CA ASP B 163 -11.37 -21.43 -12.08
C ASP B 163 -12.81 -21.43 -11.56
N PHE B 164 -13.56 -20.37 -11.80
CA PHE B 164 -14.92 -20.20 -11.25
C PHE B 164 -15.87 -19.94 -12.40
N PRO B 165 -16.33 -20.98 -13.09
CA PRO B 165 -17.02 -20.76 -14.37
C PRO B 165 -18.39 -20.15 -14.25
N GLN B 166 -19.11 -20.36 -13.14
CA GLN B 166 -20.46 -19.84 -13.05
C GLN B 166 -20.49 -18.32 -13.22
N LEU B 167 -19.37 -17.65 -12.95
CA LEU B 167 -19.33 -16.19 -13.07
C LEU B 167 -19.29 -15.72 -14.51
N CYS B 168 -19.10 -16.62 -15.47
CA CYS B 168 -19.11 -16.28 -16.89
C CYS B 168 -20.28 -16.91 -17.63
N GLN B 169 -21.14 -17.64 -16.93
CA GLN B 169 -22.23 -18.36 -17.59
C GLN B 169 -22.99 -17.45 -18.56
N LEU B 170 -23.14 -16.17 -18.23
CA LEU B 170 -23.96 -15.26 -19.00
C LEU B 170 -23.19 -14.51 -20.09
N CYS B 171 -21.90 -14.25 -19.91
CA CYS B 171 -21.02 -13.88 -21.03
C CYS B 171 -19.78 -14.77 -20.89
N PRO B 172 -19.78 -15.93 -21.56
CA PRO B 172 -18.69 -16.89 -21.39
C PRO B 172 -17.33 -16.30 -21.73
N GLY B 173 -16.35 -16.63 -20.90
CA GLY B 173 -15.04 -16.04 -21.00
C GLY B 173 -14.85 -14.81 -20.13
N CYS B 174 -15.92 -14.27 -19.58
CA CYS B 174 -15.86 -13.10 -18.71
C CYS B 174 -14.99 -12.01 -19.33
N GLY B 175 -15.36 -11.61 -20.54
CA GLY B 175 -14.63 -10.56 -21.22
C GLY B 175 -14.47 -9.38 -20.29
N CYS B 176 -13.36 -8.67 -20.42
CA CYS B 176 -13.09 -7.46 -19.63
C CYS B 176 -13.04 -6.25 -20.56
N SER B 177 -13.76 -6.35 -21.68
CA SER B 177 -13.66 -5.37 -22.76
C SER B 177 -15.02 -5.17 -23.41
N THR B 178 -15.15 -4.05 -24.12
CA THR B 178 -16.36 -3.76 -24.88
C THR B 178 -16.69 -4.84 -25.90
N LEU B 179 -15.70 -5.63 -26.34
CA LEU B 179 -16.01 -6.80 -27.17
C LEU B 179 -17.17 -7.57 -26.57
N ASN B 180 -17.18 -7.68 -25.24
CA ASN B 180 -18.20 -8.41 -24.50
C ASN B 180 -19.45 -7.55 -24.39
N GLN B 181 -20.55 -8.03 -24.99
CA GLN B 181 -21.80 -7.28 -25.01
C GLN B 181 -22.37 -7.04 -23.63
N TYR B 182 -22.05 -7.89 -22.65
CA TYR B 182 -22.54 -7.73 -21.29
C TYR B 182 -21.47 -7.18 -20.34
N PHE B 183 -20.51 -6.42 -20.87
CA PHE B 183 -19.46 -5.81 -20.05
C PHE B 183 -19.76 -4.33 -19.87
N GLY B 184 -19.46 -3.82 -18.69
CA GLY B 184 -19.65 -2.42 -18.39
C GLY B 184 -21.04 -2.11 -17.87
N TYR B 185 -21.36 -0.82 -17.88
CA TYR B 185 -22.69 -0.38 -17.48
C TYR B 185 -23.72 -0.76 -18.53
N SER B 186 -23.52 -0.28 -19.76
CA SER B 186 -24.39 -0.67 -20.86
C SER B 186 -24.51 -2.18 -20.96
N GLY B 187 -23.40 -2.91 -20.78
CA GLY B 187 -23.43 -4.35 -20.95
C GLY B 187 -24.14 -5.07 -19.82
N ALA B 188 -23.82 -4.72 -18.58
CA ALA B 188 -24.50 -5.31 -17.44
C ALA B 188 -25.99 -5.05 -17.52
N PHE B 189 -26.39 -3.91 -18.09
CA PHE B 189 -27.82 -3.65 -18.25
C PHE B 189 -28.41 -4.47 -19.39
N LYS B 190 -27.71 -4.54 -20.53
CA LYS B 190 -28.20 -5.34 -21.65
C LYS B 190 -28.44 -6.78 -21.24
N CYS B 191 -27.56 -7.33 -20.38
CA CYS B 191 -27.78 -8.69 -19.93
C CYS B 191 -29.16 -8.85 -19.31
N LEU B 192 -29.59 -7.84 -18.54
CA LEU B 192 -30.91 -7.90 -17.90
C LEU B 192 -32.01 -7.68 -18.91
N LYS B 193 -31.85 -6.69 -19.78
CA LYS B 193 -32.78 -6.46 -20.86
C LYS B 193 -33.02 -7.75 -21.64
N ASP B 194 -31.96 -8.52 -21.88
CA ASP B 194 -32.05 -9.76 -22.65
C ASP B 194 -32.51 -10.95 -21.82
N GLY B 195 -32.80 -10.75 -20.54
CA GLY B 195 -33.23 -11.85 -19.70
C GLY B 195 -32.18 -12.90 -19.43
N ALA B 196 -30.91 -12.59 -19.69
CA ALA B 196 -29.84 -13.48 -19.25
C ALA B 196 -29.77 -13.51 -17.73
N GLY B 197 -29.84 -12.35 -17.10
CA GLY B 197 -29.77 -12.26 -15.65
C GLY B 197 -31.04 -11.75 -15.01
N ASP B 198 -31.17 -11.98 -13.69
CA ASP B 198 -32.31 -11.53 -12.93
C ASP B 198 -32.13 -10.12 -12.38
N VAL B 199 -30.89 -9.72 -12.11
CA VAL B 199 -30.58 -8.45 -11.47
C VAL B 199 -29.30 -7.90 -12.06
N ALA B 200 -29.28 -6.60 -12.31
CA ALA B 200 -28.08 -5.90 -12.80
C ALA B 200 -27.66 -4.88 -11.77
N PHE B 201 -26.46 -5.02 -11.25
CA PHE B 201 -25.90 -4.06 -10.29
C PHE B 201 -25.20 -2.96 -11.09
N VAL B 202 -25.73 -1.74 -11.00
CA VAL B 202 -25.30 -0.68 -11.90
C VAL B 202 -25.46 0.66 -11.20
N LYS B 203 -25.34 1.75 -11.95
CA LYS B 203 -25.45 3.10 -11.43
C LYS B 203 -26.83 3.67 -11.75
N HIS B 204 -27.29 4.56 -10.87
CA HIS B 204 -28.59 5.20 -11.06
C HIS B 204 -28.75 5.73 -12.48
N SER B 205 -27.69 6.35 -13.02
CA SER B 205 -27.78 6.98 -14.33
C SER B 205 -27.91 5.96 -15.45
N THR B 206 -27.62 4.69 -15.17
CA THR B 206 -27.38 3.74 -16.25
C THR B 206 -28.65 3.40 -16.99
N ILE B 207 -29.78 3.26 -16.30
CA ILE B 207 -31.04 2.95 -16.97
C ILE B 207 -31.42 4.08 -17.92
N PHE B 208 -31.15 5.32 -17.53
CA PHE B 208 -31.59 6.47 -18.31
C PHE B 208 -30.77 6.61 -19.58
N GLU B 209 -29.46 6.34 -19.50
CA GLU B 209 -28.73 5.86 -20.65
C GLU B 209 -29.26 4.46 -20.99
N ASN B 210 -29.25 4.10 -22.27
CA ASN B 210 -29.67 2.78 -22.73
C ASN B 210 -31.18 2.54 -22.74
N LEU B 211 -32.01 3.54 -22.44
CA LEU B 211 -33.46 3.37 -22.58
C LEU B 211 -34.09 4.76 -22.56
N ALA B 212 -34.44 5.26 -23.74
CA ALA B 212 -34.86 6.65 -23.88
C ALA B 212 -36.30 6.84 -23.42
N ASN B 213 -37.19 5.91 -23.75
CA ASN B 213 -38.60 6.09 -23.46
C ASN B 213 -38.94 5.69 -22.04
N LYS B 214 -39.70 6.56 -21.36
CA LYS B 214 -40.26 6.22 -20.05
C LYS B 214 -41.05 4.92 -20.10
N ALA B 215 -41.75 4.70 -21.21
CA ALA B 215 -42.57 3.50 -21.37
C ALA B 215 -41.79 2.24 -21.02
N ASP B 216 -40.65 2.04 -21.66
CA ASP B 216 -39.88 0.82 -21.44
C ASP B 216 -39.31 0.77 -20.03
N ARG B 217 -38.81 1.91 -19.54
CA ARG B 217 -38.26 1.97 -18.20
C ARG B 217 -39.28 1.55 -17.15
N ASP B 218 -40.56 1.80 -17.41
CA ASP B 218 -41.59 1.51 -16.40
C ASP B 218 -41.72 0.03 -16.07
N GLN B 219 -41.19 -0.86 -16.90
CA GLN B 219 -41.13 -2.28 -16.57
C GLN B 219 -39.78 -2.67 -15.96
N TYR B 220 -39.09 -1.71 -15.33
CA TYR B 220 -37.94 -1.97 -14.49
C TYR B 220 -38.12 -1.33 -13.12
N GLU B 221 -37.71 -2.06 -12.09
CA GLU B 221 -37.76 -1.64 -10.70
C GLU B 221 -36.36 -1.67 -10.11
N LEU B 222 -36.27 -1.31 -8.83
CA LEU B 222 -35.02 -1.23 -8.10
C LEU B 222 -35.21 -1.89 -6.74
N LEU B 223 -34.26 -2.74 -6.37
CA LEU B 223 -34.23 -3.33 -5.04
C LEU B 223 -33.72 -2.32 -4.03
N CYS B 224 -34.47 -2.10 -2.96
CA CYS B 224 -34.02 -1.29 -1.83
C CYS B 224 -33.55 -2.20 -0.71
N LEU B 225 -32.75 -1.64 0.20
CA LEU B 225 -32.13 -2.44 1.25
C LEU B 225 -33.13 -2.95 2.26
N ASP B 226 -34.24 -2.26 2.44
CA ASP B 226 -35.31 -2.69 3.34
C ASP B 226 -36.14 -3.85 2.78
N ASN B 227 -35.75 -4.43 1.65
CA ASN B 227 -36.49 -5.53 1.01
C ASN B 227 -37.86 -5.06 0.51
N THR B 228 -37.92 -3.83 0.03
CA THR B 228 -38.98 -3.35 -0.85
C THR B 228 -38.34 -2.96 -2.17
N ARG B 229 -39.15 -2.52 -3.13
CA ARG B 229 -38.68 -2.04 -4.42
C ARG B 229 -39.15 -0.61 -4.64
N LYS B 230 -38.68 0.01 -5.72
CA LYS B 230 -39.20 1.29 -6.16
C LYS B 230 -38.94 1.44 -7.66
N PRO B 231 -39.65 2.35 -8.33
CA PRO B 231 -39.30 2.65 -9.73
C PRO B 231 -37.89 3.21 -9.84
N VAL B 232 -37.27 2.96 -10.99
CA VAL B 232 -35.89 3.42 -11.21
C VAL B 232 -35.81 4.93 -11.07
N ASP B 233 -36.95 5.61 -11.22
CA ASP B 233 -37.01 7.06 -11.05
C ASP B 233 -36.63 7.48 -9.62
N GLU B 234 -36.78 6.60 -8.65
CA GLU B 234 -36.70 6.96 -7.23
C GLU B 234 -35.43 6.41 -6.57
N TYR B 235 -34.30 6.46 -7.31
CA TYR B 235 -33.07 5.82 -6.81
C TYR B 235 -32.54 6.49 -5.56
N LYS B 236 -32.80 7.79 -5.38
CA LYS B 236 -32.38 8.49 -4.17
C LYS B 236 -33.02 7.90 -2.92
N ASP B 237 -34.10 7.14 -3.07
CA ASP B 237 -34.77 6.47 -1.96
C ASP B 237 -34.74 4.96 -2.10
N CYS B 238 -33.94 4.44 -3.01
CA CYS B 238 -33.84 2.99 -3.21
C CYS B 238 -32.50 2.65 -3.83
N HIS B 239 -31.41 2.91 -3.10
CA HIS B 239 -30.08 2.59 -3.57
C HIS B 239 -29.37 1.67 -2.58
N LEU B 240 -28.44 0.89 -3.11
CA LEU B 240 -27.53 0.14 -2.25
C LEU B 240 -26.56 1.09 -1.57
N ALA B 241 -26.05 2.08 -2.31
CA ALA B 241 -25.13 2.99 -1.65
C ALA B 241 -25.10 4.34 -2.35
N GLN B 242 -24.73 5.35 -1.57
CA GLN B 242 -24.48 6.70 -2.07
C GLN B 242 -23.00 6.99 -1.94
N VAL B 243 -22.37 7.40 -3.03
CA VAL B 243 -20.91 7.35 -3.18
C VAL B 243 -20.40 8.69 -3.70
N PRO B 244 -19.46 9.33 -2.99
CA PRO B 244 -18.87 10.58 -3.50
C PRO B 244 -17.90 10.30 -4.64
N SER B 245 -18.08 11.03 -5.75
CA SER B 245 -17.28 10.80 -6.95
C SER B 245 -15.80 11.09 -6.71
N HIS B 246 -15.45 12.37 -6.55
CA HIS B 246 -14.07 12.80 -6.33
C HIS B 246 -14.06 13.79 -5.18
N THR B 247 -13.30 13.47 -4.13
CA THR B 247 -13.37 14.19 -2.85
C THR B 247 -11.98 14.62 -2.40
N VAL B 248 -11.80 15.89 -2.09
CA VAL B 248 -10.53 16.38 -1.56
C VAL B 248 -10.49 16.10 -0.07
N VAL B 249 -9.34 15.61 0.41
CA VAL B 249 -9.15 15.32 1.82
C VAL B 249 -7.96 16.11 2.34
N ALA B 250 -8.03 16.38 3.65
CA ALA B 250 -7.04 17.09 4.45
C ALA B 250 -7.03 16.48 5.84
N ARG B 251 -5.97 16.75 6.59
CA ARG B 251 -5.91 16.34 8.00
C ARG B 251 -7.18 16.77 8.73
N SER B 252 -7.51 16.09 9.83
CA SER B 252 -8.68 16.49 10.61
C SER B 252 -8.36 17.68 11.51
N MET B 253 -7.25 17.62 12.24
CA MET B 253 -6.95 18.63 13.25
C MET B 253 -6.24 19.85 12.66
N GLY B 254 -5.04 19.66 12.09
CA GLY B 254 -4.29 20.79 11.58
C GLY B 254 -4.33 20.90 10.06
N GLY B 255 -5.52 20.78 9.48
CA GLY B 255 -5.61 20.43 8.07
C GLY B 255 -5.45 21.56 7.09
N LYS B 256 -5.70 22.80 7.50
CA LYS B 256 -5.81 23.94 6.61
C LYS B 256 -7.06 23.89 5.73
N GLU B 257 -8.09 23.14 6.14
CA GLU B 257 -9.27 22.97 5.28
C GLU B 257 -9.73 24.32 4.73
N ASP B 258 -9.68 25.36 5.56
CA ASP B 258 -10.17 26.68 5.14
C ASP B 258 -9.31 27.26 4.02
N LEU B 259 -7.99 27.19 4.18
CA LEU B 259 -7.09 27.56 3.09
C LEU B 259 -7.40 26.76 1.82
N ILE B 260 -7.56 25.43 1.95
CA ILE B 260 -7.87 24.63 0.77
C ILE B 260 -9.10 25.19 0.06
N TRP B 261 -10.17 25.48 0.81
CA TRP B 261 -11.40 25.90 0.16
C TRP B 261 -11.26 27.28 -0.46
N GLU B 262 -10.68 28.23 0.28
CA GLU B 262 -10.35 29.53 -0.30
C GLU B 262 -9.65 29.35 -1.64
N LEU B 263 -8.59 28.54 -1.63
CA LEU B 263 -7.77 28.35 -2.81
C LEU B 263 -8.60 27.82 -3.97
N LEU B 264 -9.29 26.71 -3.74
CA LEU B 264 -9.98 26.04 -4.85
C LEU B 264 -11.17 26.86 -5.34
N ASN B 265 -11.89 27.50 -4.44
CA ASN B 265 -13.00 28.36 -4.84
C ASN B 265 -12.51 29.47 -5.76
N GLN B 266 -11.44 30.14 -5.35
CA GLN B 266 -10.81 31.12 -6.25
C GLN B 266 -10.42 30.47 -7.58
N ALA B 267 -9.75 29.33 -7.51
CA ALA B 267 -9.28 28.63 -8.70
C ALA B 267 -10.41 28.37 -9.69
N GLN B 268 -11.52 27.84 -9.19
CA GLN B 268 -12.66 27.53 -10.04
C GLN B 268 -13.35 28.79 -10.54
N GLU B 269 -13.20 29.91 -9.83
CA GLU B 269 -13.74 31.16 -10.35
C GLU B 269 -12.91 31.68 -11.53
N HIS B 270 -11.59 31.60 -11.43
CA HIS B 270 -10.73 32.17 -12.47
C HIS B 270 -10.36 31.18 -13.56
N PHE B 271 -10.20 29.90 -13.26
CA PHE B 271 -9.89 28.89 -14.26
C PHE B 271 -10.87 27.73 -14.12
N GLY B 272 -10.85 26.84 -15.11
CA GLY B 272 -11.76 25.72 -15.13
C GLY B 272 -13.18 26.12 -15.44
N LYS B 273 -13.95 25.22 -16.05
CA LYS B 273 -15.33 25.46 -16.44
C LYS B 273 -15.44 26.72 -17.32
N ASP B 274 -14.65 26.74 -18.39
CA ASP B 274 -14.73 27.79 -19.40
C ASP B 274 -14.56 29.18 -18.78
N LYS B 275 -13.84 29.28 -17.67
CA LYS B 275 -13.56 30.56 -17.04
C LYS B 275 -12.31 31.21 -17.61
N SER B 276 -11.48 30.46 -18.33
CA SER B 276 -10.26 30.99 -18.93
C SER B 276 -9.75 29.97 -19.94
N LYS B 277 -8.98 30.48 -20.90
CA LYS B 277 -8.28 29.65 -21.87
C LYS B 277 -6.79 29.51 -21.55
N GLU B 278 -6.22 30.47 -20.82
CA GLU B 278 -4.82 30.40 -20.44
C GLU B 278 -4.51 29.07 -19.76
N PHE B 279 -5.19 28.81 -18.64
CA PHE B 279 -5.03 27.57 -17.90
C PHE B 279 -6.42 27.09 -17.51
N GLN B 280 -6.64 25.77 -17.62
CA GLN B 280 -7.93 25.17 -17.32
CA GLN B 280 -7.93 25.17 -17.31
C GLN B 280 -7.69 24.03 -16.33
N LEU B 281 -8.19 24.19 -15.11
CA LEU B 281 -7.89 23.31 -14.00
C LEU B 281 -8.56 21.94 -14.12
N PHE B 282 -9.64 21.84 -14.87
CA PHE B 282 -10.38 20.60 -15.07
C PHE B 282 -10.13 20.05 -16.47
N SER B 283 -8.91 20.21 -16.97
CA SER B 283 -8.56 19.75 -18.32
C SER B 283 -7.07 19.48 -18.35
N SER B 284 -6.71 18.23 -18.65
CA SER B 284 -5.33 17.79 -18.53
C SER B 284 -4.60 18.00 -19.85
N PRO B 285 -3.55 18.84 -19.88
CA PRO B 285 -2.81 19.02 -21.13
C PRO B 285 -1.83 17.89 -21.42
N HIS B 286 -1.50 17.08 -20.41
CA HIS B 286 -0.48 16.05 -20.53
C HIS B 286 -1.02 14.63 -20.34
N GLY B 287 -2.16 14.47 -19.67
CA GLY B 287 -2.75 13.17 -19.45
C GLY B 287 -4.25 13.27 -19.47
N LYS B 288 -4.92 12.59 -18.53
CA LYS B 288 -6.36 12.73 -18.33
C LYS B 288 -6.67 12.60 -16.84
N ASP B 289 -7.61 13.43 -16.37
CA ASP B 289 -8.05 13.44 -14.97
C ASP B 289 -6.90 13.72 -14.01
N LEU B 290 -6.03 14.64 -14.37
CA LEU B 290 -4.88 14.98 -13.54
C LEU B 290 -5.33 15.94 -12.43
N LEU B 291 -5.03 15.59 -11.18
CA LEU B 291 -5.43 16.36 -10.01
C LEU B 291 -6.93 16.27 -9.75
N PHE B 292 -7.73 16.41 -10.81
CA PHE B 292 -9.18 16.47 -10.70
C PHE B 292 -9.79 15.78 -11.92
N LYS B 293 -10.98 15.22 -11.74
CA LYS B 293 -11.66 14.61 -12.86
C LYS B 293 -12.01 15.69 -13.87
N ASP B 294 -11.78 15.40 -15.15
CA ASP B 294 -12.09 16.37 -16.20
C ASP B 294 -13.59 16.49 -16.42
N SER B 295 -14.38 15.63 -15.77
CA SER B 295 -15.83 15.82 -15.73
C SER B 295 -16.21 17.03 -14.90
N ALA B 296 -15.52 17.24 -13.78
CA ALA B 296 -15.95 18.17 -12.76
C ALA B 296 -16.28 19.54 -13.34
N HIS B 297 -17.47 20.03 -13.01
CA HIS B 297 -17.85 21.41 -13.32
C HIS B 297 -17.47 22.38 -12.23
N GLY B 298 -17.26 21.92 -11.00
CA GLY B 298 -16.72 22.83 -10.00
C GLY B 298 -16.45 22.15 -8.67
N PHE B 299 -16.30 22.99 -7.64
CA PHE B 299 -16.08 22.56 -6.27
C PHE B 299 -17.22 23.04 -5.37
N LEU B 300 -17.40 22.32 -4.25
CA LEU B 300 -18.33 22.68 -3.19
C LEU B 300 -17.65 22.43 -1.85
N LYS B 301 -17.75 23.38 -0.94
CA LYS B 301 -17.18 23.20 0.40
C LYS B 301 -17.99 22.15 1.15
N VAL B 302 -17.30 21.15 1.71
CA VAL B 302 -17.94 20.15 2.54
C VAL B 302 -18.17 20.72 3.92
N PRO B 303 -19.35 20.54 4.52
CA PRO B 303 -19.59 21.07 5.87
C PRO B 303 -18.54 20.58 6.86
N PRO B 304 -18.26 21.37 7.90
CA PRO B 304 -17.14 21.02 8.80
C PRO B 304 -17.39 19.78 9.64
N ARG B 305 -18.64 19.45 9.93
CA ARG B 305 -18.99 18.36 10.84
C ARG B 305 -18.73 17.00 10.23
N MET B 306 -18.53 16.93 8.92
CA MET B 306 -18.49 15.66 8.22
C MET B 306 -17.21 14.89 8.55
N ASP B 307 -17.37 13.62 8.92
CA ASP B 307 -16.27 12.67 8.93
C ASP B 307 -16.49 11.68 7.80
N ALA B 308 -15.45 10.90 7.49
CA ALA B 308 -15.50 10.05 6.30
C ALA B 308 -16.67 9.09 6.36
N LYS B 309 -16.91 8.46 7.52
CA LYS B 309 -18.04 7.56 7.65
C LYS B 309 -19.35 8.26 7.33
N MET B 310 -19.55 9.46 7.87
CA MET B 310 -20.79 10.19 7.59
C MET B 310 -20.92 10.50 6.11
N TYR B 311 -19.81 10.86 5.48
CA TYR B 311 -19.81 11.26 4.07
C TYR B 311 -20.14 10.08 3.17
N LEU B 312 -19.43 8.96 3.37
CA LEU B 312 -19.63 7.79 2.53
C LEU B 312 -21.02 7.20 2.75
N GLY B 313 -21.54 7.29 3.97
CA GLY B 313 -22.81 6.69 4.32
C GLY B 313 -22.63 5.33 4.97
N TYR B 314 -23.62 4.94 5.77
CA TYR B 314 -23.51 3.69 6.51
C TYR B 314 -23.47 2.48 5.57
N GLU B 315 -24.24 2.52 4.48
CA GLU B 315 -24.26 1.41 3.54
C GLU B 315 -22.86 1.14 2.97
N TYR B 316 -22.20 2.20 2.50
CA TYR B 316 -20.88 2.05 1.91
C TYR B 316 -19.87 1.52 2.92
N VAL B 317 -19.89 2.08 4.14
CA VAL B 317 -18.97 1.60 5.17
C VAL B 317 -19.21 0.12 5.44
N THR B 318 -20.48 -0.29 5.51
CA THR B 318 -20.77 -1.72 5.65
C THR B 318 -20.11 -2.51 4.53
N ALA B 319 -20.28 -2.05 3.29
CA ALA B 319 -19.76 -2.82 2.15
C ALA B 319 -18.25 -3.00 2.27
N ILE B 320 -17.53 -1.89 2.43
CA ILE B 320 -16.08 -1.97 2.38
C ILE B 320 -15.54 -2.65 3.63
N ARG B 321 -16.16 -2.41 4.79
CA ARG B 321 -15.78 -3.13 6.00
C ARG B 321 -15.92 -4.64 5.81
N ASN B 322 -17.07 -5.08 5.32
CA ASN B 322 -17.25 -6.51 5.08
C ASN B 322 -16.14 -7.05 4.17
N LEU B 323 -15.87 -6.37 3.06
CA LEU B 323 -14.89 -6.91 2.13
C LEU B 323 -13.47 -6.90 2.70
N ARG B 324 -13.16 -5.96 3.60
CA ARG B 324 -11.81 -5.84 4.14
C ARG B 324 -11.63 -6.72 5.37
N GLU B 325 -12.43 -6.46 6.41
CA GLU B 325 -12.30 -7.15 7.69
C GLU B 325 -12.78 -8.59 7.59
N GLY B 326 -13.88 -8.82 6.88
CA GLY B 326 -14.39 -10.17 6.71
C GLY B 326 -14.86 -10.79 8.00
N THR B 327 -15.86 -10.18 8.65
CA THR B 327 -16.34 -10.63 9.95
C THR B 327 -17.86 -10.66 9.93
N CYS B 328 -18.42 -11.87 9.90
CA CYS B 328 -19.85 -12.05 9.98
C CYS B 328 -20.26 -12.59 11.34
N PRO B 329 -21.35 -12.10 11.92
CA PRO B 329 -21.85 -12.67 13.18
C PRO B 329 -22.48 -14.03 12.92
N GLU B 330 -22.82 -14.70 14.01
CA GLU B 330 -23.60 -15.92 13.97
C GLU B 330 -25.06 -15.68 14.35
N ALA B 331 -25.41 -14.44 14.65
CA ALA B 331 -26.73 -14.11 15.16
C ALA B 331 -27.82 -14.58 14.19
N PRO B 332 -28.96 -15.05 14.69
CA PRO B 332 -30.04 -15.50 13.80
C PRO B 332 -30.81 -14.35 13.20
N THR B 333 -31.11 -14.47 11.91
CA THR B 333 -31.90 -13.48 11.18
C THR B 333 -33.09 -12.97 11.97
N ASP B 334 -33.77 -13.86 12.69
CA ASP B 334 -35.05 -13.52 13.29
C ASP B 334 -34.90 -12.69 14.56
N GLU B 335 -33.97 -13.06 15.44
CA GLU B 335 -33.87 -12.37 16.73
C GLU B 335 -33.56 -10.89 16.54
N CYS B 336 -33.87 -10.12 17.58
CA CYS B 336 -33.52 -8.70 17.63
C CYS B 336 -32.24 -8.53 18.45
N LYS B 337 -31.35 -7.68 17.95
CA LYS B 337 -30.15 -7.36 18.68
C LYS B 337 -30.53 -6.55 19.91
N PRO B 338 -29.70 -6.56 20.96
CA PRO B 338 -29.93 -5.61 22.06
C PRO B 338 -29.94 -4.20 21.50
N VAL B 339 -30.93 -3.42 21.91
CA VAL B 339 -31.04 -2.05 21.42
C VAL B 339 -30.07 -1.19 22.24
N LYS B 340 -29.11 -0.59 21.56
CA LYS B 340 -28.09 0.23 22.21
C LYS B 340 -28.60 1.66 22.28
N TRP B 341 -28.83 2.14 23.49
CA TRP B 341 -29.40 3.45 23.75
C TRP B 341 -28.28 4.45 23.96
N CYS B 342 -28.49 5.67 23.47
CA CYS B 342 -27.45 6.70 23.51
C CYS B 342 -27.67 7.61 24.71
N ALA B 343 -26.71 7.61 25.62
CA ALA B 343 -26.67 8.53 26.75
C ALA B 343 -25.71 9.66 26.43
N LEU B 344 -26.08 10.88 26.83
CA LEU B 344 -25.30 12.07 26.55
C LEU B 344 -24.94 12.84 27.80
N SER B 345 -24.87 12.15 28.94
CA SER B 345 -24.33 12.74 30.16
C SER B 345 -24.00 11.62 31.13
N HIS B 346 -23.19 11.96 32.13
CA HIS B 346 -22.77 10.96 33.11
C HIS B 346 -23.96 10.36 33.82
N HIS B 347 -24.93 11.19 34.20
CA HIS B 347 -26.11 10.68 34.89
C HIS B 347 -27.00 9.91 33.93
N GLU B 348 -27.09 10.35 32.67
CA GLU B 348 -27.84 9.57 31.69
C GLU B 348 -27.19 8.21 31.49
N ARG B 349 -25.85 8.16 31.44
CA ARG B 349 -25.19 6.87 31.29
C ARG B 349 -25.44 5.98 32.50
N LEU B 350 -25.42 6.55 33.70
CA LEU B 350 -25.62 5.74 34.89
C LEU B 350 -27.04 5.17 34.94
N LYS B 351 -28.03 5.98 34.57
CA LYS B 351 -29.40 5.49 34.50
C LYS B 351 -29.54 4.39 33.46
N CYS B 352 -29.06 4.64 32.24
CA CYS B 352 -29.06 3.62 31.20
C CYS B 352 -28.37 2.35 31.65
N ASP B 353 -27.31 2.46 32.44
CA ASP B 353 -26.62 1.28 32.95
C ASP B 353 -27.54 0.46 33.84
N GLU B 354 -28.21 1.13 34.77
CA GLU B 354 -29.16 0.44 35.64
C GLU B 354 -30.28 -0.20 34.83
N TRP B 355 -30.79 0.55 33.85
CA TRP B 355 -31.82 0.02 32.95
C TRP B 355 -31.33 -1.23 32.24
N SER B 356 -30.08 -1.22 31.78
CA SER B 356 -29.55 -2.36 31.04
C SER B 356 -29.44 -3.61 31.91
N VAL B 357 -29.01 -3.45 33.17
CA VAL B 357 -29.02 -4.63 34.04
C VAL B 357 -30.45 -5.11 34.25
N ASN B 358 -31.36 -4.18 34.52
CA ASN B 358 -32.76 -4.57 34.74
C ASN B 358 -33.43 -5.09 33.47
N SER B 359 -32.91 -4.76 32.29
CA SER B 359 -33.45 -5.30 31.04
C SER B 359 -32.98 -6.73 30.76
N VAL B 360 -32.06 -7.24 31.58
CA VAL B 360 -31.45 -8.56 31.41
C VAL B 360 -30.96 -8.73 29.97
N GLY B 361 -30.30 -7.69 29.44
CA GLY B 361 -29.61 -7.76 28.17
C GLY B 361 -30.32 -7.08 27.02
N LYS B 362 -31.63 -6.85 27.15
CA LYS B 362 -32.39 -6.31 26.02
C LYS B 362 -32.00 -4.87 25.69
N ILE B 363 -31.47 -4.11 26.66
CA ILE B 363 -31.02 -2.73 26.44
C ILE B 363 -29.53 -2.64 26.79
N GLU B 364 -28.74 -2.06 25.89
CA GLU B 364 -27.36 -1.69 26.19
C GLU B 364 -27.22 -0.18 26.08
N CYS B 365 -26.00 0.32 26.32
CA CYS B 365 -25.77 1.75 26.44
C CYS B 365 -24.52 2.17 25.69
N VAL B 366 -24.54 3.43 25.23
CA VAL B 366 -23.49 4.04 24.43
C VAL B 366 -23.38 5.49 24.85
N SER B 367 -22.18 5.91 25.27
CA SER B 367 -22.00 7.31 25.63
C SER B 367 -21.58 8.14 24.41
N ALA B 368 -21.99 9.40 24.40
CA ALA B 368 -21.60 10.35 23.37
C ALA B 368 -21.66 11.74 23.98
N GLU B 369 -20.88 12.67 23.41
CA GLU B 369 -20.74 13.97 24.04
C GLU B 369 -22.04 14.77 24.02
N THR B 370 -22.71 14.80 22.86
CA THR B 370 -23.76 15.77 22.64
C THR B 370 -24.85 15.14 21.79
N THR B 371 -26.07 15.69 21.93
CA THR B 371 -27.22 15.19 21.17
C THR B 371 -26.87 14.94 19.71
N GLU B 372 -26.21 15.89 19.05
N GLU B 372 -26.22 15.92 19.07
CA GLU B 372 -25.88 15.71 17.65
CA GLU B 372 -25.84 15.77 17.68
C GLU B 372 -24.91 14.55 17.45
C GLU B 372 -24.93 14.57 17.47
N ASP B 373 -24.00 14.35 18.40
CA ASP B 373 -23.10 13.20 18.32
C ASP B 373 -23.88 11.89 18.44
N CYS B 374 -24.87 11.87 19.33
CA CYS B 374 -25.73 10.69 19.47
C CYS B 374 -26.51 10.42 18.18
N ILE B 375 -27.05 11.47 17.55
CA ILE B 375 -27.72 11.27 16.28
C ILE B 375 -26.75 10.69 15.26
N ALA B 376 -25.53 11.24 15.21
CA ALA B 376 -24.51 10.73 14.29
C ALA B 376 -24.25 9.26 14.55
N LYS B 377 -24.25 8.85 15.82
CA LYS B 377 -24.09 7.43 16.14
C LYS B 377 -25.27 6.62 15.61
N ILE B 378 -26.49 7.13 15.74
CA ILE B 378 -27.64 6.35 15.28
C ILE B 378 -27.59 6.20 13.76
N MET B 379 -27.14 7.24 13.04
CA MET B 379 -27.08 7.13 11.59
C MET B 379 -26.07 6.06 11.17
N ASN B 380 -24.89 6.08 11.79
CA ASN B 380 -23.78 5.24 11.39
C ASN B 380 -23.73 3.91 12.15
N GLY B 381 -24.83 3.54 12.80
CA GLY B 381 -24.96 2.22 13.40
C GLY B 381 -24.34 2.04 14.77
N GLU B 382 -23.57 3.02 15.27
CA GLU B 382 -22.95 2.86 16.58
C GLU B 382 -23.96 3.02 17.72
N ALA B 383 -25.20 3.39 17.40
CA ALA B 383 -26.27 3.42 18.39
C ALA B 383 -27.58 3.21 17.65
N ASP B 384 -28.64 2.91 18.41
CA ASP B 384 -29.93 2.59 17.80
C ASP B 384 -31.05 3.55 18.14
N ALA B 385 -31.18 4.01 19.38
CA ALA B 385 -32.36 4.77 19.74
C ALA B 385 -32.04 5.86 20.74
N MET B 386 -32.79 6.97 20.63
CA MET B 386 -32.70 8.02 21.65
C MET B 386 -33.93 8.90 21.56
N SER B 387 -34.22 9.60 22.67
CA SER B 387 -35.39 10.47 22.76
C SER B 387 -35.00 11.93 22.54
N LEU B 388 -35.75 12.61 21.65
CA LEU B 388 -35.40 13.93 21.14
C LEU B 388 -36.58 14.87 21.25
N ASP B 389 -36.27 16.16 21.39
CA ASP B 389 -37.30 17.19 21.33
C ASP B 389 -37.56 17.55 19.87
N GLY B 390 -38.70 18.20 19.64
CA GLY B 390 -39.13 18.59 18.31
C GLY B 390 -38.01 19.07 17.40
N GLY B 391 -37.24 20.06 17.86
CA GLY B 391 -36.18 20.59 17.03
C GLY B 391 -35.23 19.50 16.54
N PHE B 392 -34.74 18.69 17.46
CA PHE B 392 -33.79 17.65 17.05
C PHE B 392 -34.48 16.51 16.33
N VAL B 393 -35.78 16.28 16.58
CA VAL B 393 -36.52 15.37 15.71
C VAL B 393 -36.41 15.85 14.27
N TYR B 394 -36.57 17.16 14.05
CA TYR B 394 -36.45 17.71 12.71
C TYR B 394 -35.06 17.46 12.13
N ILE B 395 -34.02 17.82 12.89
CA ILE B 395 -32.66 17.58 12.40
C ILE B 395 -32.50 16.11 12.00
N ALA B 396 -32.77 15.19 12.95
CA ALA B 396 -32.61 13.77 12.69
C ALA B 396 -33.45 13.30 11.50
N GLY B 397 -34.59 13.96 11.25
CA GLY B 397 -35.38 13.62 10.09
C GLY B 397 -34.71 14.02 8.79
N LYS B 398 -34.13 15.21 8.76
CA LYS B 398 -33.32 15.60 7.62
C LYS B 398 -32.02 14.77 7.52
N CYS B 399 -31.73 13.96 8.54
CA CYS B 399 -30.59 13.04 8.50
C CYS B 399 -31.01 11.61 8.22
N GLY B 400 -32.28 11.36 7.95
CA GLY B 400 -32.74 10.03 7.59
C GLY B 400 -33.19 9.17 8.74
N LEU B 401 -33.37 9.74 9.93
CA LEU B 401 -33.90 9.00 11.06
C LEU B 401 -35.42 9.19 11.14
N VAL B 402 -36.06 8.33 11.91
CA VAL B 402 -37.53 8.31 11.95
C VAL B 402 -38.03 8.27 13.39
N PRO B 403 -39.13 8.96 13.70
CA PRO B 403 -39.74 8.83 15.02
C PRO B 403 -40.60 7.58 15.09
N VAL B 404 -40.61 6.94 16.25
CA VAL B 404 -41.09 5.56 16.38
C VAL B 404 -42.01 5.44 17.58
N LEU B 405 -41.74 6.21 18.62
CA LEU B 405 -42.58 6.29 19.81
C LEU B 405 -42.62 7.75 20.23
N ALA B 406 -43.76 8.22 20.71
CA ALA B 406 -43.85 9.53 21.32
C ALA B 406 -43.95 9.41 22.83
N GLU B 407 -43.32 10.33 23.54
CA GLU B 407 -43.53 10.42 24.98
C GLU B 407 -44.93 10.98 25.20
N ASN B 408 -45.73 10.31 26.01
CA ASN B 408 -47.06 10.81 26.38
C ASN B 408 -47.01 11.31 27.81
N TYR B 409 -47.56 12.49 28.04
CA TYR B 409 -47.48 13.16 29.33
C TYR B 409 -48.80 13.18 30.08
N ASN B 410 -49.91 12.88 29.41
CA ASN B 410 -51.25 12.88 29.98
C ASN B 410 -51.62 11.47 30.39
N LYS B 411 -52.14 11.33 31.61
CA LYS B 411 -52.55 10.02 32.12
C LYS B 411 -53.82 9.51 31.44
N SER B 412 -54.06 9.94 30.20
CA SER B 412 -55.15 9.37 29.42
C SER B 412 -55.04 7.85 29.39
N ASP B 413 -56.19 7.18 29.37
CA ASP B 413 -56.20 5.73 29.38
C ASP B 413 -55.61 5.18 28.08
N ASN B 414 -54.93 4.05 28.20
CA ASN B 414 -54.32 3.36 27.06
C ASN B 414 -53.55 4.35 26.18
N CYS B 415 -52.80 5.25 26.81
CA CYS B 415 -52.03 6.23 26.05
C CYS B 415 -51.15 5.54 25.01
N GLU B 416 -50.77 4.29 25.24
CA GLU B 416 -49.89 3.59 24.30
C GLU B 416 -50.46 3.62 22.89
N ASP B 417 -51.77 3.41 22.75
CA ASP B 417 -52.44 3.38 21.44
C ASP B 417 -53.09 4.72 21.10
N THR B 418 -52.42 5.84 21.40
CA THR B 418 -52.92 7.16 21.05
C THR B 418 -51.88 8.24 21.32
N PRO B 419 -51.17 8.71 20.29
CA PRO B 419 -50.23 9.83 20.46
C PRO B 419 -50.94 11.13 20.84
N GLU B 420 -50.16 12.12 21.29
CA GLU B 420 -50.72 13.32 21.92
C GLU B 420 -50.68 14.58 21.07
N ALA B 421 -49.59 14.81 20.32
CA ALA B 421 -49.51 15.95 19.40
C ALA B 421 -49.09 17.26 20.07
N GLY B 422 -49.18 17.34 21.40
CA GLY B 422 -48.56 18.43 22.13
C GLY B 422 -49.44 19.66 22.28
N TYR B 423 -48.84 20.70 22.88
CA TYR B 423 -49.63 21.87 23.24
C TYR B 423 -49.68 22.86 22.08
N PHE B 424 -50.40 23.96 22.27
CA PHE B 424 -50.69 24.91 21.20
C PHE B 424 -50.04 26.23 21.56
N ALA B 425 -49.19 26.76 20.67
CA ALA B 425 -48.62 28.07 20.88
C ALA B 425 -49.35 29.07 20.02
N ILE B 426 -49.73 30.21 20.61
CA ILE B 426 -50.51 31.25 19.96
C ILE B 426 -50.03 32.63 20.36
N ALA B 427 -50.48 33.63 19.60
CA ALA B 427 -50.06 35.01 19.76
C ALA B 427 -51.23 35.83 20.28
N VAL B 428 -51.22 36.14 21.59
CA VAL B 428 -52.31 36.84 22.27
C VAL B 428 -52.14 38.34 22.10
N VAL B 429 -53.28 39.04 21.99
CA VAL B 429 -53.34 40.51 21.97
C VAL B 429 -54.62 40.92 22.67
N LYS B 430 -54.81 42.22 22.85
CA LYS B 430 -56.00 42.75 23.52
C LYS B 430 -56.98 43.32 22.49
N LYS B 431 -58.27 43.04 22.71
CA LYS B 431 -59.31 43.43 21.77
C LYS B 431 -59.33 44.94 21.52
N SER B 432 -58.79 45.73 22.46
CA SER B 432 -58.75 47.18 22.28
C SER B 432 -58.07 47.56 20.96
N ALA B 433 -57.03 46.81 20.58
CA ALA B 433 -56.23 47.18 19.42
C ALA B 433 -57.07 47.16 18.14
N SER B 434 -57.70 46.02 17.85
CA SER B 434 -58.56 45.87 16.69
C SER B 434 -57.77 45.91 15.38
N ASP B 435 -57.04 47.00 15.13
CA ASP B 435 -56.33 47.13 13.85
C ASP B 435 -55.10 46.24 13.76
N LEU B 436 -54.85 45.38 14.75
CA LEU B 436 -53.70 44.49 14.73
C LEU B 436 -54.08 43.14 14.15
N THR B 437 -53.33 42.69 13.14
CA THR B 437 -53.44 41.33 12.65
C THR B 437 -52.06 40.79 12.31
N TRP B 438 -52.00 39.47 12.10
CA TRP B 438 -50.73 38.79 11.90
C TRP B 438 -49.88 39.48 10.83
N ASP B 439 -50.52 39.96 9.77
CA ASP B 439 -49.80 40.52 8.63
C ASP B 439 -49.26 41.93 8.89
N ASN B 440 -49.52 42.52 10.06
CA ASN B 440 -49.06 43.89 10.31
C ASN B 440 -48.71 44.10 11.78
N LEU B 441 -47.85 43.26 12.33
CA LEU B 441 -47.28 43.57 13.63
C LEU B 441 -45.80 43.95 13.55
N LYS B 442 -45.25 44.06 12.33
CA LYS B 442 -43.93 44.64 12.13
C LYS B 442 -43.89 46.05 12.71
N GLY B 443 -43.12 46.26 13.77
CA GLY B 443 -43.01 47.55 14.40
C GLY B 443 -43.89 47.74 15.62
N LYS B 444 -44.65 46.74 16.01
CA LYS B 444 -45.50 46.83 17.19
C LYS B 444 -44.79 46.20 18.38
N LYS B 445 -45.21 46.58 19.58
CA LYS B 445 -44.52 46.17 20.80
C LYS B 445 -44.88 44.74 21.17
N SER B 446 -43.88 43.96 21.58
CA SER B 446 -44.05 42.52 21.74
C SER B 446 -43.46 42.02 23.05
N CYS B 447 -43.94 40.85 23.47
CA CYS B 447 -43.52 40.18 24.68
C CYS B 447 -43.32 38.70 24.41
N HIS B 448 -42.19 38.18 24.87
CA HIS B 448 -41.81 36.78 24.66
C HIS B 448 -41.51 36.15 26.01
N THR B 449 -41.89 34.88 26.15
CA THR B 449 -41.57 34.16 27.39
C THR B 449 -40.07 34.18 27.64
N ALA B 450 -39.28 33.85 26.63
CA ALA B 450 -37.83 33.91 26.69
C ALA B 450 -37.29 33.55 25.31
N VAL B 451 -36.05 33.93 25.04
CA VAL B 451 -35.53 33.89 23.67
C VAL B 451 -35.46 32.46 23.17
N GLY B 452 -34.92 31.55 23.98
CA GLY B 452 -34.72 30.19 23.49
C GLY B 452 -36.01 29.41 23.36
N ARG B 453 -37.02 29.75 24.17
CA ARG B 453 -38.19 28.92 24.35
C ARG B 453 -38.90 28.67 23.02
N THR B 454 -39.76 27.66 23.02
CA THR B 454 -40.43 27.21 21.79
C THR B 454 -41.62 28.09 21.43
N ALA B 455 -42.56 28.24 22.36
CA ALA B 455 -43.76 29.04 22.07
C ALA B 455 -43.48 30.53 22.10
N GLY B 456 -42.58 30.98 22.98
CA GLY B 456 -42.32 32.40 23.10
C GLY B 456 -41.52 32.98 21.95
N TRP B 457 -40.75 32.15 21.26
CA TRP B 457 -39.78 32.68 20.31
C TRP B 457 -39.64 31.85 19.04
N ASN B 458 -39.38 30.55 19.19
CA ASN B 458 -39.04 29.72 18.04
C ASN B 458 -40.12 29.70 16.98
N ILE B 459 -41.29 29.14 17.26
CA ILE B 459 -42.29 29.05 16.19
C ILE B 459 -42.79 30.45 15.82
N PRO B 460 -43.04 31.40 16.76
CA PRO B 460 -43.47 32.73 16.30
C PRO B 460 -42.48 33.38 15.35
N MET B 461 -41.25 33.61 15.82
CA MET B 461 -40.25 34.28 15.00
C MET B 461 -39.93 33.48 13.74
N GLY B 462 -40.08 32.15 13.80
CA GLY B 462 -39.86 31.34 12.61
C GLY B 462 -40.90 31.58 11.54
N LEU B 463 -42.18 31.58 11.93
CA LEU B 463 -43.22 31.88 10.96
C LEU B 463 -43.07 33.32 10.46
N LEU B 464 -42.59 34.22 11.31
CA LEU B 464 -42.40 35.60 10.90
C LEU B 464 -41.19 35.78 10.00
N TYR B 465 -40.25 34.83 10.01
CA TYR B 465 -39.07 34.94 9.17
C TYR B 465 -39.44 35.20 7.72
N ASN B 466 -40.51 34.57 7.24
CA ASN B 466 -40.91 34.79 5.84
C ASN B 466 -41.25 36.24 5.60
N LYS B 467 -41.66 36.97 6.65
CA LYS B 467 -41.88 38.41 6.53
CA LYS B 467 -41.88 38.41 6.51
C LYS B 467 -40.57 39.18 6.70
N ILE B 468 -39.73 38.74 7.62
CA ILE B 468 -38.44 39.38 7.89
C ILE B 468 -37.36 38.38 7.47
N ASN B 469 -36.82 38.54 6.27
CA ASN B 469 -35.91 37.56 5.71
C ASN B 469 -34.44 37.84 6.03
N HIS B 470 -34.16 38.72 6.98
CA HIS B 470 -32.83 38.84 7.55
C HIS B 470 -32.84 38.32 8.99
N CYS B 471 -31.65 37.94 9.47
CA CYS B 471 -31.52 37.27 10.76
C CYS B 471 -31.33 38.25 11.93
N ARG B 472 -31.76 39.50 11.77
CA ARG B 472 -31.77 40.48 12.86
C ARG B 472 -33.19 40.54 13.41
N PHE B 473 -33.50 39.62 14.33
CA PHE B 473 -34.87 39.47 14.81
C PHE B 473 -35.32 40.64 15.69
N ASP B 474 -34.40 41.49 16.16
CA ASP B 474 -34.77 42.69 16.91
C ASP B 474 -35.01 43.88 16.00
N GLU B 475 -35.02 43.69 14.69
CA GLU B 475 -35.29 44.77 13.74
C GLU B 475 -36.67 44.66 13.14
N PHE B 476 -37.44 43.65 13.52
CA PHE B 476 -38.83 43.46 13.10
C PHE B 476 -39.78 44.22 14.01
N PHE B 477 -39.66 44.00 15.32
CA PHE B 477 -40.39 44.74 16.34
C PHE B 477 -39.67 46.05 16.65
N SER B 478 -40.42 47.03 17.17
CA SER B 478 -39.79 48.28 17.61
C SER B 478 -39.07 48.09 18.94
N GLU B 479 -39.75 47.50 19.91
CA GLU B 479 -39.15 47.17 21.21
C GLU B 479 -40.03 46.11 21.87
N GLY B 480 -39.41 45.29 22.70
CA GLY B 480 -40.11 44.19 23.34
C GLY B 480 -39.48 43.78 24.66
N CYS B 481 -39.71 42.53 25.09
CA CYS B 481 -39.07 42.03 26.31
C CYS B 481 -38.11 40.89 26.05
N ALA B 482 -38.54 39.82 25.37
CA ALA B 482 -37.69 38.68 25.01
C ALA B 482 -36.52 38.49 25.97
N PRO B 483 -36.76 38.10 27.22
CA PRO B 483 -35.65 37.84 28.14
C PRO B 483 -34.61 36.93 27.49
N GLY B 484 -33.34 37.18 27.80
CA GLY B 484 -32.24 36.46 27.21
C GLY B 484 -31.51 37.22 26.13
N SER B 485 -32.17 38.20 25.50
CA SER B 485 -31.49 39.06 24.55
C SER B 485 -30.49 39.95 25.27
N LYS B 486 -29.62 40.61 24.48
CA LYS B 486 -28.59 41.46 25.06
C LYS B 486 -29.20 42.75 25.58
N LYS B 487 -28.66 43.25 26.71
CA LYS B 487 -29.33 44.30 27.47
C LYS B 487 -29.57 45.56 26.65
N ASP B 488 -28.66 45.91 25.73
CA ASP B 488 -28.84 47.14 24.97
C ASP B 488 -29.64 46.93 23.69
N SER B 489 -30.34 45.81 23.56
CA SER B 489 -31.17 45.55 22.40
C SER B 489 -32.55 46.18 22.58
N SER B 490 -33.30 46.27 21.47
CA SER B 490 -34.65 46.81 21.56
C SER B 490 -35.59 45.82 22.22
N LEU B 491 -35.27 44.53 22.14
CA LEU B 491 -36.07 43.49 22.75
C LEU B 491 -35.82 43.35 24.24
N CYS B 492 -35.17 44.33 24.87
CA CYS B 492 -35.00 44.37 26.31
C CYS B 492 -35.63 45.60 26.95
N LYS B 493 -36.07 46.57 26.14
CA LYS B 493 -36.46 47.87 26.66
C LYS B 493 -37.75 47.79 27.48
N LEU B 494 -38.63 46.83 27.17
CA LEU B 494 -39.93 46.76 27.83
C LEU B 494 -39.94 45.81 29.02
N CYS B 495 -38.79 45.22 29.39
CA CYS B 495 -38.73 44.32 30.53
C CYS B 495 -38.66 45.12 31.82
N MET B 496 -39.20 44.54 32.91
CA MET B 496 -39.36 45.26 34.16
C MET B 496 -38.35 44.85 35.23
N GLY B 497 -37.32 44.10 34.88
CA GLY B 497 -36.39 43.62 35.88
C GLY B 497 -35.64 44.75 36.55
N SER B 498 -35.51 44.66 37.87
CA SER B 498 -34.78 45.68 38.62
C SER B 498 -33.27 45.45 38.50
N GLY B 499 -32.52 46.53 38.65
CA GLY B 499 -31.06 46.41 38.65
C GLY B 499 -30.57 45.65 37.44
N LEU B 500 -29.67 44.69 37.69
CA LEU B 500 -29.13 43.86 36.62
C LEU B 500 -30.08 42.76 36.18
N ASN B 501 -31.18 42.55 36.91
CA ASN B 501 -32.13 41.50 36.58
C ASN B 501 -32.93 41.79 35.32
N LEU B 502 -32.87 43.02 34.82
CA LEU B 502 -33.61 43.40 33.64
C LEU B 502 -33.20 42.53 32.45
N CYS B 503 -34.18 41.84 31.87
CA CYS B 503 -34.02 41.02 30.67
C CYS B 503 -33.33 39.70 30.96
N GLU B 504 -33.03 39.38 32.21
CA GLU B 504 -32.45 38.08 32.53
C GLU B 504 -33.50 36.99 32.35
N PRO B 505 -33.18 35.88 31.67
CA PRO B 505 -34.17 34.81 31.53
C PRO B 505 -34.36 34.02 32.83
N ASN B 506 -34.95 34.65 33.82
CA ASN B 506 -35.19 34.00 35.11
C ASN B 506 -36.34 34.71 35.80
N ASN B 507 -36.88 34.08 36.83
CA ASN B 507 -38.09 34.60 37.47
C ASN B 507 -37.88 36.01 38.04
N LYS B 508 -36.63 36.44 38.24
CA LYS B 508 -36.38 37.79 38.71
C LYS B 508 -36.70 38.84 37.66
N GLU B 509 -36.92 38.43 36.42
CA GLU B 509 -37.45 39.30 35.37
C GLU B 509 -38.97 39.14 35.34
N GLY B 510 -39.68 40.16 35.80
CA GLY B 510 -41.13 40.05 35.95
C GLY B 510 -41.87 39.63 34.69
N TYR B 511 -41.29 39.91 33.52
CA TYR B 511 -41.92 39.62 32.24
C TYR B 511 -41.38 38.36 31.60
N TYR B 512 -40.86 37.43 32.40
CA TYR B 512 -40.27 36.18 31.93
C TYR B 512 -41.20 35.01 32.21
N GLY B 513 -41.28 34.10 31.25
CA GLY B 513 -42.18 32.96 31.32
C GLY B 513 -43.49 33.25 30.60
N TYR B 514 -44.40 32.28 30.67
CA TYR B 514 -45.72 32.47 30.06
C TYR B 514 -46.50 33.55 30.81
N THR B 515 -46.60 33.41 32.14
CA THR B 515 -47.25 34.42 32.94
C THR B 515 -46.60 35.78 32.74
N GLY B 516 -45.27 35.82 32.70
CA GLY B 516 -44.58 37.10 32.59
C GLY B 516 -44.79 37.75 31.25
N ALA B 517 -44.75 36.98 30.17
CA ALA B 517 -45.01 37.55 28.86
C ALA B 517 -46.46 38.03 28.74
N PHE B 518 -47.41 37.34 29.39
CA PHE B 518 -48.77 37.84 29.40
C PHE B 518 -48.85 39.15 30.18
N ARG B 519 -48.24 39.20 31.36
CA ARG B 519 -48.21 40.45 32.13
C ARG B 519 -47.62 41.58 31.30
N CYS B 520 -46.59 41.28 30.52
CA CYS B 520 -46.00 42.27 29.63
C CYS B 520 -47.02 42.76 28.61
N LEU B 521 -48.00 41.93 28.25
CA LEU B 521 -48.98 42.33 27.26
C LEU B 521 -49.92 43.38 27.81
N VAL B 522 -50.25 43.29 29.10
CA VAL B 522 -51.28 44.16 29.66
C VAL B 522 -50.70 45.51 30.06
N GLU B 523 -49.44 45.54 30.52
CA GLU B 523 -48.88 46.76 31.07
C GLU B 523 -48.08 47.58 30.06
N LYS B 524 -47.46 46.92 29.07
CA LYS B 524 -46.58 47.62 28.14
C LYS B 524 -46.64 47.11 26.71
N GLY B 525 -47.20 45.93 26.43
CA GLY B 525 -47.06 45.30 25.14
C GLY B 525 -48.27 45.47 24.23
N ASP B 526 -48.10 44.96 23.01
CA ASP B 526 -49.16 44.86 22.02
C ASP B 526 -49.46 43.42 21.63
N VAL B 527 -48.46 42.54 21.66
CA VAL B 527 -48.62 41.12 21.37
C VAL B 527 -47.74 40.35 22.34
N ALA B 528 -48.19 39.14 22.71
CA ALA B 528 -47.43 38.28 23.60
C ALA B 528 -47.52 36.86 23.07
N PHE B 529 -46.42 36.11 23.14
CA PHE B 529 -46.38 34.77 22.55
C PHE B 529 -46.38 33.72 23.66
N VAL B 530 -47.44 32.91 23.72
CA VAL B 530 -47.60 31.98 24.84
C VAL B 530 -48.34 30.71 24.43
N LYS B 531 -48.77 29.91 25.41
CA LYS B 531 -49.54 28.71 25.15
C LYS B 531 -51.04 29.02 25.04
N HIS B 532 -51.83 27.98 24.79
CA HIS B 532 -53.27 28.16 24.71
C HIS B 532 -53.92 28.28 26.09
N GLN B 533 -53.30 27.72 27.12
CA GLN B 533 -53.88 27.75 28.46
C GLN B 533 -53.30 28.87 29.32
N THR B 534 -52.51 29.77 28.74
CA THR B 534 -51.86 30.79 29.56
C THR B 534 -52.83 31.90 29.96
N VAL B 535 -53.78 32.26 29.10
CA VAL B 535 -54.75 33.29 29.42
C VAL B 535 -55.86 32.70 30.30
N PRO B 536 -56.36 31.49 30.01
CA PRO B 536 -57.32 30.88 30.93
C PRO B 536 -56.90 30.96 32.39
N GLN B 537 -55.62 30.76 32.68
CA GLN B 537 -55.06 31.14 33.97
C GLN B 537 -54.62 32.59 33.88
N ASN B 538 -54.38 33.21 35.04
CA ASN B 538 -54.07 34.64 35.14
C ASN B 538 -55.30 35.51 34.89
N THR B 539 -56.47 34.90 34.77
CA THR B 539 -57.68 35.57 34.31
C THR B 539 -58.84 35.11 35.17
N GLY B 540 -59.79 36.02 35.40
CA GLY B 540 -60.98 35.69 36.17
C GLY B 540 -60.69 35.34 37.61
N GLY B 541 -59.65 35.91 38.19
CA GLY B 541 -59.30 35.61 39.56
C GLY B 541 -58.62 34.29 39.79
N LYS B 542 -58.13 33.63 38.73
CA LYS B 542 -57.34 32.42 38.90
C LYS B 542 -55.92 32.74 39.34
N ASN B 543 -55.46 33.96 39.13
CA ASN B 543 -54.19 34.43 39.68
C ASN B 543 -54.47 35.54 40.68
N PRO B 544 -54.06 35.38 41.95
CA PRO B 544 -54.39 36.42 42.96
C PRO B 544 -53.53 37.67 42.85
N ASP B 545 -52.39 37.59 42.17
CA ASP B 545 -51.43 38.71 42.13
C ASP B 545 -52.14 40.01 41.79
N PRO B 546 -51.67 41.14 42.32
CA PRO B 546 -52.41 42.40 42.13
C PRO B 546 -52.82 42.66 40.69
N TRP B 547 -51.87 42.57 39.76
CA TRP B 547 -52.11 42.95 38.38
C TRP B 547 -53.13 42.06 37.68
N ALA B 548 -53.33 40.82 38.15
CA ALA B 548 -54.09 39.83 37.41
C ALA B 548 -55.42 39.45 38.07
N LYS B 549 -55.86 40.18 39.09
CA LYS B 549 -57.08 39.77 39.80
C LYS B 549 -58.30 39.85 38.90
N ASN B 550 -58.52 40.99 38.24
CA ASN B 550 -59.81 41.26 37.62
C ASN B 550 -59.86 41.05 36.10
N LEU B 551 -58.72 40.94 35.43
CA LEU B 551 -58.73 40.76 33.99
C LEU B 551 -59.56 39.52 33.63
N ASN B 552 -60.31 39.59 32.53
CA ASN B 552 -61.13 38.46 32.09
C ASN B 552 -60.94 38.19 30.60
N GLU B 553 -61.17 36.94 30.22
CA GLU B 553 -60.70 36.38 28.95
C GLU B 553 -61.04 37.24 27.74
N LYS B 554 -62.33 37.51 27.49
CA LYS B 554 -62.72 38.14 26.23
C LYS B 554 -61.99 39.46 26.00
N ASP B 555 -61.50 40.10 27.08
CA ASP B 555 -60.71 41.30 26.96
C ASP B 555 -59.55 41.12 26.00
N TYR B 556 -59.11 39.88 25.82
CA TYR B 556 -58.02 39.52 24.94
C TYR B 556 -58.54 38.57 23.87
N GLU B 557 -57.97 38.70 22.69
CA GLU B 557 -58.18 37.76 21.58
C GLU B 557 -56.81 37.26 21.17
N LEU B 558 -56.77 36.30 20.25
CA LEU B 558 -55.51 35.77 19.75
C LEU B 558 -55.52 35.79 18.22
N LEU B 559 -54.34 36.05 17.67
CA LEU B 559 -54.14 36.26 16.25
C LEU B 559 -53.99 34.93 15.51
N CYS B 560 -54.50 34.89 14.29
CA CYS B 560 -54.55 33.67 13.49
C CYS B 560 -53.68 33.78 12.25
N LEU B 561 -53.31 32.61 11.72
CA LEU B 561 -52.36 32.57 10.60
C LEU B 561 -52.91 33.29 9.38
N ASP B 562 -54.20 33.13 9.09
CA ASP B 562 -54.76 33.66 7.85
C ASP B 562 -54.85 35.18 7.84
N GLY B 563 -54.61 35.83 8.98
CA GLY B 563 -54.82 37.25 9.10
C GLY B 563 -56.13 37.65 9.74
N THR B 564 -56.85 36.72 10.34
CA THR B 564 -58.06 37.02 11.09
C THR B 564 -57.74 37.01 12.58
N ARG B 565 -58.77 37.23 13.40
CA ARG B 565 -58.67 37.15 14.85
C ARG B 565 -59.64 36.10 15.37
N LYS B 566 -59.44 35.67 16.61
CA LYS B 566 -60.38 34.76 17.24
C LYS B 566 -60.18 34.81 18.76
N PRO B 567 -61.26 34.65 19.55
CA PRO B 567 -61.10 34.67 21.01
C PRO B 567 -60.26 33.53 21.54
N VAL B 568 -59.92 33.64 22.83
CA VAL B 568 -58.95 32.74 23.45
C VAL B 568 -59.43 31.30 23.42
N GLU B 569 -60.64 31.04 23.92
CA GLU B 569 -61.04 29.66 24.19
C GLU B 569 -60.97 28.79 22.95
N GLU B 570 -61.25 29.32 21.77
CA GLU B 570 -61.15 28.54 20.52
C GLU B 570 -59.80 28.86 19.88
N TYR B 571 -58.78 28.14 20.35
CA TYR B 571 -57.41 28.20 19.86
C TYR B 571 -57.10 27.11 18.84
N ALA B 572 -57.82 25.99 18.89
CA ALA B 572 -57.49 24.83 18.07
C ALA B 572 -57.62 25.11 16.59
N ASN B 573 -58.39 26.14 16.21
CA ASN B 573 -58.50 26.54 14.81
C ASN B 573 -57.96 27.95 14.60
N CYS B 574 -57.12 28.41 15.53
CA CYS B 574 -56.40 29.68 15.35
C CYS B 574 -55.15 29.65 16.26
N HIS B 575 -54.07 29.08 15.75
CA HIS B 575 -52.83 28.98 16.49
C HIS B 575 -51.68 29.20 15.51
N LEU B 576 -50.50 29.46 16.06
CA LEU B 576 -49.31 29.54 15.22
C LEU B 576 -48.85 28.14 14.81
N ALA B 577 -48.56 27.30 15.79
CA ALA B 577 -48.15 25.93 15.53
C ALA B 577 -48.32 25.12 16.80
N ARG B 578 -48.11 23.82 16.66
CA ARG B 578 -48.34 22.85 17.72
C ARG B 578 -47.00 22.37 18.26
N ALA B 579 -46.70 22.77 19.49
CA ALA B 579 -45.48 22.36 20.16
C ALA B 579 -45.51 20.85 20.40
N PRO B 580 -44.60 20.08 19.80
CA PRO B 580 -44.70 18.63 19.85
C PRO B 580 -44.12 18.05 21.13
N ASN B 581 -44.53 16.81 21.40
CA ASN B 581 -43.97 16.03 22.50
C ASN B 581 -42.64 15.43 22.06
N HIS B 582 -41.77 15.14 23.04
CA HIS B 582 -40.52 14.44 22.73
C HIS B 582 -40.86 13.14 22.00
N ALA B 583 -39.84 12.54 21.38
CA ALA B 583 -40.09 11.32 20.59
C ALA B 583 -38.81 10.52 20.46
N VAL B 584 -38.94 9.20 20.54
CA VAL B 584 -37.83 8.28 20.31
C VAL B 584 -37.60 8.17 18.81
N VAL B 585 -36.35 8.37 18.39
CA VAL B 585 -35.96 8.21 17.00
C VAL B 585 -34.92 7.10 16.92
N THR B 586 -34.85 6.50 15.73
CA THR B 586 -33.98 5.37 15.42
C THR B 586 -33.73 5.37 13.90
N ARG B 587 -32.93 4.41 13.45
CA ARG B 587 -32.73 4.17 12.03
C ARG B 587 -33.77 3.18 11.53
N LYS B 588 -34.24 3.39 10.29
CA LYS B 588 -35.32 2.56 9.74
C LYS B 588 -35.06 1.08 9.95
N ASP B 589 -33.84 0.61 9.63
CA ASP B 589 -33.58 -0.83 9.67
C ASP B 589 -33.65 -1.42 11.07
N LYS B 590 -33.81 -0.59 12.10
N LYS B 590 -33.79 -0.60 12.11
CA LYS B 590 -33.96 -1.07 13.47
CA LYS B 590 -33.97 -1.09 13.46
C LYS B 590 -35.34 -0.73 14.04
C LYS B 590 -35.33 -0.71 14.05
N GLU B 591 -36.16 0.02 13.29
CA GLU B 591 -37.45 0.47 13.80
C GLU B 591 -38.20 -0.66 14.47
N ALA B 592 -38.49 -1.72 13.71
CA ALA B 592 -39.21 -2.87 14.26
C ALA B 592 -38.68 -3.20 15.65
N CYS B 593 -37.39 -3.53 15.73
CA CYS B 593 -36.87 -4.02 17.00
C CYS B 593 -37.13 -3.01 18.10
N VAL B 594 -36.83 -1.73 17.82
CA VAL B 594 -37.08 -0.69 18.82
C VAL B 594 -38.53 -0.79 19.29
N HIS B 595 -39.48 -0.63 18.36
CA HIS B 595 -40.90 -0.77 18.69
C HIS B 595 -41.11 -1.88 19.70
N LYS B 596 -40.63 -3.09 19.35
CA LYS B 596 -40.86 -4.23 20.22
C LYS B 596 -40.23 -4.00 21.58
N ILE B 597 -38.91 -3.89 21.61
CA ILE B 597 -38.20 -3.89 22.89
C ILE B 597 -38.79 -2.82 23.80
N LEU B 598 -38.82 -1.57 23.32
CA LEU B 598 -39.29 -0.47 24.15
C LEU B 598 -40.64 -0.80 24.76
N ARG B 599 -41.59 -1.30 23.96
N ARG B 599 -41.59 -1.30 23.96
CA ARG B 599 -42.90 -1.61 24.50
CA ARG B 599 -42.91 -1.62 24.49
C ARG B 599 -42.76 -2.53 25.70
C ARG B 599 -42.76 -2.53 25.70
N GLN B 600 -42.12 -3.69 25.50
CA GLN B 600 -41.85 -4.59 26.61
C GLN B 600 -41.32 -3.80 27.79
N GLN B 601 -40.25 -3.03 27.57
CA GLN B 601 -39.59 -2.37 28.69
C GLN B 601 -40.57 -1.50 29.46
N GLN B 602 -41.43 -0.73 28.77
CA GLN B 602 -42.27 0.18 29.52
C GLN B 602 -43.42 -0.53 30.24
N HIS B 603 -43.67 -1.79 29.90
CA HIS B 603 -44.60 -2.61 30.67
C HIS B 603 -43.94 -3.27 31.87
N LEU B 604 -42.61 -3.34 31.90
CA LEU B 604 -41.89 -3.86 33.05
C LEU B 604 -41.42 -2.78 34.00
N PHE B 605 -41.11 -1.58 33.49
CA PHE B 605 -40.56 -0.50 34.30
C PHE B 605 -41.26 0.83 34.04
N GLY B 606 -42.34 0.85 33.29
CA GLY B 606 -43.09 2.06 33.07
C GLY B 606 -43.88 2.48 34.31
N SER B 607 -44.61 3.57 34.15
CA SER B 607 -45.32 4.18 35.28
C SER B 607 -46.28 3.23 35.97
N ASN B 608 -46.61 2.09 35.35
CA ASN B 608 -47.46 1.10 36.02
C ASN B 608 -46.88 0.69 37.37
N VAL B 609 -45.56 0.67 37.49
CA VAL B 609 -44.90 0.30 38.73
C VAL B 609 -45.01 1.46 39.72
N THR B 610 -45.27 1.14 40.99
CA THR B 610 -45.52 2.16 42.01
C THR B 610 -44.31 2.36 42.92
N ASP B 611 -43.92 1.34 43.67
CA ASP B 611 -42.87 1.50 44.67
C ASP B 611 -41.51 1.64 43.98
N CYS B 612 -41.26 2.80 43.36
CA CYS B 612 -39.99 3.08 42.72
C CYS B 612 -38.85 3.09 43.72
N SER B 613 -39.18 2.93 45.00
CA SER B 613 -38.15 2.88 46.05
C SER B 613 -37.27 1.65 45.89
N GLY B 614 -37.86 0.46 45.97
CA GLY B 614 -37.10 -0.77 45.94
C GLY B 614 -37.10 -1.49 44.60
N ASN B 615 -37.17 -0.74 43.51
CA ASN B 615 -37.09 -1.33 42.18
C ASN B 615 -36.93 -0.20 41.16
N PHE B 616 -36.44 -0.57 39.98
CA PHE B 616 -36.10 0.41 38.95
C PHE B 616 -37.36 0.95 38.28
N CYS B 617 -37.32 2.22 37.92
CA CYS B 617 -38.42 2.87 37.20
C CYS B 617 -37.86 3.65 36.01
N LEU B 618 -38.39 3.37 34.82
CA LEU B 618 -37.80 3.87 33.60
C LEU B 618 -37.98 5.38 33.44
N PHE B 619 -39.03 5.96 34.03
CA PHE B 619 -39.33 7.38 33.86
C PHE B 619 -39.08 8.18 35.13
N ARG B 620 -38.25 7.65 36.04
CA ARG B 620 -37.84 8.35 37.24
C ARG B 620 -36.35 8.67 37.10
N SER B 621 -35.98 9.91 37.40
CA SER B 621 -34.61 10.38 37.23
C SER B 621 -34.14 10.99 38.54
N GLU B 622 -32.97 10.54 39.02
CA GLU B 622 -32.37 11.14 40.20
C GLU B 622 -32.17 12.64 39.98
N THR B 623 -31.45 13.01 38.93
CA THR B 623 -31.25 14.42 38.59
C THR B 623 -32.53 14.94 37.95
N LYS B 624 -32.65 14.91 36.62
CA LYS B 624 -33.81 15.49 35.95
C LYS B 624 -33.92 15.04 34.50
N ASP B 625 -35.06 14.44 34.14
CA ASP B 625 -35.38 14.10 32.76
C ASP B 625 -34.23 13.35 32.09
N LEU B 626 -33.72 12.34 32.79
CA LEU B 626 -32.69 11.47 32.23
C LEU B 626 -33.32 10.51 31.25
N LEU B 627 -32.76 10.46 30.03
CA LEU B 627 -33.20 9.51 28.99
C LEU B 627 -34.57 9.89 28.42
N PHE B 628 -35.58 9.98 29.29
CA PHE B 628 -36.91 10.43 28.92
C PHE B 628 -37.35 11.50 29.92
N ARG B 629 -38.30 12.33 29.51
CA ARG B 629 -38.86 13.30 30.43
C ARG B 629 -39.59 12.60 31.57
N ASP B 630 -39.52 13.18 32.77
CA ASP B 630 -40.07 12.51 33.94
C ASP B 630 -41.60 12.52 33.96
N ASP B 631 -42.25 13.47 33.29
CA ASP B 631 -43.70 13.44 33.20
C ASP B 631 -44.20 12.40 32.20
N THR B 632 -43.31 11.82 31.40
CA THR B 632 -43.70 10.74 30.49
C THR B 632 -44.50 9.68 31.23
N VAL B 633 -45.69 9.39 30.73
CA VAL B 633 -46.51 8.33 31.31
C VAL B 633 -46.31 7.02 30.56
N CYS B 634 -46.09 7.11 29.24
CA CYS B 634 -45.89 5.92 28.42
C CYS B 634 -45.26 6.35 27.10
N LEU B 635 -44.85 5.36 26.32
CA LEU B 635 -44.37 5.56 24.96
C LEU B 635 -45.49 5.10 24.03
N ALA B 636 -46.00 6.04 23.23
CA ALA B 636 -47.16 5.79 22.39
C ALA B 636 -46.73 5.51 20.96
N LYS B 637 -47.31 4.48 20.36
CA LYS B 637 -47.01 4.15 18.98
C LYS B 637 -47.65 5.15 18.04
N LEU B 638 -46.87 5.58 17.04
CA LEU B 638 -47.36 6.46 15.99
C LEU B 638 -47.42 5.64 14.70
N HIS B 639 -48.59 5.62 14.07
CA HIS B 639 -48.84 4.68 12.98
C HIS B 639 -48.43 5.26 11.63
N ASP B 640 -49.29 6.11 11.06
N ASP B 640 -49.28 6.10 11.04
CA ASP B 640 -48.99 6.83 9.82
CA ASP B 640 -48.90 6.77 9.78
C ASP B 640 -48.29 8.16 10.10
C ASP B 640 -48.23 8.13 10.05
N ARG B 641 -47.44 8.20 11.12
CA ARG B 641 -46.72 9.41 11.48
C ARG B 641 -45.23 9.15 11.64
N ASN B 642 -44.74 8.03 11.10
CA ASN B 642 -43.35 7.62 11.28
C ASN B 642 -42.39 8.31 10.32
N THR B 643 -42.57 9.61 10.13
CA THR B 643 -41.60 10.47 9.46
C THR B 643 -41.63 11.83 10.15
N TYR B 644 -40.52 12.55 10.07
CA TYR B 644 -40.42 13.82 10.79
C TYR B 644 -41.44 14.83 10.29
N GLU B 645 -41.68 14.86 8.97
CA GLU B 645 -42.66 15.81 8.43
C GLU B 645 -44.05 15.54 9.00
N LYS B 646 -44.50 14.29 8.97
CA LYS B 646 -45.82 13.96 9.47
C LYS B 646 -45.90 14.19 10.99
N TYR B 647 -44.97 13.61 11.75
CA TYR B 647 -45.03 13.73 13.20
C TYR B 647 -45.04 15.18 13.65
N LEU B 648 -44.20 16.03 13.03
CA LEU B 648 -44.03 17.39 13.54
C LEU B 648 -45.08 18.38 13.04
N GLY B 649 -45.55 18.22 11.80
CA GLY B 649 -46.57 19.11 11.30
C GLY B 649 -46.04 20.27 10.48
N GLU B 650 -46.76 20.60 9.41
CA GLU B 650 -46.26 21.55 8.41
C GLU B 650 -45.79 22.85 9.04
N GLU B 651 -46.56 23.39 9.99
CA GLU B 651 -46.23 24.70 10.55
C GLU B 651 -44.96 24.65 11.38
N TYR B 652 -44.82 23.61 12.21
CA TYR B 652 -43.63 23.49 13.05
C TYR B 652 -42.37 23.28 12.22
N VAL B 653 -42.45 22.47 11.16
CA VAL B 653 -41.28 22.30 10.30
C VAL B 653 -40.97 23.60 9.57
N LYS B 654 -41.99 24.29 9.06
CA LYS B 654 -41.77 25.60 8.45
C LYS B 654 -40.98 26.49 9.41
N ALA B 655 -41.43 26.56 10.66
CA ALA B 655 -40.79 27.42 11.65
C ALA B 655 -39.35 27.01 11.91
N VAL B 656 -39.15 25.76 12.33
CA VAL B 656 -37.81 25.30 12.70
C VAL B 656 -36.86 25.41 11.52
N GLY B 657 -37.32 25.03 10.33
CA GLY B 657 -36.49 25.18 9.14
C GLY B 657 -36.08 26.61 8.91
N ASN B 658 -37.03 27.55 9.01
CA ASN B 658 -36.67 28.95 8.87
C ASN B 658 -35.64 29.36 9.92
N LEU B 659 -35.89 29.02 11.19
CA LEU B 659 -34.94 29.37 12.24
C LEU B 659 -33.55 28.86 11.93
N ARG B 660 -33.45 27.64 11.39
CA ARG B 660 -32.17 26.99 11.20
C ARG B 660 -31.37 27.62 10.06
N LYS B 661 -31.94 28.60 9.36
CA LYS B 661 -31.15 29.44 8.46
C LYS B 661 -30.30 30.42 9.24
N CYS B 662 -30.73 30.78 10.45
CA CYS B 662 -30.07 31.79 11.26
C CYS B 662 -29.23 31.20 12.39
N SER B 663 -29.63 30.06 12.94
CA SER B 663 -28.85 29.34 13.96
C SER B 663 -28.45 27.99 13.35
N THR B 664 -27.28 27.97 12.71
CA THR B 664 -26.84 26.78 12.01
C THR B 664 -26.62 25.63 12.97
N SER B 665 -26.99 24.42 12.53
CA SER B 665 -26.61 23.17 13.19
C SER B 665 -25.65 22.46 12.24
N SER B 666 -24.40 22.31 12.68
CA SER B 666 -23.38 21.69 11.83
C SER B 666 -23.84 20.33 11.31
N LEU B 667 -24.53 19.57 12.16
CA LEU B 667 -25.05 18.26 11.74
C LEU B 667 -26.11 18.41 10.67
N LEU B 668 -26.97 19.43 10.79
CA LEU B 668 -28.00 19.63 9.78
C LEU B 668 -27.39 20.00 8.43
N GLU B 669 -26.36 20.84 8.44
CA GLU B 669 -25.72 21.21 7.18
C GLU B 669 -25.03 20.01 6.54
N ALA B 670 -24.34 19.19 7.34
CA ALA B 670 -23.80 17.95 6.79
C ALA B 670 -24.90 17.13 6.11
N CYS B 671 -25.95 16.83 6.88
CA CYS B 671 -26.98 15.92 6.38
C CYS B 671 -27.64 16.46 5.13
N THR B 672 -27.93 17.77 5.09
CA THR B 672 -28.57 18.32 3.90
C THR B 672 -27.58 18.36 2.75
N PHE B 673 -26.28 18.45 3.03
CA PHE B 673 -25.30 18.34 1.97
C PHE B 673 -25.42 16.98 1.29
N ARG B 674 -25.65 15.93 2.06
CA ARG B 674 -25.77 14.61 1.46
C ARG B 674 -27.16 14.34 0.89
N ARG B 675 -28.16 15.13 1.26
CA ARG B 675 -29.53 14.96 0.78
C ARG B 675 -30.29 16.28 0.85
N PRO B 676 -30.35 17.05 -0.25
CA PRO B 676 -31.18 18.25 -0.24
C PRO B 676 -32.66 17.92 -0.47
C1 NAG C . 60.77 -22.39 1.04
C2 NAG C . 60.11 -21.05 0.96
C3 NAG C . 61.18 -20.00 0.71
C4 NAG C . 62.46 -20.41 1.42
C5 NAG C . 62.20 -21.33 2.63
C6 NAG C . 61.44 -20.64 3.74
C7 NAG C . 57.85 -20.54 0.14
C8 NAG C . 56.91 -20.58 -1.01
N2 NAG C . 59.09 -21.00 -0.08
O3 NAG C . 60.74 -18.74 1.22
O4 NAG C . 63.30 -21.13 0.52
O5 NAG C . 61.46 -22.50 2.26
O6 NAG C . 61.94 -21.00 5.02
O7 NAG C . 57.51 -20.11 1.26
H2 NAG C . 59.67 -20.86 1.80
H3 NAG C . 61.34 -19.90 -0.24
H4 NAG C . 62.89 -19.59 1.71
H5 NAG C . 63.07 -21.62 2.97
H61 NAG C . 60.50 -20.91 3.68
H62 NAG C . 61.51 -19.68 3.63
H81 NAG C . 56.47 -19.72 -1.10
H82 NAG C . 56.23 -21.27 -0.85
H83 NAG C . 57.40 -20.79 -1.82
HN2 NAG C . 59.30 -21.30 -0.92
HO3 NAG C . 60.24 -18.87 1.95
HO6 NAG C . 61.35 -20.78 5.65
C1 NAG C . 64.12 -20.22 -0.26
C2 NAG C . 65.48 -20.04 0.42
C3 NAG C . 66.33 -19.08 -0.38
C4 NAG C . 66.44 -19.57 -1.83
C5 NAG C . 65.05 -19.78 -2.41
C6 NAG C . 65.07 -20.37 -3.82
C7 NAG C . 65.28 -20.42 2.83
C8 NAG C . 65.02 -19.79 4.18
N2 NAG C . 65.30 -19.58 1.79
O3 NAG C . 67.63 -18.95 0.20
O4 NAG C . 67.14 -18.61 -2.62
O5 NAG C . 64.30 -20.70 -1.60
O6 NAG C . 65.51 -21.72 -3.82
O7 NAG C . 65.45 -21.62 2.70
H2 NAG C . 65.94 -20.90 0.45
H3 NAG C . 65.91 -18.20 -0.37
H4 NAG C . 66.94 -20.41 -1.84
H5 NAG C . 64.59 -18.92 -2.43
H61 NAG C . 65.68 -19.84 -4.37
H62 NAG C . 64.17 -20.32 -4.19
H81 NAG C . 65.01 -20.49 4.86
H82 NAG C . 64.15 -19.34 4.16
H83 NAG C . 65.72 -19.14 4.37
HN2 NAG C . 65.21 -18.69 1.95
HO3 NAG C . 67.78 -19.64 0.75
HO4 NAG C . 67.56 -19.04 -3.28
HO6 NAG C . 65.52 -22.03 -2.99
C1 NAG D . -56.01 13.84 28.80
C2 NAG D . -56.61 14.70 27.70
C3 NAG D . -58.08 14.94 27.98
C4 NAG D . -58.81 13.61 28.15
C5 NAG D . -58.08 12.66 29.10
C6 NAG D . -58.56 11.22 28.98
C7 NAG D . -55.58 16.87 28.42
C8 NAG D . -56.01 16.57 29.83
N2 NAG D . -55.90 15.95 27.48
O3 NAG D . -58.65 15.67 26.90
O4 NAG D . -60.14 13.87 28.61
O5 NAG D . -56.67 12.60 28.84
O6 NAG D . -58.18 10.43 30.11
O7 NAG D . -54.98 17.89 28.12
H2 NAG D . -56.54 14.20 26.87
H3 NAG D . -58.18 15.46 28.81
H4 NAG D . -58.84 13.15 27.28
H5 NAG D . -58.21 12.99 30.01
H61 NAG D . -58.17 10.83 28.18
H62 NAG D . -59.53 11.21 28.91
H81 NAG D . -55.82 17.35 30.39
H82 NAG D . -55.53 15.80 30.16
H83 NAG D . -56.97 16.39 29.84
HN2 NAG D . -55.64 16.13 26.64
HO3 NAG D . -59.54 15.64 26.96
HO6 NAG D . -58.64 9.67 30.10
C1 NAG D . -60.87 12.79 27.95
C2 NAG D . -62.16 12.45 28.69
C3 NAG D . -62.75 11.19 28.06
C4 NAG D . -62.88 11.37 26.55
C5 NAG D . -61.66 12.00 25.88
C6 NAG D . -61.92 12.47 24.47
C7 NAG D . -62.15 13.26 31.01
C8 NAG D . -61.89 12.91 32.45
N2 NAG D . -61.95 12.28 30.12
O3 NAG D . -64.01 10.90 28.64
O4 NAG D . -63.07 10.09 25.96
O5 NAG D . -61.19 13.15 26.60
O6 NAG D . -63.25 12.96 24.31
O7 NAG D . -62.53 14.37 30.67
H2 NAG D . -62.80 13.19 28.60
H3 NAG D . -62.14 10.45 28.25
H4 NAG D . -63.64 11.97 26.41
H5 NAG D . -60.94 11.33 25.89
H61 NAG D . -61.79 11.73 23.85
H62 NAG D . -61.29 13.19 24.25
H81 NAG D . -62.05 13.69 33.00
H82 NAG D . -60.97 12.61 32.55
H83 NAG D . -62.48 12.19 32.71
HN2 NAG D . -61.66 11.46 30.42
HO3 NAG D . -64.23 10.07 28.43
HO4 NAG D . -62.94 10.12 25.08
HO6 NAG D . -63.42 13.08 23.45
C1 GOL E . 26.16 -31.94 12.00
O1 GOL E . 26.23 -32.12 13.39
C2 GOL E . 27.60 -32.07 11.38
O2 GOL E . 27.76 -31.14 10.34
C3 GOL E . 28.64 -31.87 12.51
O3 GOL E . 29.70 -31.10 11.97
H11 GOL E . 25.79 -31.08 11.77
H12 GOL E . 25.58 -32.60 11.59
HO1 GOL E . 25.69 -32.72 13.60
H2 GOL E . 27.70 -32.97 11.02
HO2 GOL E . 28.47 -30.68 10.51
H31 GOL E . 28.93 -32.74 12.84
H32 GOL E . 28.22 -31.44 13.26
HO3 GOL E . 30.27 -30.98 12.60
C1 GOL F . 48.28 -37.20 -0.11
O1 GOL F . 46.99 -37.55 0.30
C2 GOL F . 48.54 -37.92 -1.47
O2 GOL F . 47.40 -37.98 -2.25
C3 GOL F . 49.08 -39.34 -1.12
O3 GOL F . 50.30 -39.49 -1.80
H11 GOL F . 48.96 -37.46 0.53
H12 GOL F . 48.38 -36.24 -0.24
HO1 GOL F . 46.56 -37.79 -0.40
H2 GOL F . 49.21 -37.43 -1.97
HO2 GOL F . 47.63 -38.19 -3.05
H31 GOL F . 48.40 -39.99 -1.36
H32 GOL F . 49.16 -39.41 -0.15
HO3 GOL F . 50.55 -40.29 -1.63
C1 GOL G . 12.77 12.42 -20.28
O1 GOL G . 12.95 11.40 -19.34
C2 GOL G . 13.51 12.00 -21.58
O2 GOL G . 13.42 12.98 -22.57
C3 GOL G . 14.98 11.75 -21.16
O3 GOL G . 15.70 11.46 -22.33
H11 GOL G . 13.13 13.27 -19.98
H12 GOL G . 11.85 12.58 -20.49
HO1 GOL G . 12.47 11.61 -18.68
H2 GOL G . 13.13 11.20 -21.95
HO2 GOL G . 14.11 12.90 -23.08
H31 GOL G . 15.00 11.04 -20.51
H32 GOL G . 15.30 12.53 -20.68
HO3 GOL G . 16.49 11.32 -22.09
C1 GOL H . 45.64 -30.20 -3.20
O1 GOL H . 46.43 -30.00 -2.08
C2 GOL H . 44.16 -30.15 -2.72
O2 GOL H . 43.37 -31.06 -3.42
C3 GOL H . 43.68 -28.69 -2.92
O3 GOL H . 43.49 -28.14 -1.64
H11 GOL H . 45.81 -31.05 -3.64
H12 GOL H . 45.77 -29.52 -3.88
HO1 GOL H . 47.23 -30.14 -2.31
H2 GOL H . 44.11 -30.40 -1.78
HO2 GOL H . 43.56 -31.00 -4.24
H31 GOL H . 42.87 -28.69 -3.46
H32 GOL H . 44.34 -28.21 -3.45
HO3 GOL H . 43.19 -27.36 -1.75
C1 GOL I . 12.57 3.73 -14.43
O1 GOL I . 13.51 3.21 -15.32
C2 GOL I . 13.00 5.19 -14.10
O2 GOL I . 13.09 5.98 -15.26
C3 GOL I . 11.93 5.75 -13.12
O3 GOL I . 11.61 4.74 -12.21
H11 GOL I . 12.53 3.23 -13.60
H12 GOL I . 11.67 3.74 -14.79
HO1 GOL I . 13.59 2.38 -15.15
H2 GOL I . 13.89 5.18 -13.69
HO2 GOL I . 13.25 5.46 -15.91
H31 GOL I . 11.18 6.07 -13.63
H32 GOL I . 12.30 6.54 -12.69
HO3 GOL I . 11.03 5.06 -11.68
C1 EDO J . 13.63 3.16 -3.17
O1 EDO J . 12.96 2.49 -4.25
C2 EDO J . 15.13 2.88 -3.29
O2 EDO J . 15.41 2.34 -4.59
H11 EDO J . 13.44 4.22 -3.23
H12 EDO J . 13.25 2.80 -2.21
HO1 EDO J . 12.01 2.65 -4.19
H21 EDO J . 15.43 2.17 -2.52
H22 EDO J . 15.69 3.80 -3.14
HO2 EDO J . 16.36 2.19 -4.68
MG MG K . -7.44 -13.40 -32.76
C1 GOL L . -40.79 24.78 25.60
O1 GOL L . -39.44 25.11 25.39
C2 GOL L . -40.81 23.39 26.30
O2 GOL L . -41.54 23.43 27.47
C3 GOL L . -41.41 22.43 25.28
O3 GOL L . -41.09 21.13 25.70
H11 GOL L . -41.29 24.73 24.77
H12 GOL L . -41.25 25.42 26.15
HO1 GOL L . -39.37 25.31 24.58
H2 GOL L . -39.91 23.14 26.55
HO2 GOL L . -41.63 22.63 27.75
H31 GOL L . -41.05 22.63 24.40
H32 GOL L . -42.37 22.58 25.21
HO3 GOL L . -41.36 20.60 25.11
C1 GOL M . -17.43 3.35 -10.40
O1 GOL M . -17.15 1.99 -10.20
C2 GOL M . -16.48 3.87 -11.49
O2 GOL M . -16.82 5.15 -11.91
C3 GOL M . -16.57 2.85 -12.64
O3 GOL M . -16.42 1.59 -12.06
H11 GOL M . -17.32 3.88 -9.58
H12 GOL M . -18.36 3.50 -10.67
HO1 GOL M . -16.32 1.96 -9.98
H2 GOL M . -15.57 3.92 -11.15
HO2 GOL M . -16.39 5.33 -12.62
H31 GOL M . -15.89 3.05 -13.30
H32 GOL M . -17.42 2.96 -13.10
HO3 GOL M . -17.19 1.23 -12.03
C1 EDO N . -16.12 -1.13 -1.53
O1 EDO N . -16.08 -2.47 -1.01
C2 EDO N . -14.78 -0.81 -2.20
O2 EDO N . -13.74 -1.61 -1.59
H11 EDO N . -16.31 -0.42 -0.73
H12 EDO N . -16.91 -1.04 -2.27
HO1 EDO N . -16.94 -2.67 -0.60
H21 EDO N . -14.83 -1.02 -3.27
H22 EDO N . -14.54 0.25 -2.07
HO2 EDO N . -12.89 -1.39 -1.98
S SO4 O . -42.06 28.91 32.75
O1 SO4 O . -42.85 27.68 32.66
O2 SO4 O . -40.87 28.67 33.59
O3 SO4 O . -42.88 29.96 33.37
O4 SO4 O . -41.64 29.33 31.42
S SO4 P . -19.27 1.07 -20.13
O1 SO4 P . -20.44 0.32 -20.59
O2 SO4 P . -18.12 0.18 -20.04
O3 SO4 P . -18.98 2.14 -21.09
O4 SO4 P . -19.56 1.67 -18.83
#